data_9PZJ
#
_entry.id   9PZJ
#
_cell.length_a   146.396
_cell.length_b   118.535
_cell.length_c   124.929
_cell.angle_alpha   90.00
_cell.angle_beta   90.00
_cell.angle_gamma   90.00
#
_symmetry.space_group_name_H-M   'P 21 21 2'
#
loop_
_entity.id
_entity.type
_entity.pdbx_description
1 polymer 'benzylsuccinate synthase alpha chain'
2 polymer 'benzylsuccinate synthase beta chain'
3 polymer 'benzylsuccinate synthase gamma chain'
4 non-polymer 'FUMARIC ACID'
5 non-polymer TOLUENE
6 non-polymer DI(HYDROXYETHYL)ETHER
7 non-polymer 'IRON/SULFUR CLUSTER'
8 water water
#
loop_
_entity_poly.entity_id
_entity_poly.type
_entity_poly.pdbx_seq_one_letter_code
_entity_poly.pdbx_strand_id
1 'polypeptide(L)'
;MNDIVSAKVLEYKGKKLNFTPEDPAEETIPADELHEHLQKPSTARTKRLKERCRWKHASAGEFIEKSVTAGIERMRYLTE
AHKASEGKPEAIRRALGLANVLNKSTLVLQEDEFIVGYHAEDPNMFPLYPELSHMAVQDYLRSDYSPQPADEAAAINEYW
KPHSLQSKCQPYFDPADLGRMYQVSSMEAPSFASGYNSIVPPYETVLEDGLLARIKLAEKHIAEAQADMSTFPWNGTKGL
DNIAKIDNWKAMVIACKAVISWARRQGRLCKIVAENFETDPKRQAELLEIADICQRIPAEPCKGLKDAMQAKFFTFLICH
AIERYASGYAQKEDTLLWPYYKASVVDKKFQPMSHMDAVELVEMERLKISEHGAGKSRAYREIFPGSNDLFILTVGGTNA
KGEDACNDMTDAILEAAKRIRTAEPSIVFRYSKKNREKTLRWVFECIRDGLGYPSIKHDEIGTEQMKEYAKFSLNGNGAT
DEEAHNWVNVLCMSPGIHGRRKTQKTRSEGGGSIFPAKLLEISLNDGYDWSYADMQLGPKTGDLSSLKSFEDVWEAFRKQ
YQYAINLCISTKDVSRYFEQRFLQMPFVSAIDDGCMELGMDACALSEQPNGWHNPITTIVAANSLVAIKKLVFEEKKYTL
EQLSQALKANWEGFEEMRVDFKRAPKWGNDDDYADGIITRFYEEIIGGEMRKITNYSGGPVMPTGQAVGLYMEVGSRTGP
TPDGRFGGEAADDGGISPYMGTDKKGPTAVLRSVSKVQKNQKGNLLNQRLSVPIMRSKHGFEIWNSYIKTWHDLNIDHVQ
FNVVSTDEMRAAQREPEKHHDLIVRVSGYSARFVDIPTYGQNTIIARQEQDFSASDLEFLNVEISGTGSGSSHHHHHH
;
A,D
2 'polypeptide(L)'
;MASSHHHHHHDPTTENLYFQGSEGSNMETGQNLQNQPHTEVGTARPCRSCKWQTPDPTDPHRGQCTANRHAMGGVWKRWL
RDVENTTCSRHEEGKLSFRDHV
;
B,E
3 'polypeptide(L)' MGTTTCKQCANFFPVPKDADDYEAGKADCVREKEDEKGKYWLSKPIFENSAQCEAFQTKR C,F
#
loop_
_chem_comp.id
_chem_comp.type
_chem_comp.name
_chem_comp.formula
FUM non-polymer 'FUMARIC ACID' 'C4 H4 O4'
MBN non-polymer TOLUENE 'C7 H8'
PEG non-polymer DI(HYDROXYETHYL)ETHER 'C4 H10 O3'
SF4 non-polymer 'IRON/SULFUR CLUSTER' 'Fe4 S4'
#
# COMPACT_ATOMS: atom_id res chain seq x y z
N LYS A 8 47.91 -17.14 44.93
CA LYS A 8 49.04 -18.04 44.76
C LYS A 8 50.31 -17.29 44.42
N VAL A 9 51.39 -18.04 44.18
CA VAL A 9 52.67 -17.47 43.76
C VAL A 9 53.18 -18.31 42.59
N LEU A 10 53.37 -17.66 41.46
CA LEU A 10 53.86 -18.30 40.24
C LEU A 10 55.22 -17.73 39.93
N GLU A 11 56.19 -18.62 39.71
CA GLU A 11 57.54 -18.21 39.34
C GLU A 11 57.64 -18.14 37.82
N TYR A 12 58.09 -16.99 37.33
CA TYR A 12 58.14 -16.72 35.90
C TYR A 12 59.56 -16.31 35.53
N LYS A 13 60.23 -17.17 34.76
CA LYS A 13 61.57 -16.92 34.23
C LYS A 13 62.55 -16.50 35.31
N GLY A 14 62.46 -17.15 36.47
CA GLY A 14 63.33 -16.85 37.59
C GLY A 14 62.80 -15.80 38.53
N LYS A 15 62.09 -14.80 38.01
CA LYS A 15 61.47 -13.79 38.86
C LYS A 15 60.26 -14.41 39.56
N LYS A 16 59.99 -13.97 40.78
CA LYS A 16 58.89 -14.53 41.59
C LYS A 16 57.67 -13.61 41.55
N LEU A 17 56.59 -14.06 40.91
CA LEU A 17 55.35 -13.31 40.84
C LEU A 17 54.41 -13.75 41.95
N ASN A 18 54.10 -12.84 42.87
CA ASN A 18 53.09 -13.09 43.89
C ASN A 18 51.83 -12.30 43.55
N PHE A 19 50.68 -12.97 43.59
CA PHE A 19 49.40 -12.35 43.23
C PHE A 19 48.67 -11.94 44.51
N THR A 20 49.02 -10.74 45.00
CA THR A 20 48.46 -10.08 46.17
C THR A 20 47.67 -8.85 45.73
N PRO A 21 46.47 -8.62 46.29
CA PRO A 21 45.63 -7.53 45.78
C PRO A 21 46.30 -6.17 45.87
N GLU A 22 46.04 -5.34 44.84
CA GLU A 22 46.54 -3.96 44.85
C GLU A 22 46.05 -3.22 46.07
N ASP A 23 44.73 -3.14 46.24
CA ASP A 23 44.15 -2.59 47.45
C ASP A 23 44.51 -3.49 48.63
N PRO A 24 45.26 -2.99 49.61
CA PRO A 24 45.63 -3.85 50.74
C PRO A 24 44.45 -4.21 51.62
N ALA A 25 43.42 -3.36 51.68
CA ALA A 25 42.23 -3.69 52.45
C ALA A 25 41.55 -4.94 51.92
N GLU A 26 41.86 -5.35 50.69
CA GLU A 26 41.32 -6.60 50.17
C GLU A 26 41.84 -7.81 50.92
N GLU A 27 43.01 -7.70 51.56
CA GLU A 27 43.45 -8.77 52.46
C GLU A 27 42.62 -8.79 53.73
N THR A 28 41.93 -7.69 54.04
CA THR A 28 41.08 -7.59 55.21
C THR A 28 39.60 -7.78 54.90
N ILE A 29 39.26 -8.02 53.64
CA ILE A 29 37.88 -8.32 53.25
C ILE A 29 37.80 -9.83 52.98
N PRO A 30 36.84 -10.54 53.56
CA PRO A 30 36.70 -11.97 53.26
C PRO A 30 36.30 -12.18 51.81
N ALA A 31 36.72 -13.33 51.27
CA ALA A 31 36.60 -13.58 49.84
C ALA A 31 35.17 -13.82 49.38
N ASP A 32 34.23 -14.13 50.28
CA ASP A 32 32.89 -14.49 49.87
C ASP A 32 31.91 -13.32 49.79
N GLU A 33 32.35 -12.10 50.09
CA GLU A 33 31.47 -10.93 49.97
C GLU A 33 32.15 -9.77 49.25
N LEU A 34 33.27 -10.01 48.57
CA LEU A 34 34.11 -8.94 48.03
C LEU A 34 33.31 -7.92 47.22
N HIS A 35 32.61 -8.39 46.18
CA HIS A 35 31.99 -7.46 45.25
C HIS A 35 30.86 -6.65 45.86
N GLU A 36 30.47 -6.93 47.11
CA GLU A 36 29.49 -6.11 47.80
C GLU A 36 30.07 -4.84 48.38
N HIS A 37 31.38 -4.62 48.25
CA HIS A 37 32.02 -3.46 48.86
C HIS A 37 32.87 -2.66 47.87
N LEU A 38 32.56 -2.75 46.57
CA LEU A 38 33.38 -2.11 45.56
C LEU A 38 32.75 -0.85 44.98
N GLN A 39 31.43 -0.70 45.08
CA GLN A 39 30.78 0.46 44.50
C GLN A 39 31.19 1.74 45.24
N LYS A 40 31.43 2.80 44.48
CA LYS A 40 31.83 4.09 45.07
C LYS A 40 31.16 5.25 44.32
N PRO A 41 29.83 5.46 44.44
CA PRO A 41 29.16 6.54 43.71
C PRO A 41 29.87 7.87 43.92
N SER A 42 29.99 8.65 42.83
CA SER A 42 30.82 9.84 42.87
C SER A 42 30.23 10.91 43.79
N THR A 43 28.92 11.12 43.73
CA THR A 43 28.25 12.09 44.58
C THR A 43 27.15 11.40 45.38
N ALA A 44 26.65 12.11 46.39
CA ALA A 44 25.59 11.56 47.23
C ALA A 44 24.29 11.39 46.44
N ARG A 45 24.06 12.23 45.44
CA ARG A 45 22.84 12.13 44.64
C ARG A 45 22.81 10.82 43.86
N THR A 46 23.92 10.45 43.22
CA THR A 46 23.95 9.20 42.48
C THR A 46 23.91 8.00 43.42
N LYS A 47 24.42 8.15 44.65
CA LYS A 47 24.26 7.09 45.63
C LYS A 47 22.79 6.88 45.96
N ARG A 48 22.08 7.97 46.24
CA ARG A 48 20.64 7.88 46.50
C ARG A 48 19.92 7.25 45.32
N LEU A 49 20.31 7.60 44.10
CA LEU A 49 19.67 7.03 42.92
C LEU A 49 19.95 5.54 42.81
N LYS A 50 21.17 5.11 43.16
CA LYS A 50 21.52 3.70 43.11
C LYS A 50 20.74 2.90 44.14
N GLU A 51 20.49 3.46 45.33
CA GLU A 51 19.75 2.71 46.33
C GLU A 51 18.26 2.62 45.98
N ARG A 52 17.69 3.68 45.42
CA ARG A 52 16.27 3.73 45.11
C ARG A 52 15.95 3.34 43.66
N CYS A 53 16.91 2.78 42.93
CA CYS A 53 16.72 2.50 41.51
C CYS A 53 15.60 1.51 41.28
N ARG A 54 14.76 1.80 40.30
CA ARG A 54 13.60 0.95 39.97
C ARG A 54 13.99 -0.06 38.89
N TRP A 55 14.74 -1.08 39.32
CA TRP A 55 15.15 -2.14 38.42
C TRP A 55 13.95 -2.93 37.94
N LYS A 56 13.94 -3.26 36.65
CA LYS A 56 12.88 -4.08 36.06
C LYS A 56 13.49 -5.32 35.42
N HIS A 57 14.43 -5.94 36.14
CA HIS A 57 15.13 -7.13 35.62
C HIS A 57 14.11 -8.24 35.33
N ALA A 58 14.44 -9.10 34.37
CA ALA A 58 13.50 -10.18 33.99
C ALA A 58 14.25 -11.52 33.96
N SER A 59 13.54 -12.61 34.25
CA SER A 59 14.14 -13.93 34.23
C SER A 59 13.04 -14.96 34.04
N ALA A 60 13.38 -16.06 33.37
CA ALA A 60 12.48 -17.20 33.15
C ALA A 60 11.16 -16.77 32.49
N GLY A 61 11.14 -15.62 31.82
CA GLY A 61 9.95 -15.15 31.17
C GLY A 61 9.06 -14.26 32.01
N GLU A 62 9.40 -14.04 33.26
CA GLU A 62 8.61 -13.20 34.15
C GLU A 62 9.50 -12.12 34.76
N PHE A 63 8.87 -11.13 35.37
CA PHE A 63 9.59 -10.02 35.99
C PHE A 63 9.92 -10.36 37.43
N ILE A 64 11.12 -9.94 37.87
CA ILE A 64 11.61 -10.31 39.19
C ILE A 64 10.79 -9.63 40.28
N GLU A 65 10.44 -8.36 40.07
CA GLU A 65 9.75 -7.57 41.07
C GLU A 65 8.27 -7.49 40.75
N LYS A 66 7.45 -7.58 41.80
CA LYS A 66 5.99 -7.54 41.64
C LYS A 66 5.46 -6.13 41.40
N SER A 67 6.29 -5.10 41.55
CA SER A 67 5.86 -3.73 41.30
C SER A 67 5.83 -3.39 39.81
N VAL A 68 6.49 -4.19 38.97
CA VAL A 68 6.54 -3.91 37.54
C VAL A 68 5.28 -4.44 36.87
N THR A 69 4.62 -3.59 36.10
CA THR A 69 3.37 -3.97 35.45
C THR A 69 3.23 -3.19 34.13
N ALA A 70 2.47 -3.77 33.21
CA ALA A 70 2.28 -3.17 31.89
C ALA A 70 1.47 -1.88 31.97
N GLY A 71 1.76 -0.97 31.04
CA GLY A 71 0.96 0.22 30.86
C GLY A 71 -0.13 0.03 29.83
N ILE A 72 -0.94 1.07 29.65
CA ILE A 72 -2.08 0.98 28.76
C ILE A 72 -2.21 2.25 27.93
N GLU A 73 -1.58 3.33 28.37
CA GLU A 73 -1.75 4.61 27.68
C GLU A 73 -1.29 4.51 26.22
N ARG A 74 -0.13 3.88 25.98
CA ARG A 74 0.36 3.78 24.61
C ARG A 74 -0.62 2.99 23.74
N MET A 75 -1.06 1.82 24.23
CA MET A 75 -2.02 1.03 23.48
C MET A 75 -3.28 1.87 23.28
N ARG A 76 -3.75 2.51 24.34
CA ARG A 76 -5.00 3.29 24.26
C ARG A 76 -4.91 4.37 23.17
N TYR A 77 -3.89 5.23 23.25
CA TYR A 77 -3.82 6.34 22.30
C TYR A 77 -3.41 5.95 20.88
N LEU A 78 -2.56 4.92 20.73
CA LEU A 78 -2.26 4.40 19.41
C LEU A 78 -3.50 3.85 18.73
N THR A 79 -4.32 3.11 19.48
CA THR A 79 -5.56 2.56 18.93
C THR A 79 -6.50 3.68 18.48
N GLU A 80 -6.63 4.72 19.31
CA GLU A 80 -7.47 5.86 18.95
C GLU A 80 -6.99 6.51 17.66
N ALA A 81 -5.71 6.85 17.60
CA ALA A 81 -5.17 7.51 16.42
C ALA A 81 -5.32 6.63 15.18
N HIS A 82 -5.13 5.32 15.33
CA HIS A 82 -5.25 4.42 14.17
C HIS A 82 -6.69 4.32 13.70
N LYS A 83 -7.65 4.29 14.65
CA LYS A 83 -9.05 4.29 14.25
C LYS A 83 -9.43 5.58 13.53
N ALA A 84 -8.82 6.71 13.90
CA ALA A 84 -9.20 7.98 13.28
C ALA A 84 -8.53 8.23 11.93
N SER A 85 -7.39 7.58 11.65
CA SER A 85 -6.58 7.92 10.49
C SER A 85 -6.83 7.01 9.29
N GLU A 86 -7.92 6.24 9.31
CA GLU A 86 -8.22 5.34 8.21
C GLU A 86 -8.37 6.13 6.91
N GLY A 87 -7.85 5.55 5.81
CA GLY A 87 -7.92 6.16 4.51
C GLY A 87 -6.74 7.03 4.13
N LYS A 88 -5.88 7.38 5.08
CA LYS A 88 -4.72 8.22 4.86
C LYS A 88 -3.49 7.38 4.52
N PRO A 89 -2.45 7.99 3.95
CA PRO A 89 -1.21 7.25 3.69
C PRO A 89 -0.65 6.66 4.98
N GLU A 90 -0.17 5.41 4.87
CA GLU A 90 0.23 4.65 6.05
C GLU A 90 1.31 5.37 6.85
N ALA A 91 2.24 6.06 6.16
CA ALA A 91 3.28 6.79 6.87
C ALA A 91 2.70 7.95 7.68
N ILE A 92 1.75 8.68 7.11
CA ILE A 92 1.10 9.75 7.85
C ILE A 92 0.29 9.17 9.01
N ARG A 93 -0.31 8.00 8.81
CA ARG A 93 -1.03 7.35 9.91
C ARG A 93 -0.09 6.99 11.06
N ARG A 94 1.11 6.48 10.74
CA ARG A 94 2.07 6.16 11.79
C ARG A 94 2.54 7.42 12.51
N ALA A 95 2.80 8.49 11.75
CA ALA A 95 3.16 9.75 12.37
C ALA A 95 2.04 10.26 13.28
N LEU A 96 0.78 10.09 12.87
CA LEU A 96 -0.34 10.53 13.69
C LEU A 96 -0.47 9.69 14.95
N GLY A 97 -0.20 8.39 14.85
CA GLY A 97 -0.22 7.56 16.04
C GLY A 97 0.84 7.97 17.05
N LEU A 98 2.06 8.20 16.57
CA LEU A 98 3.12 8.70 17.44
C LEU A 98 2.75 10.05 18.04
N ALA A 99 2.17 10.93 17.23
CA ALA A 99 1.78 12.25 17.72
C ALA A 99 0.74 12.15 18.83
N ASN A 100 -0.26 11.28 18.65
CA ASN A 100 -1.28 11.11 19.67
C ASN A 100 -0.68 10.57 20.96
N VAL A 101 0.18 9.55 20.86
CA VAL A 101 0.81 9.00 22.06
C VAL A 101 1.62 10.08 22.78
N LEU A 102 2.42 10.84 22.02
CA LEU A 102 3.28 11.85 22.66
C LEU A 102 2.46 13.00 23.25
N ASN A 103 1.34 13.35 22.63
CA ASN A 103 0.55 14.48 23.11
C ASN A 103 -0.29 14.11 24.33
N LYS A 104 -0.80 12.88 24.39
CA LYS A 104 -1.71 12.49 25.46
C LYS A 104 -1.05 11.70 26.58
N SER A 105 0.26 11.45 26.49
CA SER A 105 0.93 10.62 27.48
C SER A 105 1.15 11.36 28.79
N THR A 106 1.12 10.60 29.89
CA THR A 106 1.55 11.12 31.17
C THR A 106 3.06 11.16 31.21
N LEU A 107 3.62 12.30 31.62
CA LEU A 107 5.05 12.44 31.76
C LEU A 107 5.43 12.27 33.22
N VAL A 108 6.61 11.72 33.46
CA VAL A 108 7.06 11.35 34.80
C VAL A 108 8.33 12.10 35.14
N LEU A 109 8.38 12.63 36.37
CA LEU A 109 9.57 13.23 36.94
C LEU A 109 9.80 12.64 38.32
N GLN A 110 10.99 12.09 38.54
CA GLN A 110 11.35 11.48 39.82
C GLN A 110 12.32 12.36 40.58
N GLU A 111 12.43 12.10 41.88
CA GLU A 111 13.33 12.86 42.73
C GLU A 111 14.79 12.57 42.38
N ASP A 112 15.63 13.59 42.57
CA ASP A 112 17.08 13.54 42.39
C ASP A 112 17.51 13.34 40.94
N GLU A 113 16.57 13.34 39.99
CA GLU A 113 16.92 13.16 38.59
C GLU A 113 17.47 14.45 37.99
N PHE A 114 18.43 14.31 37.09
CA PHE A 114 18.85 15.41 36.23
C PHE A 114 18.51 15.17 34.76
N ILE A 115 18.85 14.00 34.23
CA ILE A 115 18.30 13.56 32.96
C ILE A 115 16.88 13.05 33.23
N VAL A 116 15.90 13.67 32.59
CA VAL A 116 14.50 13.34 32.85
C VAL A 116 13.90 12.69 31.62
N GLY A 117 12.79 11.99 31.83
CA GLY A 117 12.05 11.37 30.74
C GLY A 117 11.74 9.90 30.99
N TYR A 118 10.61 9.47 30.46
CA TYR A 118 10.17 8.08 30.57
C TYR A 118 9.36 7.70 29.35
N HIS A 119 9.03 6.42 29.26
CA HIS A 119 8.30 5.86 28.13
C HIS A 119 6.97 5.23 28.55
N ALA A 120 6.54 5.45 29.78
CA ALA A 120 5.25 4.94 30.24
C ALA A 120 4.62 5.97 31.16
N GLU A 121 3.35 5.71 31.51
CA GLU A 121 2.54 6.62 32.31
C GLU A 121 2.88 6.58 33.80
N ASP A 122 3.69 5.62 34.23
CA ASP A 122 4.00 5.40 35.64
C ASP A 122 5.45 4.93 35.70
N PRO A 123 6.23 5.40 36.67
CA PRO A 123 7.66 5.00 36.73
C PRO A 123 7.87 3.52 37.00
N ASN A 124 6.85 2.78 37.41
CA ASN A 124 6.96 1.34 37.61
C ASN A 124 6.46 0.53 36.43
N MET A 125 6.10 1.19 35.32
CA MET A 125 5.44 0.52 34.22
C MET A 125 6.22 0.69 32.91
N PHE A 126 5.68 0.10 31.85
CA PHE A 126 6.30 0.06 30.54
C PHE A 126 5.20 -0.02 29.49
N PRO A 127 5.46 0.43 28.26
CA PRO A 127 4.44 0.35 27.21
C PRO A 127 4.39 -1.02 26.56
N LEU A 128 3.28 -1.26 25.86
CA LEU A 128 3.06 -2.49 25.10
C LEU A 128 2.85 -2.15 23.63
N TYR A 129 2.95 -3.16 22.77
CA TYR A 129 2.99 -2.98 21.32
C TYR A 129 1.98 -3.90 20.65
N PRO A 130 0.71 -3.49 20.58
CA PRO A 130 -0.30 -4.33 19.92
C PRO A 130 -0.17 -4.33 18.41
N GLU A 131 0.58 -3.39 17.83
CA GLU A 131 0.75 -3.34 16.39
C GLU A 131 1.77 -4.35 15.88
N LEU A 132 2.67 -4.83 16.74
CA LEU A 132 3.70 -5.78 16.31
C LEU A 132 3.25 -7.23 16.28
N SER A 133 3.00 -7.81 17.45
CA SER A 133 2.61 -9.22 17.57
C SER A 133 1.45 -9.34 18.53
N HIS A 134 0.31 -9.82 18.04
CA HIS A 134 -0.86 -9.99 18.88
C HIS A 134 -0.66 -11.12 19.89
N MET A 135 0.17 -12.10 19.55
CA MET A 135 0.45 -13.20 20.47
C MET A 135 1.18 -12.70 21.71
N ALA A 136 2.07 -11.73 21.54
CA ALA A 136 2.79 -11.17 22.69
C ALA A 136 1.84 -10.43 23.62
N VAL A 137 0.94 -9.62 23.05
CA VAL A 137 -0.03 -8.91 23.89
C VAL A 137 -0.97 -9.90 24.57
N GLN A 138 -1.34 -10.97 23.88
CA GLN A 138 -2.18 -11.99 24.51
C GLN A 138 -1.45 -12.65 25.68
N ASP A 139 -0.16 -12.95 25.51
CA ASP A 139 0.64 -13.48 26.60
C ASP A 139 0.68 -12.50 27.78
N TYR A 140 0.80 -11.21 27.48
CA TYR A 140 0.80 -10.21 28.54
C TYR A 140 -0.54 -10.16 29.27
N LEU A 141 -1.65 -10.34 28.54
CA LEU A 141 -2.96 -10.29 29.16
C LEU A 141 -3.15 -11.45 30.14
N ARG A 142 -2.63 -12.63 29.80
CA ARG A 142 -2.72 -13.79 30.67
C ARG A 142 -1.75 -13.74 31.84
N SER A 143 -0.89 -12.72 31.90
CA SER A 143 0.17 -12.62 32.90
C SER A 143 -0.30 -11.80 34.09
N ASP A 144 0.50 -11.86 35.17
CA ASP A 144 0.21 -11.08 36.36
C ASP A 144 0.53 -9.61 36.17
N TYR A 145 1.33 -9.27 35.17
CA TYR A 145 1.68 -7.88 34.89
C TYR A 145 0.94 -7.40 33.64
N SER A 146 -0.37 -7.58 33.64
CA SER A 146 -1.25 -7.23 32.53
C SER A 146 -1.66 -5.77 32.63
N PRO A 147 -1.91 -5.13 31.49
CA PRO A 147 -2.45 -3.77 31.51
C PRO A 147 -3.86 -3.73 32.06
N GLN A 148 -4.21 -2.60 32.66
CA GLN A 148 -5.53 -2.44 33.26
C GLN A 148 -6.17 -1.16 32.73
N PRO A 149 -7.51 -1.16 32.53
CA PRO A 149 -8.46 -2.26 32.77
C PRO A 149 -8.32 -3.38 31.75
N ALA A 150 -8.48 -4.63 32.21
CA ALA A 150 -8.14 -5.78 31.37
C ALA A 150 -9.05 -5.87 30.13
N ASP A 151 -10.34 -5.55 30.29
CA ASP A 151 -11.26 -5.69 29.16
C ASP A 151 -10.92 -4.71 28.05
N GLU A 152 -10.52 -3.48 28.40
CA GLU A 152 -10.13 -2.52 27.37
C GLU A 152 -8.88 -2.98 26.63
N ALA A 153 -7.90 -3.53 27.36
CA ALA A 153 -6.70 -4.03 26.71
C ALA A 153 -7.02 -5.20 25.78
N ALA A 154 -7.92 -6.09 26.22
CA ALA A 154 -8.33 -7.20 25.36
C ALA A 154 -9.03 -6.70 24.11
N ALA A 155 -9.89 -5.69 24.26
CA ALA A 155 -10.54 -5.10 23.09
C ALA A 155 -9.52 -4.45 22.16
N ILE A 156 -8.48 -3.84 22.72
CA ILE A 156 -7.44 -3.23 21.91
C ILE A 156 -6.71 -4.29 21.10
N ASN A 157 -6.36 -5.42 21.74
CA ASN A 157 -5.70 -6.49 21.01
C ASN A 157 -6.61 -7.09 19.95
N GLU A 158 -7.91 -7.20 20.24
CA GLU A 158 -8.85 -7.70 19.25
C GLU A 158 -8.95 -6.75 18.06
N TYR A 159 -8.85 -5.44 18.31
CA TYR A 159 -8.85 -4.49 17.21
C TYR A 159 -7.57 -4.60 16.39
N TRP A 160 -6.44 -4.82 17.05
CA TRP A 160 -5.15 -4.77 16.36
C TRP A 160 -4.77 -6.07 15.67
N LYS A 161 -5.33 -7.19 16.11
CA LYS A 161 -4.96 -8.50 15.53
C LYS A 161 -4.97 -8.45 13.99
N PRO A 162 -6.06 -8.08 13.28
CA PRO A 162 -6.04 -8.12 11.81
C PRO A 162 -5.00 -7.20 11.19
N HIS A 163 -4.58 -6.14 11.88
CA HIS A 163 -3.62 -5.18 11.35
C HIS A 163 -2.20 -5.42 11.84
N SER A 164 -1.98 -6.38 12.74
CA SER A 164 -0.66 -6.59 13.30
C SER A 164 0.32 -7.06 12.23
N LEU A 165 1.61 -6.78 12.48
CA LEU A 165 2.66 -7.17 11.54
C LEU A 165 2.74 -8.69 11.43
N GLN A 166 2.53 -9.40 12.54
CA GLN A 166 2.52 -10.85 12.53
C GLN A 166 1.45 -11.37 11.58
N SER A 167 0.26 -10.78 11.62
CA SER A 167 -0.84 -11.18 10.75
C SER A 167 -0.52 -10.89 9.29
N LYS A 168 0.33 -9.90 9.02
CA LYS A 168 0.69 -9.59 7.64
C LYS A 168 1.76 -10.54 7.12
N CYS A 169 2.69 -10.97 7.97
CA CYS A 169 3.76 -11.83 7.50
C CYS A 169 3.37 -13.30 7.42
N GLN A 170 2.52 -13.76 8.34
CA GLN A 170 2.23 -15.19 8.41
C GLN A 170 1.59 -15.81 7.16
N PRO A 171 0.76 -15.12 6.37
CA PRO A 171 0.12 -15.81 5.22
C PRO A 171 1.08 -16.30 4.15
N TYR A 172 2.37 -15.97 4.20
CA TYR A 172 3.29 -16.28 3.11
C TYR A 172 4.24 -17.43 3.45
N PHE A 173 3.93 -18.21 4.48
CA PHE A 173 4.77 -19.33 4.87
C PHE A 173 3.87 -20.51 5.22
N ASP A 174 4.40 -21.70 4.99
CA ASP A 174 3.74 -22.93 5.41
C ASP A 174 3.46 -22.87 6.91
N PRO A 175 2.21 -23.03 7.35
CA PRO A 175 1.95 -23.05 8.80
C PRO A 175 2.77 -24.08 9.55
N ALA A 176 3.16 -25.19 8.90
CA ALA A 176 4.07 -26.13 9.54
C ALA A 176 5.44 -25.50 9.76
N ASP A 177 5.95 -24.77 8.77
CA ASP A 177 7.23 -24.09 8.91
C ASP A 177 7.19 -23.11 10.07
N LEU A 178 6.16 -22.25 10.11
CA LEU A 178 6.04 -21.28 11.19
C LEU A 178 5.88 -21.97 12.53
N GLY A 179 5.14 -23.08 12.57
CA GLY A 179 5.05 -23.84 13.80
C GLY A 179 6.38 -24.36 14.27
N ARG A 180 7.22 -24.79 13.32
CA ARG A 180 8.57 -25.22 13.68
C ARG A 180 9.39 -24.07 14.24
N MET A 181 9.29 -22.89 13.62
CA MET A 181 10.05 -21.74 14.10
C MET A 181 9.60 -21.32 15.49
N TYR A 182 8.29 -21.27 15.72
CA TYR A 182 7.74 -20.68 16.93
C TYR A 182 8.09 -21.46 18.20
N GLN A 183 8.62 -22.67 18.06
CA GLN A 183 9.00 -23.43 19.24
C GLN A 183 10.31 -22.94 19.87
N VAL A 184 11.10 -22.18 19.11
CA VAL A 184 12.41 -21.70 19.56
C VAL A 184 13.30 -22.85 20.00
N SER A 185 13.36 -23.90 19.18
CA SER A 185 14.13 -25.10 19.48
C SER A 185 15.28 -25.29 18.50
N SER A 186 14.99 -25.33 17.20
CA SER A 186 16.03 -25.36 16.18
C SER A 186 16.24 -24.00 15.50
N MET A 187 15.22 -23.16 15.53
CA MET A 187 15.32 -21.82 14.91
C MET A 187 14.59 -20.80 15.78
N GLU A 188 15.21 -19.64 16.02
CA GLU A 188 14.54 -18.57 16.74
C GLU A 188 13.30 -18.13 15.98
N ALA A 189 12.25 -17.80 16.72
CA ALA A 189 11.02 -17.36 16.07
C ALA A 189 11.28 -16.08 15.29
N PRO A 190 10.63 -15.89 14.15
CA PRO A 190 10.86 -14.67 13.37
C PRO A 190 10.41 -13.43 14.14
N SER A 191 11.08 -12.32 13.86
CA SER A 191 10.83 -11.10 14.62
C SER A 191 9.39 -10.61 14.48
N PHE A 192 8.73 -10.93 13.36
CA PHE A 192 7.35 -10.51 13.21
C PHE A 192 6.42 -11.26 14.15
N ALA A 193 6.80 -12.45 14.60
CA ALA A 193 5.97 -13.22 15.51
C ALA A 193 6.13 -12.79 16.97
N SER A 194 7.23 -12.12 17.31
CA SER A 194 7.52 -11.76 18.69
C SER A 194 7.51 -10.26 18.95
N GLY A 195 7.79 -9.44 17.94
CA GLY A 195 7.92 -8.02 18.15
C GLY A 195 9.30 -7.56 18.54
N TYR A 196 10.23 -8.49 18.79
CA TYR A 196 11.60 -8.12 19.10
C TYR A 196 12.26 -7.43 17.92
N ASN A 197 13.17 -6.50 18.22
CA ASN A 197 13.73 -5.63 17.20
C ASN A 197 14.94 -4.92 17.80
N SER A 198 15.76 -4.34 16.92
CA SER A 198 16.88 -3.51 17.32
C SER A 198 17.01 -2.37 16.32
N ILE A 199 17.85 -1.39 16.67
CA ILE A 199 18.07 -0.23 15.81
C ILE A 199 19.35 0.46 16.26
N VAL A 200 19.97 1.18 15.32
CA VAL A 200 21.13 2.02 15.60
C VAL A 200 20.74 3.46 15.28
N PRO A 201 20.26 4.24 16.26
CA PRO A 201 19.71 5.55 15.94
C PRO A 201 20.80 6.50 15.47
N PRO A 202 20.50 7.39 14.54
CA PRO A 202 21.46 8.44 14.14
C PRO A 202 21.41 9.62 15.10
N TYR A 203 21.89 9.37 16.33
CA TYR A 203 21.92 10.42 17.35
C TYR A 203 22.64 11.66 16.86
N GLU A 204 23.64 11.49 15.99
CA GLU A 204 24.45 12.60 15.52
C GLU A 204 23.60 13.68 14.89
N THR A 205 22.60 13.31 14.10
CA THR A 205 21.75 14.32 13.46
C THR A 205 20.96 15.11 14.50
N VAL A 206 20.39 14.43 15.49
CA VAL A 206 19.63 15.11 16.54
C VAL A 206 20.53 16.08 17.29
N LEU A 207 21.71 15.61 17.68
CA LEU A 207 22.60 16.43 18.52
C LEU A 207 23.20 17.60 17.74
N GLU A 208 23.43 17.43 16.43
CA GLU A 208 24.07 18.46 15.64
C GLU A 208 23.09 19.50 15.11
N ASP A 209 21.92 19.06 14.63
CA ASP A 209 21.02 19.93 13.88
C ASP A 209 19.84 20.42 14.71
N GLY A 210 19.25 19.56 15.54
CA GLY A 210 18.02 19.92 16.22
C GLY A 210 16.83 19.68 15.31
N LEU A 211 15.68 19.32 15.90
CA LEU A 211 14.55 18.87 15.10
C LEU A 211 13.92 19.99 14.30
N LEU A 212 14.06 21.25 14.74
CA LEU A 212 13.53 22.36 13.98
C LEU A 212 14.16 22.44 12.59
N ALA A 213 15.46 22.19 12.51
CA ALA A 213 16.15 22.17 11.22
C ALA A 213 15.61 21.06 10.33
N ARG A 214 15.36 19.88 10.91
CA ARG A 214 14.81 18.77 10.14
C ARG A 214 13.42 19.09 9.64
N ILE A 215 12.60 19.75 10.46
CA ILE A 215 11.26 20.16 10.04
C ILE A 215 11.35 21.13 8.88
N LYS A 216 12.20 22.13 9.00
CA LYS A 216 12.36 23.11 7.92
C LYS A 216 12.83 22.43 6.64
N LEU A 217 13.77 21.48 6.76
CA LEU A 217 14.26 20.75 5.60
C LEU A 217 13.15 19.96 4.93
N ALA A 218 12.36 19.23 5.73
CA ALA A 218 11.27 18.44 5.18
C ALA A 218 10.23 19.31 4.50
N GLU A 219 9.93 20.48 5.10
CA GLU A 219 8.96 21.38 4.49
C GLU A 219 9.48 21.94 3.17
N LYS A 220 10.78 22.23 3.12
CA LYS A 220 11.40 22.69 1.87
C LYS A 220 11.29 21.62 0.79
N HIS A 221 11.60 20.38 1.15
CA HIS A 221 11.49 19.28 0.19
C HIS A 221 10.05 19.10 -0.29
N ILE A 222 9.08 19.23 0.62
CA ILE A 222 7.67 19.09 0.26
C ILE A 222 7.27 20.16 -0.75
N ALA A 223 7.64 21.41 -0.47
CA ALA A 223 7.31 22.50 -1.37
C ALA A 223 7.93 22.28 -2.75
N GLU A 224 9.19 21.86 -2.78
CA GLU A 224 9.85 21.62 -4.06
C GLU A 224 9.16 20.49 -4.83
N ALA A 225 8.76 19.43 -4.14
CA ALA A 225 8.09 18.31 -4.81
C ALA A 225 6.73 18.73 -5.37
N GLN A 226 5.95 19.50 -4.60
CA GLN A 226 4.64 19.92 -5.10
C GLN A 226 4.79 20.86 -6.29
N ALA A 227 5.78 21.77 -6.24
CA ALA A 227 6.02 22.66 -7.37
C ALA A 227 6.46 21.87 -8.59
N ASP A 228 7.30 20.86 -8.40
CA ASP A 228 7.68 19.98 -9.51
C ASP A 228 6.47 19.27 -10.08
N MET A 229 5.52 18.89 -9.22
CA MET A 229 4.32 18.22 -9.69
C MET A 229 3.43 19.15 -10.50
N SER A 230 3.49 20.45 -10.27
CA SER A 230 2.69 21.37 -11.08
C SER A 230 3.47 22.04 -12.22
N THR A 231 4.64 21.52 -12.57
CA THR A 231 5.47 22.11 -13.62
C THR A 231 5.07 21.57 -14.99
N PHE A 232 4.79 22.48 -15.94
CA PHE A 232 4.57 22.05 -17.32
C PHE A 232 5.93 21.84 -18.01
N PRO A 233 6.07 20.76 -18.79
CA PRO A 233 5.09 19.70 -19.06
C PRO A 233 5.19 18.51 -18.11
N TRP A 234 4.05 17.95 -17.72
CA TRP A 234 4.01 16.82 -16.80
C TRP A 234 4.62 15.58 -17.45
N ASN A 235 5.27 14.76 -16.62
CA ASN A 235 5.85 13.49 -17.05
C ASN A 235 5.37 12.41 -16.10
N GLY A 236 4.42 11.58 -16.55
CA GLY A 236 3.81 10.57 -15.71
C GLY A 236 4.77 9.51 -15.22
N THR A 237 5.88 9.29 -15.91
CA THR A 237 6.88 8.33 -15.49
C THR A 237 7.83 8.90 -14.45
N LYS A 238 7.71 10.17 -14.11
CA LYS A 238 8.59 10.82 -13.15
C LYS A 238 7.83 11.53 -12.03
N GLY A 239 6.70 12.16 -12.34
CA GLY A 239 5.99 12.95 -11.34
C GLY A 239 5.37 12.12 -10.24
N LEU A 240 4.92 10.91 -10.55
CA LEU A 240 4.26 10.08 -9.54
C LEU A 240 5.23 9.64 -8.44
N ASP A 241 6.54 9.70 -8.69
CA ASP A 241 7.51 9.38 -7.66
C ASP A 241 7.42 10.33 -6.47
N ASN A 242 6.82 11.51 -6.67
CA ASN A 242 6.73 12.51 -5.62
C ASN A 242 5.66 12.18 -4.57
N ILE A 243 4.71 11.29 -4.89
CA ILE A 243 3.61 11.02 -3.97
C ILE A 243 4.14 10.40 -2.68
N ALA A 244 4.91 9.31 -2.81
CA ALA A 244 5.46 8.65 -1.62
C ALA A 244 6.44 9.55 -0.88
N LYS A 245 7.21 10.36 -1.62
CA LYS A 245 8.14 11.28 -0.98
C LYS A 245 7.41 12.34 -0.15
N ILE A 246 6.34 12.91 -0.72
CA ILE A 246 5.57 13.92 0.00
C ILE A 246 4.91 13.32 1.23
N ASP A 247 4.34 12.11 1.08
CA ASP A 247 3.77 11.42 2.23
C ASP A 247 4.81 11.23 3.33
N ASN A 248 6.01 10.77 2.96
CA ASN A 248 7.04 10.51 3.95
C ASN A 248 7.51 11.81 4.62
N TRP A 249 7.68 12.88 3.84
CA TRP A 249 8.17 14.13 4.43
C TRP A 249 7.11 14.76 5.34
N LYS A 250 5.83 14.67 4.97
CA LYS A 250 4.78 15.17 5.85
C LYS A 250 4.73 14.35 7.15
N ALA A 251 4.92 13.03 7.05
CA ALA A 251 4.99 12.21 8.25
C ALA A 251 6.17 12.64 9.12
N MET A 252 7.30 12.95 8.51
CA MET A 252 8.45 13.42 9.26
C MET A 252 8.14 14.71 10.00
N VAL A 253 7.48 15.66 9.32
CA VAL A 253 7.12 16.92 9.98
C VAL A 253 6.22 16.64 11.18
N ILE A 254 5.21 15.79 11.00
CA ILE A 254 4.27 15.51 12.09
C ILE A 254 5.01 14.91 13.29
N ALA A 255 5.84 13.90 13.04
CA ALA A 255 6.53 13.22 14.13
C ALA A 255 7.50 14.15 14.85
N CYS A 256 8.23 14.99 14.09
CA CYS A 256 9.22 15.85 14.72
C CYS A 256 8.55 16.94 15.55
N LYS A 257 7.47 17.54 15.04
CA LYS A 257 6.73 18.50 15.83
C LYS A 257 6.18 17.86 17.12
N ALA A 258 5.70 16.62 17.01
CA ALA A 258 5.21 15.93 18.19
C ALA A 258 6.31 15.71 19.22
N VAL A 259 7.49 15.30 18.76
CA VAL A 259 8.59 15.04 19.68
C VAL A 259 9.05 16.33 20.37
N ILE A 260 9.11 17.43 19.60
CA ILE A 260 9.49 18.71 20.18
C ILE A 260 8.48 19.13 21.26
N SER A 261 7.19 19.04 20.93
CA SER A 261 6.16 19.39 21.90
C SER A 261 6.24 18.51 23.14
N TRP A 262 6.56 17.23 22.96
CA TRP A 262 6.64 16.29 24.07
C TRP A 262 7.80 16.62 25.00
N ALA A 263 8.98 16.87 24.43
CA ALA A 263 10.13 17.26 25.26
C ALA A 263 9.86 18.58 25.99
N ARG A 264 9.21 19.53 25.31
CA ARG A 264 8.95 20.81 25.96
C ARG A 264 7.90 20.67 27.07
N ARG A 265 6.93 19.76 26.89
CA ARG A 265 5.98 19.49 27.97
C ARG A 265 6.67 18.84 29.17
N GLN A 266 7.68 18.00 28.91
CA GLN A 266 8.47 17.46 30.02
C GLN A 266 9.21 18.57 30.76
N GLY A 267 9.82 19.49 30.01
CA GLY A 267 10.46 20.63 30.66
C GLY A 267 9.47 21.49 31.44
N ARG A 268 8.26 21.64 30.93
CA ARG A 268 7.23 22.37 31.65
C ARG A 268 6.86 21.68 32.95
N LEU A 269 6.78 20.34 32.94
CA LEU A 269 6.56 19.61 34.18
C LEU A 269 7.68 19.86 35.18
N CYS A 270 8.92 19.90 34.68
CA CYS A 270 10.05 20.22 35.56
C CYS A 270 9.88 21.60 36.19
N LYS A 271 9.55 22.61 35.38
CA LYS A 271 9.38 23.96 35.89
C LYS A 271 8.23 24.03 36.89
N ILE A 272 7.13 23.32 36.62
CA ILE A 272 5.98 23.34 37.52
C ILE A 272 6.35 22.72 38.87
N VAL A 273 7.07 21.60 38.85
CA VAL A 273 7.47 20.98 40.10
C VAL A 273 8.44 21.89 40.85
N ALA A 274 9.29 22.63 40.12
CA ALA A 274 10.18 23.58 40.79
C ALA A 274 9.41 24.70 41.47
N GLU A 275 8.38 25.22 40.80
CA GLU A 275 7.69 26.41 41.28
C GLU A 275 6.56 26.12 42.27
N ASN A 276 6.07 24.88 42.34
CA ASN A 276 4.89 24.60 43.15
C ASN A 276 5.03 23.42 44.11
N PHE A 277 6.04 22.57 43.98
CA PHE A 277 6.09 21.34 44.76
C PHE A 277 7.39 21.21 45.53
N GLU A 278 8.47 21.76 45.01
CA GLU A 278 9.78 21.57 45.60
C GLU A 278 10.11 22.69 46.59
N THR A 279 10.68 22.30 47.74
CA THR A 279 11.06 23.24 48.78
C THR A 279 12.54 23.58 48.77
N ASP A 280 13.40 22.66 48.37
CA ASP A 280 14.84 22.90 48.39
C ASP A 280 15.21 23.89 47.29
N PRO A 281 15.80 25.04 47.63
CA PRO A 281 16.15 26.02 46.57
C PRO A 281 17.19 25.49 45.59
N LYS A 282 18.14 24.67 46.05
CA LYS A 282 19.10 24.07 45.14
C LYS A 282 18.38 23.20 44.11
N ARG A 283 17.46 22.35 44.58
CA ARG A 283 16.69 21.51 43.67
C ARG A 283 15.80 22.36 42.76
N GLN A 284 15.25 23.45 43.28
CA GLN A 284 14.42 24.33 42.44
C GLN A 284 15.25 24.92 41.29
N ALA A 285 16.44 25.42 41.61
CA ALA A 285 17.31 25.97 40.56
C ALA A 285 17.71 24.88 39.57
N GLU A 286 18.02 23.69 40.06
CA GLU A 286 18.37 22.57 39.17
C GLU A 286 17.20 22.23 38.25
N LEU A 287 15.98 22.22 38.79
CA LEU A 287 14.81 21.92 37.98
C LEU A 287 14.58 22.99 36.94
N LEU A 288 14.83 24.26 37.28
CA LEU A 288 14.70 25.33 36.29
C LEU A 288 15.74 25.17 35.18
N GLU A 289 16.95 24.75 35.54
CA GLU A 289 17.97 24.50 34.52
C GLU A 289 17.54 23.37 33.59
N ILE A 290 17.05 22.26 34.15
CA ILE A 290 16.58 21.14 33.33
C ILE A 290 15.42 21.58 32.46
N ALA A 291 14.55 22.44 32.99
CA ALA A 291 13.39 22.90 32.22
C ALA A 291 13.83 23.73 31.02
N ASP A 292 14.79 24.63 31.22
CA ASP A 292 15.31 25.40 30.08
C ASP A 292 15.99 24.48 29.06
N ILE A 293 16.73 23.48 29.54
CA ILE A 293 17.34 22.52 28.63
C ILE A 293 16.28 21.85 27.76
N CYS A 294 15.26 21.26 28.40
CA CYS A 294 14.19 20.59 27.68
C CYS A 294 13.43 21.56 26.78
N GLN A 295 13.45 22.86 27.10
CA GLN A 295 12.84 23.84 26.20
C GLN A 295 13.65 23.96 24.92
N ARG A 296 14.97 24.11 25.04
CA ARG A 296 15.80 24.29 23.85
C ARG A 296 16.16 22.97 23.16
N ILE A 297 16.06 21.85 23.87
CA ILE A 297 16.53 20.55 23.40
C ILE A 297 15.32 19.63 23.30
N PRO A 298 15.15 18.85 22.21
CA PRO A 298 16.00 18.72 21.04
C PRO A 298 15.53 19.57 19.87
N ALA A 299 14.77 20.64 20.14
CA ALA A 299 14.34 21.52 19.05
C ALA A 299 15.53 22.19 18.39
N GLU A 300 16.48 22.67 19.18
CA GLU A 300 17.67 23.37 18.72
C GLU A 300 18.90 22.48 18.82
N PRO A 301 20.00 22.83 18.14
CA PRO A 301 21.23 22.05 18.29
C PRO A 301 21.74 22.09 19.71
N CYS A 302 22.47 21.04 20.08
CA CYS A 302 23.08 20.97 21.41
C CYS A 302 24.29 21.88 21.49
N LYS A 303 24.42 22.58 22.62
CA LYS A 303 25.54 23.47 22.86
C LYS A 303 26.52 22.95 23.91
N GLY A 304 26.05 22.13 24.85
CA GLY A 304 26.91 21.60 25.89
C GLY A 304 26.72 20.13 26.14
N LEU A 305 27.35 19.63 27.21
CA LEU A 305 27.28 18.19 27.50
C LEU A 305 25.92 17.80 28.06
N LYS A 306 25.33 18.63 28.92
CA LYS A 306 24.00 18.34 29.46
C LYS A 306 22.95 18.33 28.35
N ASP A 307 23.03 19.32 27.44
CA ASP A 307 22.19 19.30 26.24
C ASP A 307 22.34 17.99 25.49
N ALA A 308 23.58 17.56 25.27
CA ALA A 308 23.84 16.36 24.49
C ALA A 308 23.26 15.13 25.17
N MET A 309 23.39 15.03 26.50
CA MET A 309 22.90 13.85 27.19
C MET A 309 21.37 13.81 27.21
N GLN A 310 20.73 14.95 27.47
CA GLN A 310 19.27 14.98 27.43
C GLN A 310 18.74 14.66 26.04
N ALA A 311 19.38 15.20 25.00
CA ALA A 311 18.95 14.90 23.63
C ALA A 311 19.15 13.43 23.29
N LYS A 312 20.30 12.88 23.67
CA LYS A 312 20.57 11.46 23.47
C LYS A 312 19.50 10.60 24.11
N PHE A 313 19.13 10.94 25.36
CA PHE A 313 18.15 10.11 26.06
C PHE A 313 16.76 10.24 25.45
N PHE A 314 16.37 11.45 25.04
CA PHE A 314 15.08 11.62 24.35
C PHE A 314 15.04 10.82 23.06
N THR A 315 16.10 10.91 22.25
CA THR A 315 16.14 10.18 20.99
C THR A 315 16.07 8.68 21.24
N PHE A 316 16.77 8.20 22.28
CA PHE A 316 16.70 6.79 22.64
C PHE A 316 15.28 6.40 23.02
N LEU A 317 14.61 7.23 23.82
CA LEU A 317 13.23 6.93 24.22
C LEU A 317 12.32 6.79 23.01
N ILE A 318 12.47 7.67 22.03
CA ILE A 318 11.59 7.59 20.86
C ILE A 318 11.93 6.38 20.01
N CYS A 319 13.23 6.11 19.80
CA CYS A 319 13.63 5.08 18.85
C CYS A 319 13.56 3.66 19.41
N HIS A 320 13.56 3.49 20.73
CA HIS A 320 13.61 2.17 21.33
C HIS A 320 12.37 1.79 22.12
N ALA A 321 11.47 2.73 22.40
CA ALA A 321 10.35 2.41 23.28
C ALA A 321 9.01 2.96 22.78
N ILE A 322 9.00 4.20 22.30
CA ILE A 322 7.73 4.89 22.08
C ILE A 322 7.24 4.70 20.65
N GLU A 323 8.03 5.12 19.66
CA GLU A 323 7.59 4.97 18.27
C GLU A 323 7.50 3.50 17.88
N ARG A 324 8.41 2.68 18.41
CA ARG A 324 8.42 1.24 18.16
C ARG A 324 9.33 0.62 19.20
N TYR A 325 9.10 -0.66 19.48
CA TYR A 325 10.03 -1.36 20.37
C TYR A 325 11.32 -1.65 19.63
N ALA A 326 12.44 -1.40 20.31
CA ALA A 326 13.75 -1.75 19.77
C ALA A 326 14.70 -1.99 20.93
N SER A 327 15.19 -3.23 21.03
CA SER A 327 16.21 -3.54 22.02
C SER A 327 17.51 -2.82 21.67
N GLY A 328 18.41 -2.77 22.64
CA GLY A 328 19.73 -2.25 22.41
C GLY A 328 19.94 -0.86 22.97
N TYR A 329 21.19 -0.42 22.86
CA TYR A 329 21.64 0.92 23.22
C TYR A 329 22.73 1.35 22.26
N ALA A 330 22.61 0.93 21.00
CA ALA A 330 23.69 1.04 20.03
C ALA A 330 24.07 2.50 19.80
N GLN A 331 25.36 2.79 19.97
CA GLN A 331 25.92 4.14 19.80
C GLN A 331 27.41 4.12 20.03
N LYS A 332 28.14 5.03 19.38
CA LYS A 332 29.54 5.28 19.71
C LYS A 332 29.56 6.44 20.70
N GLU A 333 29.41 6.11 21.98
CA GLU A 333 29.09 7.14 22.96
C GLU A 333 30.21 8.17 23.12
N ASP A 334 31.47 7.71 23.20
CA ASP A 334 32.56 8.65 23.41
C ASP A 334 32.76 9.55 22.19
N THR A 335 32.77 8.95 20.99
CA THR A 335 32.93 9.76 19.78
C THR A 335 31.73 10.69 19.59
N LEU A 336 30.53 10.22 19.91
CA LEU A 336 29.34 11.04 19.71
C LEU A 336 29.30 12.21 20.70
N LEU A 337 29.75 11.99 21.94
CA LEU A 337 29.67 12.99 22.99
C LEU A 337 30.92 13.85 23.09
N TRP A 338 32.00 13.51 22.40
CA TRP A 338 33.25 14.24 22.60
C TRP A 338 33.17 15.73 22.27
N PRO A 339 32.55 16.18 21.17
CA PRO A 339 32.49 17.63 20.94
C PRO A 339 31.84 18.40 22.07
N TYR A 340 30.80 17.84 22.68
CA TYR A 340 30.10 18.55 23.74
C TYR A 340 30.81 18.44 25.07
N TYR A 341 31.55 17.36 25.30
CA TYR A 341 32.45 17.31 26.45
C TYR A 341 33.54 18.36 26.31
N LYS A 342 34.12 18.49 25.12
CA LYS A 342 35.15 19.49 24.88
C LYS A 342 34.58 20.90 25.01
N ALA A 343 33.33 21.10 24.61
CA ALA A 343 32.70 22.40 24.76
C ALA A 343 32.43 22.73 26.22
N SER A 344 32.01 21.73 27.01
CA SER A 344 31.59 21.98 28.39
C SER A 344 32.74 21.82 29.39
N VAL A 345 33.54 20.76 29.25
CA VAL A 345 34.56 20.47 30.24
C VAL A 345 35.91 21.07 29.86
N VAL A 346 36.32 20.94 28.59
CA VAL A 346 37.64 21.39 28.19
C VAL A 346 37.65 22.90 27.96
N ASP A 347 36.76 23.40 27.11
CA ASP A 347 36.78 24.82 26.75
C ASP A 347 35.90 25.69 27.63
N LYS A 348 34.93 25.10 28.33
CA LYS A 348 34.03 25.82 29.23
C LYS A 348 33.33 26.98 28.51
N LYS A 349 32.79 26.68 27.33
CA LYS A 349 32.10 27.70 26.53
C LYS A 349 30.61 27.73 26.79
N PHE A 350 29.99 26.58 27.04
CA PHE A 350 28.58 26.50 27.39
C PHE A 350 28.39 25.33 28.36
N GLN A 351 27.55 25.54 29.37
CA GLN A 351 27.33 24.56 30.42
C GLN A 351 28.65 24.10 31.02
N PRO A 352 29.38 24.99 31.70
CA PRO A 352 30.72 24.62 32.18
C PRO A 352 30.64 23.50 33.22
N MET A 353 31.47 22.48 33.04
CA MET A 353 31.49 21.33 33.93
C MET A 353 32.93 20.91 34.18
N SER A 354 33.09 20.08 35.22
CA SER A 354 34.35 19.41 35.49
C SER A 354 34.29 17.98 34.96
N HIS A 355 35.45 17.30 35.00
CA HIS A 355 35.48 15.91 34.59
C HIS A 355 34.63 15.05 35.51
N MET A 356 34.69 15.32 36.82
CA MET A 356 33.85 14.57 37.75
C MET A 356 32.38 14.85 37.54
N ASP A 357 32.05 16.06 37.05
CA ASP A 357 30.67 16.34 36.69
C ASP A 357 30.20 15.47 35.55
N ALA A 358 31.04 15.28 34.53
CA ALA A 358 30.69 14.38 33.43
C ALA A 358 30.62 12.94 33.90
N VAL A 359 31.47 12.55 34.84
CA VAL A 359 31.40 11.21 35.41
C VAL A 359 30.06 11.00 36.12
N GLU A 360 29.65 12.00 36.91
CA GLU A 360 28.35 11.95 37.57
C GLU A 360 27.21 11.89 36.56
N LEU A 361 27.35 12.63 35.45
CA LEU A 361 26.32 12.62 34.42
C LEU A 361 26.18 11.24 33.78
N VAL A 362 27.30 10.62 33.44
CA VAL A 362 27.24 9.27 32.86
C VAL A 362 26.71 8.28 33.88
N GLU A 363 27.04 8.47 35.17
CA GLU A 363 26.45 7.64 36.22
C GLU A 363 24.94 7.74 36.22
N MET A 364 24.42 8.97 36.18
CA MET A 364 22.98 9.17 36.19
C MET A 364 22.34 8.56 34.93
N GLU A 365 23.03 8.63 33.80
CA GLU A 365 22.54 8.00 32.58
C GLU A 365 22.45 6.49 32.74
N ARG A 366 23.50 5.88 33.31
CA ARG A 366 23.48 4.43 33.51
C ARG A 366 22.35 4.02 34.44
N LEU A 367 22.07 4.84 35.46
CA LEU A 367 20.97 4.51 36.36
C LEU A 367 19.62 4.66 35.66
N LYS A 368 19.49 5.69 34.83
CA LYS A 368 18.26 5.87 34.05
C LYS A 368 18.02 4.68 33.13
N ILE A 369 19.07 4.18 32.48
CA ILE A 369 18.94 2.98 31.66
C ILE A 369 18.59 1.78 32.53
N SER A 370 19.14 1.72 33.75
CA SER A 370 18.77 0.65 34.66
C SER A 370 17.31 0.72 35.08
N GLU A 371 16.66 1.87 34.90
CA GLU A 371 15.23 1.99 35.20
C GLU A 371 14.34 1.82 33.98
N HIS A 372 14.89 1.43 32.83
CA HIS A 372 14.12 1.34 31.59
C HIS A 372 13.58 -0.08 31.44
N GLY A 373 12.29 -0.26 31.74
CA GLY A 373 11.64 -1.54 31.54
C GLY A 373 11.29 -1.76 30.08
N ALA A 374 11.55 -2.97 29.60
CA ALA A 374 11.33 -3.34 28.21
C ALA A 374 10.05 -4.14 28.08
N GLY A 375 9.11 -3.64 27.28
CA GLY A 375 7.86 -4.34 27.05
C GLY A 375 7.98 -5.39 25.96
N LYS A 376 8.96 -6.28 26.10
CA LYS A 376 9.19 -7.31 25.09
C LYS A 376 8.37 -8.56 25.41
N SER A 377 8.36 -9.48 24.46
CA SER A 377 7.56 -10.70 24.57
C SER A 377 8.22 -11.69 25.51
N ARG A 378 7.48 -12.77 25.82
CA ARG A 378 7.92 -13.74 26.82
C ARG A 378 9.24 -14.39 26.43
N ALA A 379 9.40 -14.74 25.16
CA ALA A 379 10.63 -15.38 24.70
C ALA A 379 11.84 -14.56 25.08
N TYR A 380 11.73 -13.23 24.99
CA TYR A 380 12.82 -12.33 25.28
C TYR A 380 12.73 -11.75 26.69
N ARG A 381 11.75 -12.19 27.47
CA ARG A 381 11.81 -12.12 28.91
C ARG A 381 12.42 -13.38 29.50
N GLU A 382 12.75 -14.35 28.64
CA GLU A 382 13.41 -15.59 29.05
C GLU A 382 14.92 -15.58 28.85
N ILE A 383 15.40 -15.02 27.74
CA ILE A 383 16.77 -15.29 27.28
C ILE A 383 17.74 -14.16 27.63
N PHE A 384 17.34 -13.20 28.45
CA PHE A 384 18.27 -12.24 29.05
C PHE A 384 18.08 -12.22 30.56
N PRO A 385 18.27 -13.35 31.23
CA PRO A 385 18.05 -13.38 32.69
C PRO A 385 18.94 -12.39 33.42
N GLY A 386 18.37 -11.71 34.39
CA GLY A 386 19.13 -10.80 35.23
C GLY A 386 19.36 -9.41 34.69
N SER A 387 18.50 -8.94 33.78
CA SER A 387 18.66 -7.61 33.20
C SER A 387 17.33 -7.14 32.64
N ASN A 388 17.19 -5.81 32.55
CA ASN A 388 16.01 -5.23 31.94
C ASN A 388 15.86 -5.67 30.49
N ASP A 389 16.94 -5.56 29.73
CA ASP A 389 16.95 -5.77 28.28
C ASP A 389 18.41 -5.81 27.86
N LEU A 390 18.66 -5.72 26.57
CA LEU A 390 20.02 -5.55 26.06
C LEU A 390 20.28 -4.06 25.85
N PHE A 391 21.34 -3.56 26.48
CA PHE A 391 21.79 -2.18 26.30
C PHE A 391 23.30 -2.23 26.11
N ILE A 392 23.76 -2.04 24.88
CA ILE A 392 25.16 -2.23 24.53
C ILE A 392 25.66 -1.01 23.78
N LEU A 393 26.59 -0.27 24.39
CA LEU A 393 27.24 0.87 23.77
C LEU A 393 28.69 0.50 23.48
N THR A 394 29.29 1.22 22.53
CA THR A 394 30.64 0.93 22.08
C THR A 394 31.52 2.16 22.23
N VAL A 395 32.72 1.96 22.76
CA VAL A 395 33.71 3.02 22.94
C VAL A 395 35.03 2.52 22.39
N GLY A 396 36.01 3.43 22.33
CA GLY A 396 37.34 3.08 21.85
C GLY A 396 37.46 3.15 20.34
N GLY A 397 38.26 2.26 19.77
CA GLY A 397 38.35 2.15 18.32
C GLY A 397 39.31 3.15 17.72
N THR A 398 39.15 3.34 16.41
CA THR A 398 39.97 4.26 15.63
C THR A 398 39.06 5.23 14.86
N ASN A 399 39.60 6.40 14.53
CA ASN A 399 38.85 7.38 13.77
C ASN A 399 39.02 7.14 12.27
N ALA A 400 38.54 8.09 11.47
CA ALA A 400 38.54 7.90 10.01
C ALA A 400 39.96 7.82 9.46
N LYS A 401 40.89 8.57 10.04
CA LYS A 401 42.28 8.51 9.59
C LYS A 401 43.03 7.29 10.10
N GLY A 402 42.40 6.47 10.95
CA GLY A 402 43.07 5.34 11.54
C GLY A 402 43.77 5.61 12.86
N GLU A 403 43.65 6.83 13.38
CA GLU A 403 44.28 7.19 14.65
C GLU A 403 43.37 6.82 15.82
N ASP A 404 43.97 6.79 17.01
CA ASP A 404 43.27 6.40 18.21
C ASP A 404 42.07 7.30 18.48
N ALA A 405 40.92 6.69 18.73
CA ALA A 405 39.68 7.40 19.00
C ALA A 405 39.40 7.57 20.49
N CYS A 406 40.26 7.05 21.36
CA CYS A 406 40.06 7.21 22.79
C CYS A 406 40.31 8.65 23.20
N ASN A 407 39.51 9.13 24.16
CA ASN A 407 39.61 10.49 24.65
C ASN A 407 39.17 10.52 26.11
N ASP A 408 39.13 11.73 26.68
CA ASP A 408 38.77 11.86 28.09
C ASP A 408 37.31 11.46 28.33
N MET A 409 36.45 11.58 27.32
CA MET A 409 35.06 11.16 27.49
C MET A 409 34.96 9.65 27.61
N THR A 410 35.80 8.91 26.87
CA THR A 410 35.87 7.47 27.03
C THR A 410 36.21 7.10 28.47
N ASP A 411 37.22 7.77 29.04
CA ASP A 411 37.60 7.50 30.42
C ASP A 411 36.50 7.90 31.39
N ALA A 412 35.76 8.97 31.11
CA ALA A 412 34.64 9.36 31.96
C ALA A 412 33.55 8.29 31.96
N ILE A 413 33.22 7.77 30.77
CA ILE A 413 32.20 6.73 30.68
C ILE A 413 32.65 5.48 31.44
N LEU A 414 33.90 5.07 31.24
CA LEU A 414 34.41 3.88 31.92
C LEU A 414 34.48 4.10 33.43
N GLU A 415 34.83 5.31 33.86
CA GLU A 415 34.91 5.60 35.28
C GLU A 415 33.53 5.58 35.92
N ALA A 416 32.52 6.11 35.24
CA ALA A 416 31.16 6.03 35.76
C ALA A 416 30.69 4.58 35.83
N ALA A 417 31.03 3.78 34.82
CA ALA A 417 30.65 2.37 34.86
C ALA A 417 31.35 1.63 36.00
N LYS A 418 32.54 2.13 36.38
CA LYS A 418 33.33 1.44 37.45
C LYS A 418 32.76 1.76 38.84
N ARG A 419 32.50 3.04 39.13
CA ARG A 419 31.99 3.44 40.47
C ARG A 419 30.56 2.93 40.64
N ILE A 420 29.66 3.31 39.73
CA ILE A 420 28.28 2.88 39.80
C ILE A 420 28.28 1.46 39.23
N ARG A 421 27.76 0.51 40.00
CA ARG A 421 27.81 -0.91 39.64
C ARG A 421 26.43 -1.39 39.20
N THR A 422 26.02 -0.92 38.03
CA THR A 422 24.79 -1.34 37.39
C THR A 422 25.10 -2.27 36.22
N ALA A 423 24.27 -3.29 36.04
CA ALA A 423 24.49 -4.28 34.99
C ALA A 423 24.41 -3.65 33.60
N GLU A 424 23.37 -2.87 33.35
CA GLU A 424 23.21 -2.19 32.07
C GLU A 424 23.46 -0.70 32.22
N PRO A 425 23.99 -0.06 31.18
CA PRO A 425 24.32 -0.61 29.85
C PRO A 425 25.68 -1.30 29.81
N SER A 426 25.80 -2.37 29.02
CA SER A 426 27.10 -2.99 28.81
C SER A 426 27.92 -2.16 27.83
N ILE A 427 29.23 -2.35 27.88
CA ILE A 427 30.16 -1.57 27.09
C ILE A 427 30.96 -2.50 26.20
N VAL A 428 31.21 -2.06 24.96
CA VAL A 428 32.07 -2.77 24.01
C VAL A 428 33.25 -1.86 23.69
N PHE A 429 34.46 -2.40 23.77
CA PHE A 429 35.68 -1.65 23.47
C PHE A 429 36.31 -2.23 22.21
N ARG A 430 36.27 -1.47 21.13
CA ARG A 430 36.99 -1.83 19.91
C ARG A 430 38.48 -1.61 20.13
N TYR A 431 39.25 -2.70 20.13
CA TYR A 431 40.66 -2.63 20.47
C TYR A 431 41.52 -2.47 19.21
N SER A 432 42.49 -1.57 19.29
CA SER A 432 43.54 -1.43 18.28
C SER A 432 44.86 -1.19 19.00
N LYS A 433 45.96 -1.48 18.31
CA LYS A 433 47.28 -1.15 18.85
C LYS A 433 47.43 0.35 19.07
N LYS A 434 46.65 1.18 18.38
CA LYS A 434 46.71 2.62 18.55
C LYS A 434 46.14 3.08 19.89
N ASN A 435 45.35 2.25 20.56
CA ASN A 435 44.64 2.68 21.75
C ASN A 435 45.61 3.04 22.87
N ARG A 436 45.39 4.21 23.47
CA ARG A 436 46.27 4.71 24.51
C ARG A 436 46.15 3.86 25.77
N GLU A 437 47.23 3.89 26.57
CA GLU A 437 47.30 3.01 27.75
C GLU A 437 46.41 3.48 28.88
N LYS A 438 46.12 4.79 28.94
CA LYS A 438 45.27 5.31 30.01
C LYS A 438 43.85 4.76 29.91
N THR A 439 43.29 4.79 28.71
CA THR A 439 41.94 4.21 28.53
C THR A 439 42.01 2.71 28.80
N LEU A 440 43.02 2.04 28.25
CA LEU A 440 43.16 0.58 28.45
C LEU A 440 43.09 0.10 29.91
N ARG A 441 43.64 0.89 30.84
CA ARG A 441 43.60 0.56 32.29
C ARG A 441 42.19 0.77 32.82
N TRP A 442 41.49 1.73 32.26
CA TRP A 442 40.12 2.07 32.69
C TRP A 442 39.34 0.85 32.23
N VAL A 443 39.64 0.35 31.03
CA VAL A 443 38.98 -0.87 30.58
C VAL A 443 39.32 -2.05 31.50
N PHE A 444 40.61 -2.21 31.81
CA PHE A 444 41.01 -3.28 32.73
C PHE A 444 40.48 -3.03 34.13
N GLU A 445 40.35 -1.77 34.54
CA GLU A 445 39.73 -1.46 35.82
C GLU A 445 38.32 -2.02 35.89
N CYS A 446 37.56 -1.85 34.82
CA CYS A 446 36.21 -2.41 34.80
C CYS A 446 36.22 -3.94 34.75
N ILE A 447 37.14 -4.52 33.97
CA ILE A 447 37.13 -5.97 33.79
C ILE A 447 37.57 -6.69 35.06
N ARG A 448 38.61 -6.18 35.74
CA ARG A 448 39.14 -6.80 36.94
C ARG A 448 38.13 -6.79 38.08
N ASP A 449 37.12 -5.93 38.03
CA ASP A 449 36.09 -5.88 39.05
C ASP A 449 34.99 -6.90 38.81
N GLY A 450 35.08 -7.69 37.74
CA GLY A 450 34.08 -8.70 37.46
C GLY A 450 32.82 -8.19 36.81
N LEU A 451 32.81 -6.94 36.34
CA LEU A 451 31.63 -6.37 35.71
C LEU A 451 31.27 -7.10 34.42
N GLY A 452 32.22 -7.78 33.78
CA GLY A 452 32.01 -8.46 32.53
C GLY A 452 32.16 -7.58 31.31
N TYR A 453 31.97 -6.28 31.50
CA TYR A 453 32.19 -5.29 30.42
C TYR A 453 33.35 -4.41 30.87
N PRO A 454 34.11 -3.73 29.97
CA PRO A 454 33.83 -3.67 28.52
C PRO A 454 34.30 -4.96 27.85
N SER A 455 33.55 -5.41 26.84
CA SER A 455 33.99 -6.60 26.06
C SER A 455 34.95 -6.12 24.96
N ILE A 456 35.86 -6.97 24.51
CA ILE A 456 36.83 -6.54 23.51
C ILE A 456 36.46 -7.02 22.12
N LYS A 457 36.59 -6.14 21.13
CA LYS A 457 36.35 -6.46 19.74
C LYS A 457 37.51 -5.99 18.87
N HIS A 458 37.81 -6.76 17.83
CA HIS A 458 38.89 -6.48 16.90
C HIS A 458 38.50 -5.34 15.95
N ASP A 459 39.23 -4.23 16.01
CA ASP A 459 38.85 -3.04 15.25
C ASP A 459 39.07 -3.24 13.75
N GLU A 460 40.23 -3.78 13.37
CA GLU A 460 40.55 -3.93 11.95
C GLU A 460 39.57 -4.86 11.25
N ILE A 461 39.17 -5.95 11.93
CA ILE A 461 38.21 -6.88 11.34
C ILE A 461 36.88 -6.19 11.09
N GLY A 462 36.41 -5.40 12.06
CA GLY A 462 35.16 -4.69 11.86
C GLY A 462 35.22 -3.67 10.73
N THR A 463 36.32 -2.93 10.62
CA THR A 463 36.44 -1.93 9.56
C THR A 463 36.48 -2.59 8.18
N GLU A 464 37.29 -3.64 8.03
CA GLU A 464 37.32 -4.37 6.77
C GLU A 464 35.95 -4.95 6.45
N GLN A 465 35.23 -5.40 7.47
CA GLN A 465 33.88 -5.93 7.29
C GLN A 465 32.94 -4.87 6.76
N MET A 466 33.03 -3.66 7.29
CA MET A 466 32.19 -2.57 6.79
C MET A 466 32.50 -2.27 5.33
N LYS A 467 33.78 -2.25 4.95
CA LYS A 467 34.12 -2.02 3.54
C LYS A 467 33.55 -3.12 2.65
N GLU A 468 33.74 -4.38 3.06
CA GLU A 468 33.28 -5.50 2.25
C GLU A 468 31.77 -5.47 2.08
N TYR A 469 31.04 -5.20 3.16
CA TYR A 469 29.59 -5.09 3.05
C TYR A 469 29.19 -3.89 2.20
N ALA A 470 29.94 -2.79 2.29
CA ALA A 470 29.62 -1.60 1.52
C ALA A 470 29.69 -1.86 0.03
N LYS A 471 30.56 -2.80 -0.39
CA LYS A 471 30.64 -3.09 -1.82
C LYS A 471 29.31 -3.56 -2.41
N PHE A 472 28.46 -4.21 -1.61
CA PHE A 472 27.20 -4.77 -2.07
C PHE A 472 26.04 -3.78 -2.07
N SER A 473 26.27 -2.53 -1.68
CA SER A 473 25.18 -1.56 -1.54
C SER A 473 24.43 -1.38 -2.86
N LEU A 474 23.10 -1.40 -2.79
CA LEU A 474 22.29 -1.37 -4.01
C LEU A 474 22.34 -0.02 -4.70
N ASN A 475 22.31 1.07 -3.93
CA ASN A 475 22.36 2.40 -4.52
C ASN A 475 23.77 2.96 -4.60
N GLY A 476 24.78 2.15 -4.32
CA GLY A 476 26.16 2.61 -4.42
C GLY A 476 26.57 3.60 -3.37
N ASN A 477 25.82 3.70 -2.27
CA ASN A 477 26.12 4.62 -1.18
C ASN A 477 26.56 3.89 0.08
N GLY A 478 27.27 2.77 -0.07
CA GLY A 478 27.83 2.10 1.08
C GLY A 478 28.80 2.99 1.84
N ALA A 479 29.22 2.49 3.00
CA ALA A 479 30.18 3.23 3.81
C ALA A 479 31.48 3.43 3.06
N THR A 480 32.03 4.64 3.14
CA THR A 480 33.34 4.91 2.60
C THR A 480 34.41 4.32 3.52
N ASP A 481 35.65 4.27 3.01
CA ASP A 481 36.75 3.74 3.81
C ASP A 481 36.96 4.56 5.08
N GLU A 482 36.63 5.86 5.03
CA GLU A 482 36.70 6.68 6.24
C GLU A 482 35.50 6.43 7.14
N GLU A 483 34.31 6.30 6.54
CA GLU A 483 33.11 5.99 7.32
C GLU A 483 33.20 4.61 7.97
N ALA A 484 33.92 3.68 7.33
CA ALA A 484 34.00 2.32 7.83
C ALA A 484 34.63 2.23 9.21
N HIS A 485 35.45 3.22 9.59
CA HIS A 485 36.04 3.21 10.92
C HIS A 485 35.03 3.53 12.01
N ASN A 486 33.91 4.18 11.67
CA ASN A 486 32.87 4.54 12.63
C ASN A 486 31.84 3.42 12.68
N TRP A 487 32.09 2.41 13.51
CA TRP A 487 31.16 1.29 13.63
C TRP A 487 31.01 0.90 15.09
N VAL A 488 29.82 0.39 15.42
CA VAL A 488 29.46 -0.02 16.76
C VAL A 488 28.74 -1.36 16.65
N ASN A 489 28.61 -2.06 17.78
CA ASN A 489 27.83 -3.29 17.78
C ASN A 489 26.34 -2.97 17.82
N VAL A 490 25.57 -3.66 16.97
CA VAL A 490 24.13 -3.41 16.89
C VAL A 490 23.44 -3.80 18.18
N LEU A 491 23.60 -5.07 18.58
CA LEU A 491 23.20 -5.50 19.91
C LEU A 491 24.45 -5.97 20.63
N CYS A 492 24.72 -7.28 20.66
CA CYS A 492 25.85 -7.80 21.42
C CYS A 492 27.14 -7.87 20.60
N MET A 493 27.07 -8.46 19.40
CA MET A 493 28.29 -8.92 18.74
C MET A 493 28.48 -8.47 17.30
N SER A 494 27.48 -7.87 16.65
CA SER A 494 27.56 -7.65 15.21
C SER A 494 27.91 -6.20 14.92
N PRO A 495 28.97 -5.93 14.17
CA PRO A 495 29.30 -4.54 13.83
C PRO A 495 28.33 -3.94 12.81
N GLY A 496 28.20 -2.62 12.88
CA GLY A 496 27.35 -1.87 11.98
C GLY A 496 27.70 -0.40 12.03
N ILE A 497 27.40 0.30 10.93
CA ILE A 497 27.80 1.70 10.80
C ILE A 497 27.01 2.57 11.77
N HIS A 498 27.70 3.54 12.39
CA HIS A 498 27.08 4.59 13.17
C HIS A 498 27.39 5.95 12.53
N GLY A 499 26.45 6.87 12.68
CA GLY A 499 26.62 8.20 12.14
C GLY A 499 25.27 8.82 11.80
N ARG A 500 25.32 9.88 10.98
CA ARG A 500 24.11 10.57 10.54
C ARG A 500 23.37 9.82 9.43
N ARG A 501 23.98 8.79 8.86
CA ARG A 501 23.42 8.13 7.69
C ARG A 501 23.93 6.70 7.64
N LYS A 502 23.16 5.84 6.96
CA LYS A 502 23.50 4.46 6.63
C LYS A 502 23.45 3.52 7.82
N THR A 503 22.93 3.94 8.96
CA THR A 503 22.85 3.06 10.11
C THR A 503 21.73 2.04 9.93
N GLN A 504 21.87 0.91 10.62
CA GLN A 504 20.85 -0.14 10.57
C GLN A 504 19.61 0.31 11.32
N LYS A 505 18.44 0.10 10.71
CA LYS A 505 17.19 0.60 11.25
C LYS A 505 16.26 -0.48 11.80
N THR A 506 16.53 -1.75 11.55
CA THR A 506 15.64 -2.81 12.00
C THR A 506 16.41 -4.11 12.12
N ARG A 507 15.91 -5.01 12.98
CA ARG A 507 16.48 -6.34 13.09
C ARG A 507 16.25 -7.18 11.85
N SER A 508 15.33 -6.77 10.97
CA SER A 508 15.11 -7.52 9.73
C SER A 508 16.35 -7.51 8.85
N GLU A 509 17.20 -6.49 8.98
CA GLU A 509 18.46 -6.47 8.23
C GLU A 509 19.42 -7.54 8.73
N GLY A 510 19.60 -7.61 10.05
CA GLY A 510 20.45 -8.62 10.64
C GLY A 510 20.02 -8.95 12.06
N GLY A 511 20.15 -10.22 12.43
CA GLY A 511 19.68 -10.71 13.71
C GLY A 511 18.86 -11.97 13.55
N GLY A 512 18.53 -12.56 14.69
CA GLY A 512 17.89 -13.85 14.73
C GLY A 512 18.89 -14.99 14.84
N SER A 513 18.40 -16.13 15.32
CA SER A 513 19.29 -17.21 15.70
C SER A 513 18.88 -18.53 15.05
N ILE A 514 19.87 -19.42 14.94
CA ILE A 514 19.70 -20.79 14.47
C ILE A 514 20.56 -21.69 15.36
N PHE A 515 20.04 -22.87 15.70
CA PHE A 515 20.63 -23.70 16.74
C PHE A 515 21.15 -25.04 16.20
N PRO A 516 22.46 -25.18 16.00
CA PRO A 516 23.00 -26.42 15.42
C PRO A 516 22.81 -27.67 16.28
N ALA A 517 22.71 -27.56 17.61
CA ALA A 517 22.63 -28.76 18.44
C ALA A 517 21.34 -29.52 18.17
N LYS A 518 20.21 -28.81 18.15
CA LYS A 518 18.93 -29.43 17.82
C LYS A 518 18.95 -29.98 16.39
N LEU A 519 19.66 -29.29 15.51
CA LEU A 519 19.76 -29.75 14.10
C LEU A 519 20.52 -31.08 14.05
N LEU A 520 21.63 -31.20 14.77
CA LEU A 520 22.37 -32.49 14.81
C LEU A 520 21.48 -33.59 15.42
N GLU A 521 20.74 -33.26 16.48
CA GLU A 521 19.81 -34.24 17.11
C GLU A 521 18.81 -34.77 16.08
N ILE A 522 18.15 -33.87 15.34
CA ILE A 522 17.15 -34.31 14.37
C ILE A 522 17.79 -34.90 13.12
N SER A 523 19.04 -34.54 12.83
CA SER A 523 19.78 -35.24 11.79
C SER A 523 19.97 -36.70 12.17
N LEU A 524 20.23 -36.96 13.45
CA LEU A 524 20.27 -38.33 13.93
C LEU A 524 18.88 -38.94 14.12
N ASN A 525 17.80 -38.17 13.88
CA ASN A 525 16.47 -38.76 13.99
C ASN A 525 15.59 -38.42 12.78
N ASP A 526 16.17 -38.34 11.58
CA ASP A 526 15.42 -38.13 10.33
C ASP A 526 14.56 -36.87 10.38
N GLY A 527 14.97 -35.88 11.16
CA GLY A 527 14.23 -34.64 11.26
C GLY A 527 13.06 -34.65 12.22
N TYR A 528 12.93 -35.67 13.06
CA TYR A 528 11.82 -35.77 14.00
C TYR A 528 12.34 -35.45 15.40
N ASP A 529 11.75 -34.44 16.03
CA ASP A 529 12.11 -34.04 17.40
C ASP A 529 11.32 -34.91 18.37
N TRP A 530 11.94 -36.02 18.80
CA TRP A 530 11.32 -36.88 19.80
C TRP A 530 11.52 -36.37 21.22
N SER A 531 12.56 -35.57 21.45
CA SER A 531 12.95 -35.24 22.81
C SER A 531 12.11 -34.11 23.41
N TYR A 532 11.65 -33.17 22.60
CA TYR A 532 10.95 -31.99 23.10
C TYR A 532 9.48 -31.96 22.68
N ALA A 533 9.19 -31.92 21.38
CA ALA A 533 7.84 -31.69 20.90
C ALA A 533 7.13 -32.91 20.37
N ASP A 534 7.82 -34.02 20.13
CA ASP A 534 7.25 -35.20 19.49
C ASP A 534 6.57 -34.82 18.16
N MET A 535 7.36 -34.20 17.29
CA MET A 535 6.87 -33.69 16.02
C MET A 535 8.03 -33.64 15.03
N GLN A 536 7.70 -33.65 13.75
CA GLN A 536 8.69 -33.53 12.68
C GLN A 536 9.13 -32.08 12.56
N LEU A 537 10.35 -31.78 13.01
CA LEU A 537 10.86 -30.41 13.03
C LEU A 537 11.69 -30.05 11.81
N GLY A 538 12.13 -31.03 11.01
CA GLY A 538 12.96 -30.74 9.86
C GLY A 538 12.76 -31.73 8.74
N PRO A 539 13.44 -31.51 7.62
CA PRO A 539 13.33 -32.44 6.49
C PRO A 539 13.78 -33.84 6.85
N LYS A 540 13.28 -34.82 6.11
CA LYS A 540 13.60 -36.22 6.33
C LYS A 540 14.89 -36.54 5.58
N THR A 541 16.01 -36.17 6.20
CA THR A 541 17.32 -36.30 5.58
C THR A 541 17.78 -37.75 5.45
N GLY A 542 17.28 -38.65 6.27
CA GLY A 542 17.62 -40.05 6.17
C GLY A 542 17.62 -40.73 7.53
N ASP A 543 17.35 -42.03 7.52
CA ASP A 543 17.40 -42.84 8.72
C ASP A 543 18.85 -43.20 9.06
N LEU A 544 19.04 -43.87 10.19
CA LEU A 544 20.39 -44.18 10.68
C LEU A 544 21.10 -45.18 9.76
N SER A 545 20.39 -46.17 9.26
CA SER A 545 21.01 -47.13 8.36
C SER A 545 21.45 -46.47 7.05
N SER A 546 20.83 -45.35 6.68
CA SER A 546 21.24 -44.62 5.49
C SER A 546 22.53 -43.83 5.74
N LEU A 547 22.79 -43.43 6.98
CA LEU A 547 24.02 -42.70 7.32
C LEU A 547 25.15 -43.71 7.50
N LYS A 548 25.63 -44.23 6.37
CA LYS A 548 26.69 -45.23 6.38
C LYS A 548 28.07 -44.61 6.60
N SER A 549 28.26 -43.36 6.18
CA SER A 549 29.53 -42.67 6.33
C SER A 549 29.38 -41.49 7.29
N PHE A 550 30.52 -41.06 7.84
CA PHE A 550 30.53 -39.81 8.59
C PHE A 550 30.15 -38.65 7.68
N GLU A 551 30.60 -38.70 6.43
CA GLU A 551 30.22 -37.69 5.44
C GLU A 551 28.71 -37.69 5.23
N ASP A 552 28.06 -38.84 5.38
CA ASP A 552 26.60 -38.88 5.28
C ASP A 552 25.94 -38.12 6.43
N VAL A 553 26.47 -38.27 7.64
CA VAL A 553 25.98 -37.49 8.78
C VAL A 553 26.22 -36.01 8.55
N TRP A 554 27.40 -35.67 8.03
CA TRP A 554 27.74 -34.28 7.69
C TRP A 554 26.72 -33.71 6.70
N GLU A 555 26.38 -34.48 5.67
CA GLU A 555 25.44 -34.00 4.65
C GLU A 555 24.02 -33.89 5.20
N ALA A 556 23.63 -34.80 6.10
CA ALA A 556 22.32 -34.68 6.74
C ALA A 556 22.23 -33.40 7.55
N PHE A 557 23.27 -33.11 8.34
CA PHE A 557 23.29 -31.85 9.07
C PHE A 557 23.27 -30.66 8.12
N ARG A 558 23.97 -30.75 7.00
CA ARG A 558 23.97 -29.64 6.05
C ARG A 558 22.58 -29.38 5.48
N LYS A 559 21.84 -30.44 5.16
CA LYS A 559 20.48 -30.26 4.63
C LYS A 559 19.57 -29.63 5.68
N GLN A 560 19.63 -30.13 6.93
CA GLN A 560 18.85 -29.53 8.00
C GLN A 560 19.17 -28.04 8.15
N TYR A 561 20.47 -27.72 8.17
CA TYR A 561 20.91 -26.35 8.35
C TYR A 561 20.42 -25.46 7.22
N GLN A 562 20.47 -25.96 5.98
CA GLN A 562 20.03 -25.17 4.84
C GLN A 562 18.53 -24.86 4.94
N TYR A 563 17.73 -25.88 5.24
CA TYR A 563 16.29 -25.66 5.41
C TYR A 563 16.03 -24.58 6.47
N ALA A 564 16.65 -24.73 7.63
CA ALA A 564 16.42 -23.80 8.74
C ALA A 564 16.85 -22.38 8.38
N ILE A 565 18.06 -22.23 7.83
CA ILE A 565 18.59 -20.90 7.57
C ILE A 565 17.80 -20.20 6.46
N ASN A 566 17.32 -20.96 5.47
CA ASN A 566 16.46 -20.36 4.45
C ASN A 566 15.19 -19.81 5.09
N LEU A 567 14.58 -20.59 5.99
CA LEU A 567 13.39 -20.11 6.67
C LEU A 567 13.68 -18.84 7.47
N CYS A 568 14.79 -18.82 8.19
CA CYS A 568 15.13 -17.66 9.02
C CYS A 568 15.23 -16.39 8.17
N ILE A 569 16.02 -16.45 7.10
CA ILE A 569 16.27 -15.23 6.33
C ILE A 569 15.02 -14.80 5.56
N SER A 570 14.23 -15.77 5.08
CA SER A 570 13.04 -15.40 4.34
C SER A 570 12.01 -14.74 5.25
N THR A 571 11.86 -15.25 6.48
CA THR A 571 10.96 -14.60 7.42
C THR A 571 11.41 -13.18 7.72
N LYS A 572 12.72 -12.97 7.89
CA LYS A 572 13.19 -11.61 8.16
C LYS A 572 12.90 -10.67 7.00
N ASP A 573 13.14 -11.10 5.77
CA ASP A 573 12.95 -10.21 4.62
C ASP A 573 11.48 -9.90 4.38
N VAL A 574 10.59 -10.89 4.57
CA VAL A 574 9.16 -10.60 4.45
C VAL A 574 8.73 -9.61 5.53
N SER A 575 9.25 -9.79 6.75
CA SER A 575 8.97 -8.83 7.82
C SER A 575 9.38 -7.42 7.42
N ARG A 576 10.54 -7.27 6.77
CA ARG A 576 10.99 -5.94 6.38
C ARG A 576 10.09 -5.32 5.29
N TYR A 577 9.69 -6.15 4.31
CA TYR A 577 8.76 -5.70 3.28
C TYR A 577 7.51 -5.07 3.92
N PHE A 578 6.92 -5.79 4.87
CA PHE A 578 5.71 -5.26 5.47
C PHE A 578 5.98 -4.16 6.49
N GLU A 579 7.19 -4.12 7.07
CA GLU A 579 7.54 -3.00 7.94
C GLU A 579 7.55 -1.69 7.17
N GLN A 580 8.26 -1.68 6.03
CA GLN A 580 8.30 -0.43 5.27
C GLN A 580 6.94 -0.10 4.66
N ARG A 581 6.06 -1.08 4.49
CA ARG A 581 4.76 -0.71 3.92
C ARG A 581 3.72 -0.32 4.96
N PHE A 582 3.82 -0.80 6.21
CA PHE A 582 2.80 -0.52 7.21
C PHE A 582 3.34 -0.11 8.57
N LEU A 583 4.65 -0.20 8.80
CA LEU A 583 5.24 0.10 10.10
C LEU A 583 6.29 1.21 9.99
N GLN A 584 6.00 2.20 9.14
CA GLN A 584 6.96 3.28 8.90
C GLN A 584 7.36 3.95 10.21
N MET A 585 8.61 4.43 10.26
CA MET A 585 9.14 5.17 11.40
C MET A 585 9.56 6.55 10.91
N PRO A 586 8.62 7.49 10.82
CA PRO A 586 8.96 8.82 10.30
C PRO A 586 9.98 9.57 11.15
N PHE A 587 10.01 9.36 12.47
CA PHE A 587 11.00 10.07 13.28
C PHE A 587 12.42 9.61 12.94
N VAL A 588 12.61 8.29 12.84
CA VAL A 588 13.93 7.77 12.45
C VAL A 588 14.29 8.25 11.06
N SER A 589 13.31 8.26 10.15
CA SER A 589 13.56 8.76 8.79
C SER A 589 13.96 10.23 8.79
N ALA A 590 13.42 11.00 9.74
CA ALA A 590 13.73 12.44 9.78
C ALA A 590 15.17 12.69 10.18
N ILE A 591 15.72 11.88 11.07
CA ILE A 591 17.08 12.09 11.57
C ILE A 591 18.11 11.28 10.80
N ASP A 592 17.72 10.71 9.66
CA ASP A 592 18.64 10.05 8.75
C ASP A 592 18.79 10.93 7.51
N ASP A 593 20.02 11.31 7.19
CA ASP A 593 20.24 12.21 6.06
C ASP A 593 19.82 11.56 4.75
N GLY A 594 20.02 10.25 4.62
CA GLY A 594 19.64 9.57 3.40
C GLY A 594 18.13 9.48 3.23
N CYS A 595 17.42 9.10 4.31
CA CYS A 595 15.97 9.03 4.23
C CYS A 595 15.35 10.40 3.95
N MET A 596 15.88 11.45 4.60
CA MET A 596 15.36 12.79 4.37
C MET A 596 15.67 13.27 2.96
N GLU A 597 16.88 12.99 2.46
CA GLU A 597 17.24 13.43 1.11
C GLU A 597 16.41 12.72 0.05
N LEU A 598 16.19 11.41 0.23
CA LEU A 598 15.47 10.62 -0.75
C LEU A 598 13.97 10.54 -0.49
N GLY A 599 13.49 11.07 0.63
CA GLY A 599 12.09 10.98 0.96
C GLY A 599 11.60 9.56 1.07
N MET A 600 12.32 8.74 1.83
CA MET A 600 12.02 7.33 1.98
C MET A 600 11.97 6.95 3.45
N ASP A 601 11.29 5.83 3.72
CA ASP A 601 11.20 5.31 5.07
C ASP A 601 12.50 4.65 5.49
N ALA A 602 12.75 4.63 6.81
CA ALA A 602 13.98 4.05 7.34
C ALA A 602 14.08 2.56 7.04
N CYS A 603 12.94 1.88 6.89
CA CYS A 603 12.96 0.46 6.57
C CYS A 603 13.06 0.20 5.07
N ALA A 604 12.65 1.16 4.24
CA ALA A 604 12.76 0.98 2.79
C ALA A 604 14.20 1.12 2.32
N LEU A 605 14.88 2.19 2.75
CA LEU A 605 16.24 2.45 2.31
C LEU A 605 17.24 1.61 3.09
N SER A 606 18.23 1.06 2.38
CA SER A 606 19.28 0.23 2.97
C SER A 606 20.58 0.51 2.21
N GLU A 607 21.21 1.63 2.54
CA GLU A 607 22.43 2.05 1.85
C GLU A 607 23.64 1.25 2.28
N GLN A 608 23.63 0.66 3.47
CA GLN A 608 24.75 -0.18 3.94
C GLN A 608 24.21 -1.54 4.33
N PRO A 609 24.49 -2.60 3.57
CA PRO A 609 24.06 -3.93 3.97
C PRO A 609 24.78 -4.40 5.22
N ASN A 610 24.06 -5.16 6.05
CA ASN A 610 24.65 -5.72 7.26
C ASN A 610 24.01 -7.05 7.63
N GLY A 611 23.62 -7.87 6.65
CA GLY A 611 22.88 -9.07 6.94
C GLY A 611 23.70 -10.08 7.73
N TRP A 612 23.04 -10.73 8.69
CA TRP A 612 23.68 -11.75 9.51
C TRP A 612 22.60 -12.56 10.22
N HIS A 613 23.01 -13.70 10.76
CA HIS A 613 22.18 -14.53 11.62
C HIS A 613 23.08 -15.18 12.67
N ASN A 614 22.51 -15.49 13.84
CA ASN A 614 23.31 -15.93 14.97
C ASN A 614 23.26 -17.45 15.10
N PRO A 615 24.36 -18.17 14.91
CA PRO A 615 24.40 -19.59 15.31
C PRO A 615 24.66 -19.71 16.80
N ILE A 616 23.70 -20.28 17.52
CA ILE A 616 23.79 -20.50 18.95
C ILE A 616 23.80 -22.00 19.22
N THR A 617 24.62 -22.43 20.17
CA THR A 617 24.83 -23.85 20.50
C THR A 617 25.61 -24.57 19.40
N THR A 618 26.59 -23.88 18.81
CA THR A 618 27.38 -24.47 17.74
C THR A 618 28.34 -25.53 18.26
N ILE A 619 29.00 -25.26 19.38
CA ILE A 619 30.07 -26.13 19.84
C ILE A 619 29.53 -27.47 20.32
N VAL A 620 28.29 -27.51 20.82
CA VAL A 620 27.70 -28.80 21.17
C VAL A 620 27.61 -29.69 19.94
N ALA A 621 27.10 -29.13 18.83
CA ALA A 621 27.02 -29.90 17.58
C ALA A 621 28.40 -30.26 17.07
N ALA A 622 29.37 -29.35 17.16
CA ALA A 622 30.71 -29.62 16.66
C ALA A 622 31.38 -30.74 17.45
N ASN A 623 31.33 -30.66 18.78
CA ASN A 623 31.89 -31.71 19.61
C ASN A 623 31.16 -33.03 19.41
N SER A 624 29.84 -32.98 19.20
CA SER A 624 29.09 -34.20 18.93
C SER A 624 29.56 -34.84 17.63
N LEU A 625 29.77 -34.05 16.59
CA LEU A 625 30.27 -34.59 15.33
C LEU A 625 31.67 -35.17 15.49
N VAL A 626 32.52 -34.49 16.26
CA VAL A 626 33.87 -34.99 16.49
C VAL A 626 33.81 -36.33 17.22
N ALA A 627 32.94 -36.45 18.22
CA ALA A 627 32.82 -37.69 18.97
C ALA A 627 32.22 -38.80 18.09
N ILE A 628 31.26 -38.46 17.24
CA ILE A 628 30.68 -39.45 16.33
C ILE A 628 31.75 -40.01 15.40
N LYS A 629 32.55 -39.11 14.81
CA LYS A 629 33.64 -39.59 13.95
C LYS A 629 34.63 -40.42 14.76
N LYS A 630 35.00 -39.96 15.95
CA LYS A 630 35.99 -40.65 16.77
C LYS A 630 35.54 -42.07 17.08
N LEU A 631 34.43 -42.21 17.79
CA LEU A 631 34.05 -43.51 18.33
C LEU A 631 33.21 -44.35 17.36
N VAL A 632 32.28 -43.73 16.63
CA VAL A 632 31.34 -44.49 15.82
C VAL A 632 32.01 -45.02 14.56
N PHE A 633 32.81 -44.20 13.89
CA PHE A 633 33.34 -44.53 12.56
C PHE A 633 34.82 -44.91 12.60
N GLU A 634 35.69 -44.04 13.11
CA GLU A 634 37.12 -44.32 13.06
C GLU A 634 37.50 -45.50 13.96
N GLU A 635 37.00 -45.52 15.19
CA GLU A 635 37.29 -46.62 16.11
C GLU A 635 36.23 -47.72 16.06
N LYS A 636 35.09 -47.48 15.40
CA LYS A 636 33.96 -48.40 15.30
C LYS A 636 33.64 -49.06 16.63
N LYS A 637 33.78 -48.29 17.72
CA LYS A 637 33.52 -48.83 19.05
C LYS A 637 32.03 -48.95 19.32
N TYR A 638 31.24 -47.99 18.85
CA TYR A 638 29.79 -48.06 18.93
C TYR A 638 29.20 -47.82 17.54
N THR A 639 28.05 -48.45 17.29
CA THR A 639 27.32 -48.19 16.07
C THR A 639 26.40 -47.00 16.27
N LEU A 640 25.97 -46.41 15.15
CA LEU A 640 25.01 -45.32 15.22
C LEU A 640 23.74 -45.74 15.93
N GLU A 641 23.33 -47.01 15.75
CA GLU A 641 22.11 -47.48 16.40
C GLU A 641 22.29 -47.62 17.90
N GLN A 642 23.46 -48.06 18.35
CA GLN A 642 23.76 -48.08 19.77
C GLN A 642 23.73 -46.67 20.35
N LEU A 643 24.35 -45.71 19.66
CA LEU A 643 24.34 -44.34 20.12
C LEU A 643 22.93 -43.78 20.19
N SER A 644 22.09 -44.08 19.20
CA SER A 644 20.72 -43.60 19.22
C SER A 644 19.93 -44.26 20.35
N GLN A 645 20.15 -45.55 20.59
CA GLN A 645 19.50 -46.22 21.71
C GLN A 645 19.90 -45.59 23.03
N ALA A 646 21.19 -45.25 23.18
CA ALA A 646 21.63 -44.57 24.39
C ALA A 646 20.99 -43.20 24.54
N LEU A 647 20.88 -42.46 23.44
CA LEU A 647 20.26 -41.14 23.48
C LEU A 647 18.79 -41.22 23.87
N LYS A 648 18.05 -42.18 23.29
CA LYS A 648 16.65 -42.36 23.66
C LYS A 648 16.51 -42.75 25.13
N ALA A 649 17.54 -43.38 25.70
CA ALA A 649 17.54 -43.76 27.10
C ALA A 649 18.12 -42.69 28.02
N ASN A 650 18.53 -41.54 27.48
CA ASN A 650 19.20 -40.50 28.26
C ASN A 650 20.41 -41.06 29.00
N TRP A 651 21.16 -41.93 28.31
CA TRP A 651 22.35 -42.57 28.83
C TRP A 651 22.09 -43.44 30.06
N GLU A 652 20.83 -43.86 30.28
CA GLU A 652 20.53 -44.69 31.43
C GLU A 652 20.93 -46.13 31.13
N GLY A 653 21.86 -46.66 31.92
CA GLY A 653 22.47 -47.93 31.61
C GLY A 653 23.56 -47.84 30.56
N PHE A 654 23.83 -46.65 30.04
CA PHE A 654 24.86 -46.42 29.05
C PHE A 654 25.89 -45.42 29.56
N GLU A 655 26.16 -45.44 30.87
CA GLU A 655 27.04 -44.44 31.46
C GLU A 655 28.46 -44.59 30.93
N GLU A 656 28.94 -45.83 30.74
CA GLU A 656 30.26 -46.04 30.17
C GLU A 656 30.38 -45.41 28.79
N MET A 657 29.35 -45.61 27.96
CA MET A 657 29.31 -44.97 26.65
C MET A 657 29.29 -43.45 26.78
N ARG A 658 28.56 -42.95 27.78
CA ARG A 658 28.48 -41.50 27.98
C ARG A 658 29.83 -40.91 28.34
N VAL A 659 30.59 -41.58 29.22
CA VAL A 659 31.91 -41.10 29.57
C VAL A 659 32.87 -41.21 28.39
N ASP A 660 32.73 -42.28 27.60
CA ASP A 660 33.56 -42.41 26.40
C ASP A 660 33.30 -41.25 25.43
N PHE A 661 32.04 -40.88 25.24
CA PHE A 661 31.74 -39.77 24.33
C PHE A 661 32.16 -38.44 24.93
N LYS A 662 32.04 -38.29 26.25
CA LYS A 662 32.50 -37.07 26.90
C LYS A 662 34.00 -36.93 26.81
N ARG A 663 34.73 -38.05 26.95
CA ARG A 663 36.19 -38.03 26.88
C ARG A 663 36.72 -37.92 25.46
N ALA A 664 35.84 -37.89 24.46
CA ALA A 664 36.27 -37.67 23.09
C ALA A 664 36.86 -36.27 22.95
N PRO A 665 37.74 -36.06 21.96
CA PRO A 665 38.38 -34.75 21.81
C PRO A 665 37.37 -33.62 21.67
N LYS A 666 37.63 -32.51 22.37
CA LYS A 666 36.70 -31.41 22.48
C LYS A 666 37.35 -30.10 22.03
N TRP A 667 36.51 -29.12 21.75
CA TRP A 667 36.97 -27.81 21.32
C TRP A 667 37.61 -27.04 22.47
N GLY A 668 38.69 -26.33 22.17
CA GLY A 668 39.36 -25.50 23.15
C GLY A 668 40.53 -26.15 23.86
N ASN A 669 40.96 -27.33 23.43
CA ASN A 669 42.12 -28.01 24.00
C ASN A 669 43.29 -28.07 23.03
N ASP A 670 43.23 -27.33 21.92
CA ASP A 670 44.26 -27.35 20.87
C ASP A 670 44.47 -28.74 20.29
N ASP A 671 43.43 -29.56 20.25
CA ASP A 671 43.51 -30.88 19.65
C ASP A 671 43.44 -30.74 18.13
N ASP A 672 44.42 -31.33 17.44
CA ASP A 672 44.46 -31.20 15.98
C ASP A 672 43.26 -31.88 15.32
N TYR A 673 42.86 -33.05 15.83
CA TYR A 673 41.74 -33.79 15.27
C TYR A 673 40.44 -33.01 15.43
N ALA A 674 40.12 -32.65 16.67
CA ALA A 674 38.89 -31.93 16.95
C ALA A 674 38.89 -30.56 16.26
N ASP A 675 40.00 -29.84 16.35
CA ASP A 675 40.03 -28.50 15.76
C ASP A 675 39.94 -28.55 14.25
N GLY A 676 40.53 -29.57 13.62
CA GLY A 676 40.39 -29.70 12.17
C GLY A 676 38.94 -29.89 11.77
N ILE A 677 38.27 -30.85 12.42
CA ILE A 677 36.87 -31.11 12.06
C ILE A 677 36.00 -29.88 12.36
N ILE A 678 36.25 -29.22 13.50
CA ILE A 678 35.38 -28.13 13.92
C ILE A 678 35.63 -26.88 13.08
N THR A 679 36.87 -26.64 12.67
CA THR A 679 37.15 -25.52 11.77
C THR A 679 36.47 -25.74 10.42
N ARG A 680 36.53 -26.96 9.90
CA ARG A 680 35.77 -27.26 8.69
C ARG A 680 34.28 -27.05 8.91
N PHE A 681 33.78 -27.44 10.09
CA PHE A 681 32.37 -27.23 10.41
C PHE A 681 31.99 -25.76 10.41
N TYR A 682 32.88 -24.91 10.94
CA TYR A 682 32.61 -23.48 11.03
C TYR A 682 32.64 -22.83 9.65
N GLU A 683 33.64 -23.17 8.84
CA GLU A 683 33.87 -22.46 7.59
C GLU A 683 33.04 -23.00 6.43
N GLU A 684 32.84 -24.33 6.38
CA GLU A 684 32.18 -24.96 5.25
C GLU A 684 30.66 -24.94 5.37
N ILE A 685 30.12 -25.11 6.58
CA ILE A 685 28.68 -25.27 6.79
C ILE A 685 28.08 -24.03 7.47
N ILE A 686 28.56 -23.69 8.66
CA ILE A 686 27.95 -22.61 9.43
C ILE A 686 28.07 -21.29 8.69
N GLY A 687 29.27 -21.01 8.16
CA GLY A 687 29.45 -19.82 7.35
C GLY A 687 29.19 -20.07 5.87
N GLY A 688 29.60 -21.23 5.38
CA GLY A 688 29.56 -21.47 3.95
C GLY A 688 28.16 -21.47 3.38
N GLU A 689 27.24 -22.18 4.03
CA GLU A 689 25.87 -22.26 3.50
C GLU A 689 25.11 -20.96 3.73
N MET A 690 25.37 -20.29 4.85
CA MET A 690 24.63 -19.04 5.17
C MET A 690 24.90 -17.94 4.13
N ARG A 691 26.13 -17.84 3.64
CA ARG A 691 26.51 -16.74 2.71
C ARG A 691 25.90 -16.93 1.31
N LYS A 692 25.45 -18.14 1.01
CA LYS A 692 24.80 -18.42 -0.29
C LYS A 692 23.55 -17.53 -0.29
N ILE A 693 22.88 -17.43 0.86
CA ILE A 693 21.65 -16.60 0.97
C ILE A 693 21.98 -15.11 0.87
N THR A 694 21.17 -14.36 0.11
CA THR A 694 21.31 -12.92 -0.05
C THR A 694 20.07 -12.25 0.55
N ASN A 695 20.29 -11.16 1.29
CA ASN A 695 19.21 -10.53 2.04
C ASN A 695 18.58 -9.41 1.20
N TYR A 696 17.69 -8.64 1.84
CA TYR A 696 16.97 -7.58 1.16
C TYR A 696 17.90 -6.52 0.59
N SER A 697 19.01 -6.24 1.29
CA SER A 697 19.94 -5.19 0.87
C SER A 697 20.91 -5.63 -0.21
N GLY A 698 20.89 -6.90 -0.63
CA GLY A 698 21.79 -7.37 -1.66
C GLY A 698 23.13 -7.88 -1.15
N GLY A 699 23.35 -7.89 0.17
CA GLY A 699 24.58 -8.38 0.72
C GLY A 699 24.48 -9.85 1.11
N PRO A 700 25.60 -10.46 1.43
CA PRO A 700 25.57 -11.84 1.93
C PRO A 700 25.10 -11.87 3.38
N VAL A 701 24.76 -13.07 3.83
CA VAL A 701 24.39 -13.31 5.22
C VAL A 701 25.49 -14.14 5.85
N MET A 702 26.08 -13.62 6.92
CA MET A 702 27.21 -14.27 7.55
C MET A 702 26.94 -14.56 9.02
N PRO A 703 27.51 -15.65 9.55
CA PRO A 703 27.19 -16.05 10.93
C PRO A 703 27.87 -15.14 11.95
N THR A 704 27.09 -14.71 12.95
CA THR A 704 27.58 -13.96 14.10
C THR A 704 27.35 -14.87 15.32
N GLY A 705 28.38 -15.62 15.70
CA GLY A 705 28.23 -16.63 16.72
C GLY A 705 28.16 -16.02 18.11
N GLN A 706 27.12 -16.36 18.85
CA GLN A 706 26.92 -15.91 20.22
C GLN A 706 25.80 -16.72 20.85
N ALA A 707 25.74 -16.73 22.19
CA ALA A 707 24.72 -17.55 22.91
C ALA A 707 23.67 -16.68 23.60
N VAL A 708 24.07 -15.68 24.38
CA VAL A 708 23.12 -14.69 25.00
C VAL A 708 22.02 -15.39 25.82
N GLY A 709 22.35 -16.41 26.60
CA GLY A 709 21.29 -17.02 27.44
C GLY A 709 20.44 -18.00 26.66
N LEU A 710 20.13 -17.72 25.40
CA LEU A 710 19.42 -18.72 24.57
C LEU A 710 20.08 -20.10 24.76
N TYR A 711 21.37 -20.14 25.04
CA TYR A 711 21.99 -21.46 25.16
C TYR A 711 21.33 -22.27 26.27
N MET A 712 20.94 -21.62 27.37
CA MET A 712 20.24 -22.33 28.43
C MET A 712 18.89 -22.85 27.96
N GLU A 713 18.08 -21.98 27.36
CA GLU A 713 16.74 -22.37 26.93
C GLU A 713 16.80 -23.46 25.88
N VAL A 714 17.65 -23.28 24.86
CA VAL A 714 17.74 -24.26 23.79
C VAL A 714 18.29 -25.58 24.32
N GLY A 715 19.22 -25.54 25.29
CA GLY A 715 19.69 -26.78 25.88
C GLY A 715 18.59 -27.49 26.64
N SER A 716 17.76 -26.74 27.36
CA SER A 716 16.63 -27.35 28.04
C SER A 716 15.62 -27.93 27.06
N ARG A 717 15.55 -27.35 25.85
CA ARG A 717 14.67 -27.89 24.81
C ARG A 717 15.34 -28.96 23.95
N THR A 718 16.67 -29.10 24.03
CA THR A 718 17.38 -30.09 23.25
C THR A 718 17.52 -31.38 24.06
N GLY A 719 17.38 -32.51 23.37
CA GLY A 719 17.59 -33.80 23.99
C GLY A 719 19.07 -34.12 24.17
N PRO A 720 19.36 -35.34 24.60
CA PRO A 720 20.77 -35.71 24.79
C PRO A 720 21.52 -35.73 23.46
N THR A 721 22.81 -35.44 23.52
CA THR A 721 23.65 -35.31 22.35
C THR A 721 24.89 -36.16 22.50
N PRO A 722 25.52 -36.55 21.38
CA PRO A 722 26.74 -37.37 21.47
C PRO A 722 27.92 -36.66 22.12
N ASP A 723 27.83 -35.37 22.42
CA ASP A 723 28.91 -34.70 23.14
C ASP A 723 28.95 -35.08 24.61
N GLY A 724 27.93 -35.76 25.12
CA GLY A 724 27.88 -36.16 26.51
C GLY A 724 26.79 -35.50 27.33
N ARG A 725 25.92 -34.70 26.73
CA ARG A 725 24.88 -34.00 27.47
C ARG A 725 23.74 -34.93 27.84
N PHE A 726 23.20 -34.74 29.04
CA PHE A 726 21.90 -35.29 29.35
C PHE A 726 20.82 -34.39 28.74
N GLY A 727 19.62 -34.93 28.63
CA GLY A 727 18.51 -34.16 28.11
C GLY A 727 18.23 -32.95 28.99
N GLY A 728 18.06 -31.79 28.38
CA GLY A 728 17.75 -30.58 29.12
C GLY A 728 18.96 -29.84 29.65
N GLU A 729 20.17 -30.37 29.48
CA GLU A 729 21.36 -29.68 29.94
C GLU A 729 21.72 -28.56 29.00
N ALA A 730 22.30 -27.50 29.55
CA ALA A 730 22.59 -26.30 28.77
C ALA A 730 23.74 -26.54 27.79
N ALA A 731 23.73 -25.77 26.71
CA ALA A 731 24.73 -25.88 25.66
C ALA A 731 25.89 -24.92 25.92
N ASP A 732 26.75 -24.74 24.92
CA ASP A 732 27.92 -23.88 25.04
C ASP A 732 27.51 -22.41 25.21
N ASP A 733 28.30 -21.69 25.98
CA ASP A 733 27.97 -20.32 26.39
C ASP A 733 28.35 -19.26 25.37
N GLY A 734 28.93 -19.62 24.23
CA GLY A 734 29.34 -18.63 23.26
C GLY A 734 29.32 -19.16 21.85
N GLY A 735 29.59 -18.25 20.90
CA GLY A 735 29.70 -18.65 19.51
C GLY A 735 30.92 -19.52 19.24
N ILE A 736 32.02 -19.24 19.92
CA ILE A 736 33.27 -19.97 19.74
C ILE A 736 33.86 -20.46 21.05
N SER A 737 33.19 -20.21 22.18
CA SER A 737 33.71 -20.64 23.47
C SER A 737 33.67 -22.16 23.58
N PRO A 738 34.63 -22.76 24.30
CA PRO A 738 34.58 -24.19 24.57
C PRO A 738 33.45 -24.52 25.55
N TYR A 739 32.90 -25.72 25.40
CA TYR A 739 31.83 -26.14 26.29
C TYR A 739 32.32 -26.17 27.73
N MET A 740 31.44 -25.80 28.66
CA MET A 740 31.82 -25.60 30.04
C MET A 740 32.47 -26.85 30.63
N GLY A 741 33.68 -26.67 31.18
CA GLY A 741 34.39 -27.76 31.81
C GLY A 741 35.06 -28.74 30.88
N THR A 742 35.15 -28.43 29.58
CA THR A 742 35.77 -29.33 28.62
C THR A 742 37.16 -28.87 28.17
N ASP A 743 37.61 -27.70 28.61
CA ASP A 743 38.93 -27.21 28.29
C ASP A 743 39.86 -27.51 29.46
N LYS A 744 40.91 -28.29 29.21
CA LYS A 744 41.79 -28.76 30.27
C LYS A 744 43.26 -28.41 30.03
N LYS A 745 43.56 -27.55 29.05
CA LYS A 745 44.94 -27.26 28.68
C LYS A 745 45.32 -25.79 28.93
N GLY A 746 44.52 -25.03 29.67
CA GLY A 746 44.87 -23.66 29.97
C GLY A 746 44.31 -22.68 28.95
N PRO A 747 44.50 -21.39 29.21
CA PRO A 747 43.89 -20.37 28.32
C PRO A 747 44.55 -20.28 26.96
N THR A 748 45.87 -20.48 26.86
CA THR A 748 46.55 -20.34 25.58
C THR A 748 46.08 -21.38 24.58
N ALA A 749 45.76 -22.59 25.04
CA ALA A 749 45.22 -23.61 24.13
C ALA A 749 43.86 -23.20 23.59
N VAL A 750 43.01 -22.63 24.46
CA VAL A 750 41.74 -22.09 24.02
C VAL A 750 41.95 -21.02 22.96
N LEU A 751 42.96 -20.16 23.17
CA LEU A 751 43.23 -19.10 22.21
C LEU A 751 43.64 -19.66 20.86
N ARG A 752 44.54 -20.65 20.85
CA ARG A 752 44.99 -21.21 19.57
C ARG A 752 43.84 -21.89 18.85
N SER A 753 43.04 -22.67 19.58
CA SER A 753 41.88 -23.32 18.98
C SER A 753 40.95 -22.29 18.35
N VAL A 754 40.57 -21.26 19.11
CA VAL A 754 39.67 -20.24 18.58
C VAL A 754 40.28 -19.57 17.37
N SER A 755 41.59 -19.31 17.41
CA SER A 755 42.26 -18.63 16.32
C SER A 755 42.24 -19.44 15.03
N LYS A 756 42.08 -20.76 15.12
CA LYS A 756 42.11 -21.58 13.90
C LYS A 756 40.97 -21.23 12.93
N VAL A 757 39.86 -20.69 13.43
CA VAL A 757 38.69 -20.38 12.59
C VAL A 757 38.80 -18.96 12.06
N GLN A 758 38.95 -18.82 10.74
CA GLN A 758 39.16 -17.50 10.13
C GLN A 758 38.30 -17.19 8.91
N LYS A 759 37.52 -18.14 8.38
CA LYS A 759 36.81 -17.94 7.12
C LYS A 759 35.29 -17.91 7.33
N ASN A 760 34.63 -17.03 6.58
CA ASN A 760 33.18 -17.01 6.41
C ASN A 760 32.43 -16.68 7.70
N GLN A 761 33.04 -15.93 8.61
CA GLN A 761 32.38 -15.51 9.83
C GLN A 761 32.27 -13.99 9.88
N LYS A 762 31.15 -13.50 10.41
CA LYS A 762 31.02 -12.08 10.73
C LYS A 762 31.38 -11.80 12.18
N GLY A 763 31.23 -12.79 13.06
CA GLY A 763 31.57 -12.64 14.46
C GLY A 763 31.42 -13.93 15.25
N ASN A 764 32.17 -14.05 16.34
CA ASN A 764 32.06 -15.21 17.21
C ASN A 764 32.39 -14.78 18.64
N LEU A 765 31.41 -14.95 19.54
CA LEU A 765 31.58 -14.56 20.93
C LEU A 765 32.48 -15.56 21.67
N LEU A 766 33.43 -15.04 22.44
CA LEU A 766 34.31 -15.85 23.27
C LEU A 766 34.19 -15.43 24.72
N ASN A 767 33.79 -16.37 25.57
CA ASN A 767 33.70 -16.16 27.01
C ASN A 767 34.87 -16.85 27.70
N GLN A 768 35.59 -16.11 28.53
CA GLN A 768 36.71 -16.67 29.29
C GLN A 768 36.66 -16.19 30.73
N ARG A 769 37.04 -17.08 31.65
CA ARG A 769 37.05 -16.80 33.08
C ARG A 769 38.49 -16.76 33.56
N LEU A 770 38.92 -15.60 34.06
CA LEU A 770 40.29 -15.40 34.51
C LEU A 770 40.37 -15.52 36.03
N SER A 771 41.54 -15.89 36.52
CA SER A 771 41.72 -16.12 37.94
C SER A 771 41.66 -14.79 38.70
N VAL A 772 40.96 -14.81 39.84
CA VAL A 772 40.73 -13.58 40.60
C VAL A 772 42.04 -13.00 41.16
N PRO A 773 42.90 -13.77 41.84
CA PRO A 773 44.11 -13.15 42.41
C PRO A 773 45.02 -12.54 41.36
N ILE A 774 45.17 -13.20 40.21
CA ILE A 774 46.03 -12.68 39.15
C ILE A 774 45.51 -11.36 38.63
N MET A 775 44.19 -11.25 38.44
CA MET A 775 43.61 -10.04 37.88
C MET A 775 43.59 -8.90 38.90
N ARG A 776 43.34 -9.22 40.17
CA ARG A 776 43.23 -8.20 41.20
C ARG A 776 44.58 -7.87 41.85
N SER A 777 45.67 -8.48 41.41
CA SER A 777 46.98 -8.14 41.91
C SER A 777 47.55 -6.95 41.16
N LYS A 778 48.71 -6.46 41.63
CA LYS A 778 49.38 -5.37 40.94
C LYS A 778 49.92 -5.79 39.58
N HIS A 779 50.00 -7.08 39.32
CA HIS A 779 50.43 -7.61 38.02
C HIS A 779 49.27 -7.81 37.06
N GLY A 780 48.05 -7.45 37.45
CA GLY A 780 46.89 -7.75 36.62
C GLY A 780 46.95 -7.11 35.25
N PHE A 781 47.27 -5.82 35.19
CA PHE A 781 47.21 -5.11 33.91
C PHE A 781 48.20 -5.68 32.92
N GLU A 782 49.44 -5.94 33.35
CA GLU A 782 50.44 -6.41 32.39
C GLU A 782 50.03 -7.74 31.76
N ILE A 783 49.54 -8.67 32.58
CA ILE A 783 49.11 -9.97 32.06
C ILE A 783 47.90 -9.81 31.15
N TRP A 784 46.93 -9.00 31.55
CA TRP A 784 45.74 -8.82 30.72
C TRP A 784 46.09 -8.15 29.40
N ASN A 785 47.00 -7.19 29.43
CA ASN A 785 47.42 -6.50 28.21
C ASN A 785 48.18 -7.44 27.28
N SER A 786 49.06 -8.28 27.84
CA SER A 786 49.73 -9.28 27.00
C SER A 786 48.72 -10.24 26.36
N TYR A 787 47.72 -10.65 27.15
CA TYR A 787 46.66 -11.51 26.61
C TYR A 787 45.95 -10.83 25.45
N ILE A 788 45.58 -9.56 25.63
CA ILE A 788 44.86 -8.85 24.57
C ILE A 788 45.75 -8.64 23.35
N LYS A 789 47.03 -8.39 23.55
CA LYS A 789 47.95 -8.20 22.43
C LYS A 789 48.09 -9.48 21.61
N THR A 790 48.28 -10.61 22.28
CA THR A 790 48.35 -11.88 21.54
C THR A 790 47.03 -12.20 20.88
N TRP A 791 45.92 -11.93 21.56
CA TRP A 791 44.59 -12.17 21.01
C TRP A 791 44.36 -11.34 19.76
N HIS A 792 44.88 -10.11 19.74
CA HIS A 792 44.78 -9.28 18.54
C HIS A 792 45.67 -9.81 17.43
N ASP A 793 46.88 -10.23 17.76
CA ASP A 793 47.78 -10.76 16.75
C ASP A 793 47.31 -12.12 16.23
N LEU A 794 46.47 -12.83 16.98
CA LEU A 794 45.90 -14.09 16.53
C LEU A 794 44.65 -13.90 15.68
N ASN A 795 44.23 -12.65 15.46
CA ASN A 795 43.09 -12.31 14.60
C ASN A 795 41.78 -12.93 15.11
N ILE A 796 41.59 -12.93 16.42
CA ILE A 796 40.36 -13.42 17.02
C ILE A 796 39.34 -12.28 17.08
N ASP A 797 38.08 -12.62 16.81
CA ASP A 797 37.05 -11.61 16.61
C ASP A 797 36.68 -10.90 17.91
N HIS A 798 36.63 -11.64 19.02
CA HIS A 798 36.06 -11.07 20.25
C HIS A 798 36.49 -11.92 21.44
N VAL A 799 36.51 -11.28 22.61
CA VAL A 799 36.74 -11.97 23.88
C VAL A 799 36.14 -11.12 25.00
N GLN A 800 35.57 -11.79 26.00
CA GLN A 800 35.01 -11.12 27.15
C GLN A 800 35.24 -11.98 28.40
N PHE A 801 35.38 -11.31 29.54
CA PHE A 801 35.96 -11.92 30.73
C PHE A 801 35.01 -11.89 31.92
N ASN A 802 35.12 -12.93 32.75
CA ASN A 802 34.44 -13.04 34.04
C ASN A 802 35.51 -13.13 35.12
N VAL A 803 35.46 -12.22 36.10
CA VAL A 803 36.42 -12.27 37.21
C VAL A 803 35.62 -12.42 38.50
N VAL A 804 35.26 -13.67 38.82
CA VAL A 804 34.47 -13.99 40.01
C VAL A 804 34.90 -15.38 40.48
N SER A 805 35.08 -15.51 41.79
CA SER A 805 35.42 -16.80 42.37
C SER A 805 34.15 -17.61 42.60
N THR A 806 34.28 -18.93 42.53
CA THR A 806 33.13 -19.81 42.73
C THR A 806 32.53 -19.63 44.12
N ASP A 807 33.36 -19.34 45.12
CA ASP A 807 32.88 -19.27 46.50
C ASP A 807 31.88 -18.12 46.69
N GLU A 808 32.19 -16.95 46.14
CA GLU A 808 31.26 -15.82 46.28
C GLU A 808 29.94 -16.13 45.58
N MET A 809 29.99 -16.82 44.45
CA MET A 809 28.77 -17.16 43.74
C MET A 809 27.93 -18.16 44.51
N ARG A 810 28.58 -19.16 45.12
CA ARG A 810 27.84 -20.11 45.94
C ARG A 810 27.24 -19.43 47.16
N ALA A 811 27.99 -18.52 47.78
CA ALA A 811 27.45 -17.76 48.91
C ALA A 811 26.26 -16.91 48.48
N ALA A 812 26.32 -16.35 47.27
CA ALA A 812 25.18 -15.58 46.76
C ALA A 812 23.99 -16.48 46.46
N GLN A 813 24.25 -17.73 46.09
CA GLN A 813 23.15 -18.67 45.90
C GLN A 813 22.50 -19.02 47.24
N ARG A 814 23.32 -19.23 48.28
CA ARG A 814 22.79 -19.58 49.59
C ARG A 814 22.17 -18.36 50.28
N GLU A 815 22.84 -17.20 50.22
CA GLU A 815 22.37 -15.98 50.86
C GLU A 815 22.15 -14.92 49.79
N PRO A 816 21.04 -15.02 49.03
CA PRO A 816 20.83 -14.07 47.94
C PRO A 816 20.59 -12.64 48.39
N GLU A 817 20.00 -12.44 49.57
CA GLU A 817 19.67 -11.10 50.05
C GLU A 817 20.88 -10.31 50.51
N LYS A 818 22.07 -10.90 50.53
CA LYS A 818 23.28 -10.22 50.97
C LYS A 818 24.29 -9.97 49.85
N HIS A 819 23.95 -10.31 48.62
CA HIS A 819 24.86 -10.16 47.48
C HIS A 819 24.18 -9.43 46.33
N HIS A 820 23.47 -8.34 46.64
CA HIS A 820 22.69 -7.63 45.65
C HIS A 820 23.56 -6.96 44.60
N ASP A 821 24.80 -6.59 44.94
CA ASP A 821 25.67 -5.85 44.05
C ASP A 821 26.64 -6.74 43.28
N LEU A 822 26.49 -8.06 43.38
CA LEU A 822 27.32 -8.96 42.59
C LEU A 822 26.88 -8.92 41.13
N ILE A 823 27.81 -8.59 40.24
CA ILE A 823 27.54 -8.52 38.81
C ILE A 823 28.38 -9.59 38.12
N VAL A 824 27.76 -10.34 37.20
CA VAL A 824 28.43 -11.40 36.47
C VAL A 824 28.15 -11.21 34.99
N ARG A 825 28.91 -11.92 34.15
CA ARG A 825 28.78 -11.86 32.71
C ARG A 825 28.30 -13.19 32.16
N VAL A 826 27.23 -13.17 31.38
CA VAL A 826 26.65 -14.38 30.82
C VAL A 826 27.10 -14.70 29.40
N SER A 827 26.66 -13.91 28.43
CA SER A 827 27.16 -13.99 27.06
C SER A 827 26.69 -12.75 26.31
N GLY A 828 27.61 -11.81 26.07
CA GLY A 828 27.29 -10.57 25.40
C GLY A 828 26.59 -9.54 26.25
N TYR A 829 26.20 -9.87 27.48
CA TYR A 829 25.54 -8.94 28.38
C TYR A 829 25.87 -9.32 29.80
N SER A 830 25.75 -8.34 30.70
CA SER A 830 26.04 -8.53 32.12
C SER A 830 24.75 -8.49 32.93
N ALA A 831 24.69 -9.30 33.98
CA ALA A 831 23.48 -9.45 34.76
C ALA A 831 23.82 -9.45 36.25
N ARG A 832 22.84 -9.05 37.04
CA ARG A 832 22.94 -9.23 38.48
C ARG A 832 22.78 -10.70 38.80
N PHE A 833 23.83 -11.30 39.39
CA PHE A 833 23.86 -12.75 39.60
C PHE A 833 22.63 -13.23 40.35
N VAL A 834 22.19 -12.46 41.35
CA VAL A 834 21.11 -12.89 42.22
C VAL A 834 19.77 -12.91 41.50
N ASP A 835 19.68 -12.26 40.34
CA ASP A 835 18.46 -12.23 39.53
C ASP A 835 18.47 -13.29 38.43
N ILE A 836 19.52 -14.10 38.36
CA ILE A 836 19.62 -15.19 37.38
C ILE A 836 19.09 -16.45 38.03
N PRO A 837 18.25 -17.23 37.35
CA PRO A 837 17.76 -18.49 37.93
C PRO A 837 18.90 -19.44 38.25
N THR A 838 18.61 -20.40 39.13
CA THR A 838 19.64 -21.33 39.60
C THR A 838 20.28 -22.08 38.44
N TYR A 839 19.49 -22.41 37.42
CA TYR A 839 20.02 -23.06 36.23
C TYR A 839 21.14 -22.25 35.59
N GLY A 840 20.86 -20.98 35.28
CA GLY A 840 21.87 -20.13 34.66
C GLY A 840 23.03 -19.83 35.59
N GLN A 841 22.74 -19.64 36.87
CA GLN A 841 23.80 -19.44 37.86
C GLN A 841 24.76 -20.61 37.87
N ASN A 842 24.23 -21.84 37.76
CA ASN A 842 25.10 -23.02 37.79
C ASN A 842 25.87 -23.18 36.48
N THR A 843 25.28 -22.78 35.35
CA THR A 843 26.05 -22.79 34.11
C THR A 843 27.20 -21.78 34.19
N ILE A 844 26.96 -20.62 34.79
CA ILE A 844 28.03 -19.63 34.90
C ILE A 844 29.11 -20.09 35.86
N ILE A 845 28.71 -20.72 36.97
CA ILE A 845 29.68 -21.21 37.96
C ILE A 845 30.59 -22.27 37.33
N ALA A 846 30.03 -23.12 36.47
CA ALA A 846 30.76 -24.24 35.91
C ALA A 846 31.79 -23.84 34.86
N ARG A 847 31.85 -22.56 34.48
CA ARG A 847 32.88 -22.12 33.53
C ARG A 847 34.26 -22.19 34.17
N GLN A 848 35.22 -22.74 33.42
CA GLN A 848 36.55 -22.98 33.93
C GLN A 848 37.25 -21.66 34.28
N GLU A 849 37.68 -21.54 35.54
CA GLU A 849 38.49 -20.40 35.96
C GLU A 849 39.94 -20.66 35.56
N GLN A 850 40.37 -19.99 34.49
CA GLN A 850 41.71 -20.28 33.94
C GLN A 850 42.84 -19.64 34.76
N ASP A 851 44.02 -20.25 34.75
CA ASP A 851 45.19 -19.73 35.50
C ASP A 851 46.38 -19.74 34.55
N PHE A 852 47.34 -18.83 34.75
CA PHE A 852 48.46 -18.71 33.78
C PHE A 852 49.72 -19.39 34.27
N SER A 853 50.14 -20.45 33.57
CA SER A 853 51.40 -21.11 33.86
C SER A 853 52.55 -20.22 33.41
N ALA A 854 53.79 -20.70 33.63
CA ALA A 854 54.95 -20.00 33.10
C ALA A 854 54.94 -20.01 31.57
N SER A 855 54.66 -21.18 30.98
CA SER A 855 54.61 -21.27 29.52
C SER A 855 53.48 -20.44 28.94
N ASP A 856 52.36 -20.33 29.66
CA ASP A 856 51.27 -19.48 29.21
C ASP A 856 51.71 -18.02 29.09
N LEU A 857 52.32 -17.49 30.15
CA LEU A 857 52.83 -16.12 30.11
C LEU A 857 53.90 -15.96 29.04
N GLU A 858 54.73 -17.00 28.84
CA GLU A 858 55.76 -16.94 27.82
C GLU A 858 55.14 -16.84 26.43
N PHE A 859 54.09 -17.62 26.17
CA PHE A 859 53.35 -17.50 24.92
C PHE A 859 52.77 -16.10 24.75
N LEU A 860 52.30 -15.50 25.85
CA LEU A 860 51.71 -14.17 25.81
C LEU A 860 52.71 -13.04 25.78
N ASN A 861 54.02 -13.32 25.92
CA ASN A 861 55.04 -12.27 25.89
C ASN A 861 54.81 -11.34 27.08
N VAL A 862 54.69 -11.95 28.27
CA VAL A 862 54.53 -11.14 29.48
C VAL A 862 55.91 -10.75 29.99
N GLU A 863 56.12 -9.45 30.16
CA GLU A 863 57.41 -8.90 30.59
C GLU A 863 57.16 -8.06 31.83
N ILE A 864 57.65 -8.53 32.96
CA ILE A 864 57.43 -7.86 34.25
C ILE A 864 58.48 -6.79 34.48
N ASN B 35 1.85 -41.07 33.87
CA ASN B 35 2.75 -39.99 34.24
C ASN B 35 3.01 -39.04 33.07
N GLN B 36 2.72 -39.52 31.86
CA GLN B 36 2.88 -38.75 30.65
C GLN B 36 1.65 -37.87 30.42
N PRO B 37 1.81 -36.73 29.75
CA PRO B 37 0.67 -35.85 29.53
C PRO B 37 -0.37 -36.51 28.64
N HIS B 38 -1.64 -36.23 28.93
CA HIS B 38 -2.74 -36.77 28.15
C HIS B 38 -3.81 -35.70 28.00
N THR B 39 -4.69 -35.90 27.02
CA THR B 39 -5.75 -34.95 26.74
C THR B 39 -6.97 -35.26 27.60
N GLU B 40 -7.47 -34.23 28.30
CA GLU B 40 -8.68 -34.35 29.11
C GLU B 40 -9.50 -33.09 28.87
N VAL B 41 -10.66 -33.24 28.22
CA VAL B 41 -11.47 -32.09 27.85
C VAL B 41 -11.97 -31.39 29.10
N GLY B 42 -11.64 -30.11 29.23
CA GLY B 42 -12.11 -29.33 30.37
C GLY B 42 -11.69 -29.88 31.72
N THR B 43 -10.45 -30.37 31.82
CA THR B 43 -10.00 -30.97 33.07
C THR B 43 -10.07 -29.94 34.19
N ALA B 44 -10.34 -30.42 35.41
CA ALA B 44 -10.44 -29.52 36.55
C ALA B 44 -9.10 -28.91 36.90
N ARG B 45 -8.00 -29.60 36.56
CA ARG B 45 -6.64 -29.13 36.76
C ARG B 45 -5.90 -29.11 35.44
N PRO B 46 -5.94 -28.01 34.70
CA PRO B 46 -5.24 -27.95 33.42
C PRO B 46 -3.75 -27.79 33.63
N CYS B 47 -3.01 -28.05 32.55
CA CYS B 47 -1.58 -27.80 32.53
C CYS B 47 -1.28 -26.34 32.84
N ARG B 48 -2.21 -25.46 32.51
CA ARG B 48 -2.01 -24.02 32.70
C ARG B 48 -1.77 -23.68 34.16
N SER B 49 -2.47 -24.36 35.07
CA SER B 49 -2.35 -24.07 36.49
C SER B 49 -1.32 -24.94 37.21
N CYS B 50 -0.66 -25.85 36.50
CA CYS B 50 0.37 -26.68 37.12
C CYS B 50 1.65 -25.87 37.34
N LYS B 51 2.29 -26.10 38.49
CA LYS B 51 3.49 -25.35 38.82
C LYS B 51 4.68 -25.72 37.93
N TRP B 52 4.65 -26.88 37.28
CA TRP B 52 5.74 -27.30 36.43
C TRP B 52 5.68 -26.71 35.03
N GLN B 53 4.66 -25.91 34.72
CA GLN B 53 4.45 -25.41 33.38
C GLN B 53 4.82 -23.93 33.28
N THR B 54 5.42 -23.56 32.16
CA THR B 54 5.62 -22.16 31.80
C THR B 54 5.13 -21.94 30.37
N PRO B 55 4.45 -20.82 30.10
CA PRO B 55 3.89 -20.61 28.76
C PRO B 55 4.96 -20.67 27.67
N ASP B 56 4.52 -21.07 26.48
CA ASP B 56 5.42 -21.18 25.34
C ASP B 56 6.03 -19.82 25.03
N PRO B 57 7.30 -19.77 24.59
CA PRO B 57 7.94 -18.47 24.34
C PRO B 57 7.27 -17.64 23.25
N THR B 58 6.51 -18.26 22.34
CA THR B 58 5.89 -17.54 21.24
C THR B 58 4.36 -17.52 21.32
N ASP B 59 3.75 -18.68 21.57
CA ASP B 59 2.29 -18.82 21.51
C ASP B 59 1.76 -19.17 22.89
N PRO B 60 1.07 -18.26 23.58
CA PRO B 60 0.58 -18.57 24.95
C PRO B 60 -0.41 -19.71 24.99
N HIS B 61 -0.95 -20.16 23.85
CA HIS B 61 -1.81 -21.34 23.84
C HIS B 61 -1.02 -22.62 24.05
N ARG B 62 0.29 -22.60 23.84
CA ARG B 62 1.15 -23.77 24.04
C ARG B 62 1.87 -23.64 25.38
N GLY B 63 2.66 -24.66 25.72
CA GLY B 63 3.35 -24.60 27.00
C GLY B 63 4.60 -25.45 27.03
N GLN B 64 5.35 -25.29 28.12
CA GLN B 64 6.55 -26.05 28.39
C GLN B 64 6.40 -26.73 29.74
N CYS B 65 6.47 -28.06 29.74
CA CYS B 65 6.44 -28.84 30.96
C CYS B 65 7.88 -29.08 31.42
N THR B 66 8.19 -28.57 32.61
CA THR B 66 9.54 -28.61 33.18
C THR B 66 9.64 -29.58 34.35
N ALA B 67 8.81 -30.63 34.35
CA ALA B 67 8.71 -31.55 35.48
C ALA B 67 9.73 -32.67 35.44
N ASN B 68 10.53 -32.77 34.39
CA ASN B 68 11.52 -33.85 34.25
C ASN B 68 12.91 -33.27 34.54
N ARG B 69 13.21 -33.16 35.84
CA ARG B 69 14.45 -32.56 36.31
C ARG B 69 15.46 -33.67 36.63
N HIS B 70 16.44 -33.84 35.76
CA HIS B 70 17.48 -34.84 35.98
C HIS B 70 18.30 -34.52 37.22
N ALA B 71 18.87 -35.56 37.83
CA ALA B 71 19.69 -35.38 39.03
C ALA B 71 20.97 -34.63 38.74
N MET B 72 21.39 -34.54 37.48
CA MET B 72 22.61 -33.84 37.10
C MET B 72 22.36 -32.39 36.69
N GLY B 73 21.16 -31.87 36.92
CA GLY B 73 20.85 -30.47 36.71
C GLY B 73 20.05 -30.17 35.46
N GLY B 74 19.97 -31.10 34.52
CA GLY B 74 19.24 -30.85 33.28
C GLY B 74 17.76 -30.70 33.55
N VAL B 75 17.16 -29.68 32.94
CA VAL B 75 15.71 -29.50 32.98
C VAL B 75 15.17 -29.88 31.61
N TRP B 76 14.83 -31.16 31.45
CA TRP B 76 14.41 -31.73 30.16
C TRP B 76 12.96 -31.35 29.90
N LYS B 77 12.74 -30.18 29.31
CA LYS B 77 11.39 -29.73 29.05
C LYS B 77 10.74 -30.56 27.95
N ARG B 78 9.42 -30.69 28.03
CA ARG B 78 8.62 -31.28 26.96
C ARG B 78 7.57 -30.26 26.52
N TRP B 79 7.28 -30.25 25.22
CA TRP B 79 6.34 -29.28 24.69
C TRP B 79 4.90 -29.75 24.83
N LEU B 80 4.00 -28.79 25.07
CA LEU B 80 2.57 -29.05 25.26
C LEU B 80 1.79 -28.27 24.21
N ARG B 81 1.10 -28.99 23.33
CA ARG B 81 0.30 -28.35 22.28
C ARG B 81 -0.86 -27.56 22.87
N ASP B 82 -1.51 -28.09 23.90
CA ASP B 82 -2.65 -27.44 24.52
C ASP B 82 -2.46 -27.40 26.03
N VAL B 83 -2.52 -26.20 26.60
CA VAL B 83 -2.41 -26.04 28.05
C VAL B 83 -3.78 -26.01 28.71
N GLU B 84 -4.85 -26.08 27.95
CA GLU B 84 -6.21 -26.03 28.49
C GLU B 84 -6.83 -27.40 28.69
N ASN B 85 -6.44 -28.38 27.88
CA ASN B 85 -6.98 -29.74 27.95
C ASN B 85 -5.83 -30.75 28.01
N THR B 86 -5.04 -30.66 29.07
CA THR B 86 -3.92 -31.59 29.26
C THR B 86 -3.62 -31.69 30.76
N THR B 87 -3.23 -32.90 31.18
CA THR B 87 -2.95 -33.18 32.58
C THR B 87 -2.15 -34.48 32.65
N CYS B 88 -1.40 -34.63 33.74
CA CYS B 88 -0.73 -35.89 34.05
C CYS B 88 -0.81 -36.11 35.56
N SER B 89 -0.21 -37.22 36.02
CA SER B 89 -0.29 -37.57 37.43
C SER B 89 0.42 -36.55 38.32
N ARG B 90 1.52 -35.97 37.84
CA ARG B 90 2.34 -35.09 38.66
C ARG B 90 1.82 -33.66 38.72
N HIS B 91 0.57 -33.42 38.32
CA HIS B 91 0.02 -32.07 38.34
C HIS B 91 -0.01 -31.52 39.76
N GLU B 92 0.58 -30.34 39.94
CA GLU B 92 0.58 -29.64 41.22
C GLU B 92 0.22 -28.19 40.98
N GLU B 93 -0.91 -27.75 41.52
CA GLU B 93 -1.32 -26.36 41.39
C GLU B 93 -0.35 -25.46 42.15
N GLY B 94 -0.02 -24.34 41.54
CA GLY B 94 0.89 -23.37 42.11
C GLY B 94 1.79 -22.85 41.02
N LYS B 95 2.88 -22.20 41.43
CA LYS B 95 3.85 -21.64 40.46
C LYS B 95 5.22 -21.51 41.15
N LEU B 96 6.25 -22.12 40.57
CA LEU B 96 7.59 -21.98 41.10
C LEU B 96 8.09 -20.54 40.97
N SER B 97 9.02 -20.17 41.85
CA SER B 97 9.72 -18.91 41.67
C SER B 97 10.64 -19.02 40.45
N PHE B 98 11.13 -17.87 40.00
CA PHE B 98 12.00 -17.85 38.82
C PHE B 98 13.28 -18.64 39.06
N ARG B 99 13.72 -18.74 40.32
CA ARG B 99 14.95 -19.46 40.64
C ARG B 99 14.82 -20.93 40.25
N ASP B 100 13.62 -21.48 40.28
CA ASP B 100 13.38 -22.89 39.98
C ASP B 100 13.12 -23.14 38.51
N HIS B 101 13.09 -22.10 37.68
CA HIS B 101 12.88 -22.25 36.25
C HIS B 101 14.17 -22.01 35.48
N VAL B 102 14.10 -22.19 34.17
CA VAL B 102 15.26 -22.06 33.30
C VAL B 102 15.44 -20.63 32.82
N THR C 5 -15.95 21.12 35.80
CA THR C 5 -15.75 21.20 37.24
C THR C 5 -14.36 20.67 37.60
N CYS C 6 -13.43 20.86 36.66
CA CYS C 6 -12.04 20.46 36.77
C CYS C 6 -11.12 21.66 36.58
N LYS C 7 -11.53 22.82 37.10
CA LYS C 7 -10.82 24.07 36.84
C LYS C 7 -10.21 24.71 38.08
N GLN C 8 -10.89 24.65 39.23
CA GLN C 8 -10.35 25.22 40.46
C GLN C 8 -9.60 24.21 41.31
N CYS C 9 -9.06 23.16 40.68
CA CYS C 9 -8.18 22.25 41.40
C CYS C 9 -6.80 22.89 41.56
N ALA C 10 -6.18 22.65 42.72
CA ALA C 10 -4.83 23.13 42.96
C ALA C 10 -3.80 22.48 42.05
N ASN C 11 -4.15 21.39 41.36
CA ASN C 11 -3.25 20.70 40.45
C ASN C 11 -3.52 21.05 38.99
N PHE C 12 -4.24 22.13 38.74
CA PHE C 12 -4.64 22.53 37.39
C PHE C 12 -3.75 23.69 36.97
N PHE C 13 -2.80 23.44 36.06
CA PHE C 13 -1.87 24.46 35.60
C PHE C 13 -2.11 24.72 34.12
N PRO C 14 -2.75 25.82 33.76
CA PRO C 14 -3.08 26.06 32.35
C PRO C 14 -1.84 26.09 31.46
N VAL C 15 -1.97 25.51 30.29
CA VAL C 15 -0.87 25.53 29.30
C VAL C 15 -0.70 26.95 28.79
N PRO C 16 0.53 27.49 28.78
CA PRO C 16 0.74 28.83 28.24
C PRO C 16 0.26 28.94 26.79
N LYS C 17 -0.20 30.14 26.43
CA LYS C 17 -0.69 30.36 25.07
C LYS C 17 0.42 30.21 24.05
N ASP C 18 1.67 30.47 24.45
CA ASP C 18 2.81 30.39 23.56
C ASP C 18 3.34 28.97 23.37
N ALA C 19 2.78 28.01 24.10
CA ALA C 19 3.28 26.64 24.04
C ALA C 19 2.90 25.96 22.73
N ASP C 20 3.76 25.04 22.29
CA ASP C 20 3.52 24.33 21.04
C ASP C 20 2.24 23.50 21.08
N ASP C 21 1.89 22.94 22.25
CA ASP C 21 0.76 22.05 22.39
C ASP C 21 -0.46 22.75 22.98
N TYR C 22 -0.51 24.08 22.91
CA TYR C 22 -1.60 24.82 23.54
C TYR C 22 -2.89 24.63 22.76
N GLU C 23 -3.97 24.35 23.49
CA GLU C 23 -5.32 24.40 22.96
C GLU C 23 -6.20 25.15 23.96
N ALA C 24 -7.35 25.61 23.46
CA ALA C 24 -8.27 26.37 24.31
C ALA C 24 -8.74 25.49 25.47
N GLY C 25 -8.38 25.90 26.69
CA GLY C 25 -8.78 25.19 27.88
C GLY C 25 -7.85 24.06 28.28
N LYS C 26 -6.82 23.77 27.50
CA LYS C 26 -5.91 22.69 27.84
C LYS C 26 -5.03 23.09 29.02
N ALA C 27 -4.65 22.09 29.81
CA ALA C 27 -3.86 22.35 30.99
C ALA C 27 -3.14 21.07 31.39
N ASP C 28 -2.11 21.23 32.22
CA ASP C 28 -1.43 20.10 32.83
C ASP C 28 -2.01 19.86 34.22
N CYS C 29 -2.38 18.62 34.48
CA CYS C 29 -2.69 18.15 35.82
C CYS C 29 -1.42 17.53 36.37
N VAL C 30 -0.76 18.23 37.28
CA VAL C 30 0.50 17.78 37.88
C VAL C 30 0.20 17.36 39.31
N ARG C 31 0.45 16.09 39.61
CA ARG C 31 0.33 15.58 40.97
C ARG C 31 1.66 15.01 41.44
N GLU C 32 1.77 14.83 42.75
CA GLU C 32 2.92 14.21 43.39
C GLU C 32 2.53 12.90 44.03
N LYS C 33 3.40 11.89 43.91
CA LYS C 33 3.18 10.58 44.49
C LYS C 33 4.46 10.09 45.14
N GLU C 34 4.33 9.04 45.95
CA GLU C 34 5.47 8.43 46.63
C GLU C 34 5.13 6.99 46.95
N ASP C 35 6.06 6.08 46.64
CA ASP C 35 5.97 4.69 47.10
C ASP C 35 7.18 4.33 47.93
N GLU C 36 7.46 3.02 48.04
CA GLU C 36 8.57 2.56 48.87
C GLU C 36 9.93 2.96 48.30
N LYS C 37 10.01 3.24 47.00
CA LYS C 37 11.29 3.57 46.37
C LYS C 37 11.61 5.06 46.47
N GLY C 38 10.70 5.92 46.02
CA GLY C 38 10.95 7.33 46.05
C GLY C 38 9.69 8.14 45.77
N LYS C 39 9.91 9.42 45.47
CA LYS C 39 8.83 10.38 45.23
C LYS C 39 8.93 10.89 43.81
N TYR C 40 7.81 10.92 43.10
CA TYR C 40 7.78 11.36 41.71
C TYR C 40 6.59 12.27 41.47
N TRP C 41 6.54 12.81 40.25
CA TRP C 41 5.47 13.72 39.83
C TRP C 41 4.96 13.31 38.47
N LEU C 42 3.64 13.46 38.28
CA LEU C 42 2.97 13.06 37.04
C LEU C 42 2.22 14.24 36.45
N SER C 43 2.42 14.48 35.16
CA SER C 43 1.78 15.57 34.43
C SER C 43 0.95 14.98 33.30
N LYS C 44 -0.38 15.04 33.44
CA LYS C 44 -1.30 14.54 32.42
C LYS C 44 -2.09 15.68 31.79
N PRO C 45 -2.22 15.69 30.46
CA PRO C 45 -3.03 16.75 29.81
C PRO C 45 -4.51 16.56 30.09
N ILE C 46 -5.14 17.58 30.66
CA ILE C 46 -6.59 17.60 30.85
C ILE C 46 -7.12 18.93 30.34
N PHE C 47 -8.41 19.19 30.55
CA PHE C 47 -9.03 20.40 30.04
C PHE C 47 -9.74 21.16 31.15
N GLU C 48 -10.09 22.41 30.83
CA GLU C 48 -10.74 23.28 31.80
C GLU C 48 -12.06 22.69 32.29
N ASN C 49 -12.96 22.34 31.37
CA ASN C 49 -14.19 21.64 31.68
C ASN C 49 -13.93 20.17 31.44
N SER C 50 -13.75 19.43 32.54
CA SER C 50 -13.42 18.02 32.49
C SER C 50 -13.88 17.38 33.79
N ALA C 51 -13.86 16.06 33.83
CA ALA C 51 -14.31 15.37 35.01
C ALA C 51 -13.28 15.46 36.13
N GLN C 52 -13.75 15.73 37.34
CA GLN C 52 -12.86 15.76 38.50
C GLN C 52 -12.67 14.34 39.01
N CYS C 53 -11.58 14.13 39.73
CA CYS C 53 -11.33 12.83 40.32
C CYS C 53 -11.39 12.93 41.84
N GLU C 54 -11.05 11.83 42.50
CA GLU C 54 -11.11 11.79 43.96
C GLU C 54 -10.19 12.82 44.59
N ALA C 55 -9.04 13.09 43.97
CA ALA C 55 -8.09 14.02 44.56
C ALA C 55 -8.29 15.38 43.91
N PHE C 56 -9.26 16.11 44.47
CA PHE C 56 -9.54 17.50 44.13
C PHE C 56 -9.20 18.30 45.38
N GLN C 57 -8.19 19.15 45.26
CA GLN C 57 -7.82 20.06 46.34
C GLN C 57 -8.44 21.41 46.01
N THR C 58 -9.04 22.03 47.00
CA THR C 58 -9.85 23.22 46.79
C THR C 58 -8.97 24.43 46.55
N LYS C 59 -9.42 25.30 45.65
CA LYS C 59 -8.69 26.51 45.24
C LYS C 59 -7.49 26.11 44.40
N LYS D 8 -35.41 16.53 -55.32
CA LYS D 8 -34.66 17.51 -56.09
C LYS D 8 -34.29 16.94 -57.46
N VAL D 9 -33.63 17.74 -58.31
CA VAL D 9 -33.12 17.29 -59.59
C VAL D 9 -31.76 17.97 -59.83
N LEU D 10 -30.73 17.16 -60.03
CA LEU D 10 -29.39 17.68 -60.27
C LEU D 10 -28.92 17.33 -61.68
N GLU D 11 -28.41 18.33 -62.41
CA GLU D 11 -27.87 18.07 -63.73
C GLU D 11 -26.39 17.73 -63.60
N TYR D 12 -26.01 16.51 -64.01
CA TYR D 12 -24.64 16.03 -63.84
C TYR D 12 -24.17 15.42 -65.15
N LYS D 13 -23.19 16.07 -65.80
CA LYS D 13 -22.55 15.54 -67.01
C LYS D 13 -23.58 15.14 -68.06
N GLY D 14 -24.62 15.96 -68.21
CA GLY D 14 -25.66 15.71 -69.18
C GLY D 14 -26.82 14.89 -68.66
N LYS D 15 -26.56 13.97 -67.73
CA LYS D 15 -27.62 13.17 -67.16
C LYS D 15 -28.46 14.00 -66.17
N LYS D 16 -29.75 13.70 -66.13
CA LYS D 16 -30.68 14.34 -65.22
C LYS D 16 -30.84 13.39 -64.05
N LEU D 17 -30.31 13.78 -62.90
CA LEU D 17 -30.36 12.96 -61.70
C LEU D 17 -31.63 13.31 -60.95
N ASN D 18 -32.52 12.33 -60.82
CA ASN D 18 -33.77 12.50 -60.11
C ASN D 18 -33.62 11.89 -58.72
N PHE D 19 -33.92 12.68 -57.70
CA PHE D 19 -33.78 12.24 -56.31
C PHE D 19 -35.16 11.86 -55.79
N THR D 20 -35.59 10.66 -56.16
CA THR D 20 -36.84 10.07 -55.72
C THR D 20 -36.53 8.83 -54.89
N PRO D 21 -37.24 8.61 -53.78
CA PRO D 21 -36.89 7.51 -52.90
C PRO D 21 -36.89 6.16 -53.63
N GLU D 22 -35.93 5.31 -53.26
CA GLU D 22 -35.83 3.99 -53.87
C GLU D 22 -37.14 3.23 -53.73
N ASP D 23 -37.61 3.03 -52.51
CA ASP D 23 -38.95 2.50 -52.29
C ASP D 23 -39.97 3.51 -52.80
N PRO D 24 -40.78 3.18 -53.80
CA PRO D 24 -41.74 4.17 -54.30
C PRO D 24 -42.85 4.51 -53.32
N ALA D 25 -43.20 3.57 -52.43
CA ALA D 25 -44.23 3.84 -51.43
C ALA D 25 -43.86 4.99 -50.51
N GLU D 26 -42.57 5.36 -50.45
CA GLU D 26 -42.15 6.49 -49.65
C GLU D 26 -42.73 7.81 -50.17
N GLU D 27 -43.16 7.86 -51.42
CA GLU D 27 -43.85 9.04 -51.92
C GLU D 27 -45.21 9.23 -51.27
N THR D 28 -45.77 8.19 -50.65
CA THR D 28 -47.07 8.29 -50.00
C THR D 28 -46.96 8.47 -48.49
N ILE D 29 -45.76 8.57 -47.94
CA ILE D 29 -45.53 8.82 -46.52
C ILE D 29 -45.15 10.28 -46.35
N PRO D 30 -45.79 11.02 -45.44
CA PRO D 30 -45.41 12.42 -45.25
C PRO D 30 -43.98 12.54 -44.74
N ALA D 31 -43.32 13.63 -45.14
CA ALA D 31 -41.89 13.76 -44.89
C ALA D 31 -41.57 14.02 -43.43
N ASP D 32 -42.54 14.49 -42.64
CA ASP D 32 -42.29 14.84 -41.25
C ASP D 32 -42.52 13.68 -40.30
N GLU D 33 -42.88 12.50 -40.82
CA GLU D 33 -43.07 11.30 -40.00
C GLU D 33 -42.36 10.08 -40.59
N LEU D 34 -41.46 10.30 -41.57
CA LEU D 34 -40.86 9.19 -42.32
C LEU D 34 -40.30 8.10 -41.41
N HIS D 35 -39.42 8.49 -40.49
CA HIS D 35 -38.70 7.51 -39.70
C HIS D 35 -39.61 6.67 -38.81
N GLU D 36 -40.90 6.99 -38.73
CA GLU D 36 -41.83 6.16 -37.98
C GLU D 36 -42.24 4.91 -38.75
N HIS D 37 -41.76 4.73 -39.99
CA HIS D 37 -42.18 3.60 -40.82
C HIS D 37 -40.98 2.81 -41.34
N LEU D 38 -39.81 2.90 -40.70
CA LEU D 38 -38.61 2.26 -41.20
C LEU D 38 -38.20 1.02 -40.43
N GLN D 39 -38.60 0.89 -39.16
CA GLN D 39 -38.21 -0.25 -38.36
C GLN D 39 -38.89 -1.53 -38.86
N LYS D 40 -38.13 -2.62 -38.87
CA LYS D 40 -38.65 -3.92 -39.31
C LYS D 40 -38.00 -5.02 -38.49
N PRO D 41 -38.48 -5.24 -37.26
CA PRO D 41 -37.92 -6.32 -36.43
C PRO D 41 -38.01 -7.66 -37.15
N SER D 42 -36.94 -8.46 -37.04
CA SER D 42 -36.83 -9.67 -37.83
C SER D 42 -37.87 -10.72 -37.40
N THR D 43 -38.05 -10.90 -36.10
CA THR D 43 -39.04 -11.85 -35.58
C THR D 43 -40.03 -11.13 -34.68
N ALA D 44 -41.12 -11.83 -34.37
CA ALA D 44 -42.13 -11.26 -33.47
C ALA D 44 -41.58 -11.06 -32.07
N ARG D 45 -40.64 -11.91 -31.65
CA ARG D 45 -40.05 -11.78 -30.32
C ARG D 45 -39.29 -10.47 -30.17
N THR D 46 -38.47 -10.11 -31.17
CA THR D 46 -37.73 -8.86 -31.09
C THR D 46 -38.65 -7.66 -31.21
N LYS D 47 -39.77 -7.79 -31.92
CA LYS D 47 -40.76 -6.72 -31.95
C LYS D 47 -41.35 -6.50 -30.57
N ARG D 48 -41.77 -7.59 -29.91
CA ARG D 48 -42.28 -7.49 -28.54
C ARG D 48 -41.22 -6.90 -27.61
N LEU D 49 -39.96 -7.29 -27.78
CA LEU D 49 -38.90 -6.77 -26.92
C LEU D 49 -38.67 -5.29 -27.15
N LYS D 50 -38.73 -4.84 -28.40
CA LYS D 50 -38.59 -3.42 -28.70
C LYS D 50 -39.75 -2.62 -28.11
N GLU D 51 -40.96 -3.19 -28.14
CA GLU D 51 -42.11 -2.52 -27.57
C GLU D 51 -42.05 -2.50 -26.04
N ARG D 52 -41.50 -3.54 -25.44
CA ARG D 52 -41.42 -3.71 -24.00
C ARG D 52 -40.09 -3.20 -23.41
N CYS D 53 -39.27 -2.56 -24.23
CA CYS D 53 -37.91 -2.20 -23.80
C CYS D 53 -37.94 -1.19 -22.65
N ARG D 54 -37.08 -1.44 -21.65
CA ARG D 54 -36.96 -0.58 -20.47
C ARG D 54 -35.84 0.43 -20.69
N TRP D 55 -36.14 1.43 -21.52
CA TRP D 55 -35.18 2.48 -21.80
C TRP D 55 -34.91 3.31 -20.54
N LYS D 56 -33.62 3.59 -20.31
CA LYS D 56 -33.22 4.40 -19.17
C LYS D 56 -32.40 5.60 -19.64
N HIS D 57 -32.88 6.29 -20.67
CA HIS D 57 -32.18 7.46 -21.19
C HIS D 57 -32.10 8.56 -20.14
N ALA D 58 -31.04 9.36 -20.21
CA ALA D 58 -30.80 10.43 -19.27
C ALA D 58 -30.50 11.72 -20.03
N SER D 59 -30.95 12.84 -19.48
CA SER D 59 -30.74 14.13 -20.11
C SER D 59 -30.79 15.21 -19.04
N ALA D 60 -30.01 16.28 -19.27
CA ALA D 60 -29.99 17.46 -18.40
C ALA D 60 -29.69 17.12 -16.95
N GLY D 61 -29.05 15.97 -16.70
CA GLY D 61 -28.69 15.55 -15.37
C GLY D 61 -29.72 14.70 -14.65
N GLU D 62 -30.88 14.47 -15.24
CA GLU D 62 -31.91 13.62 -14.65
C GLU D 62 -32.33 12.55 -15.65
N PHE D 63 -33.07 11.56 -15.15
CA PHE D 63 -33.54 10.46 -15.98
C PHE D 63 -34.87 10.82 -16.63
N ILE D 64 -35.06 10.37 -17.87
CA ILE D 64 -36.27 10.72 -18.62
C ILE D 64 -37.49 10.06 -18.00
N GLU D 65 -37.36 8.81 -17.57
CA GLU D 65 -38.48 8.04 -17.06
C GLU D 65 -38.48 8.05 -15.54
N LYS D 66 -39.67 8.18 -14.96
CA LYS D 66 -39.81 8.21 -13.51
C LYS D 66 -39.67 6.84 -12.87
N SER D 67 -39.67 5.77 -13.67
CA SER D 67 -39.50 4.42 -13.13
C SER D 67 -38.05 4.07 -12.83
N VAL D 68 -37.09 4.82 -13.38
CA VAL D 68 -35.67 4.52 -13.17
C VAL D 68 -35.21 5.10 -11.84
N THR D 69 -34.60 4.25 -11.01
CA THR D 69 -34.14 4.66 -9.69
C THR D 69 -32.93 3.82 -9.31
N ALA D 70 -32.04 4.40 -8.51
CA ALA D 70 -30.82 3.71 -8.11
C ALA D 70 -31.11 2.53 -7.20
N GLY D 71 -30.24 1.51 -7.30
CA GLY D 71 -30.27 0.37 -6.38
C GLY D 71 -29.38 0.59 -5.18
N ILE D 72 -29.37 -0.41 -4.29
CA ILE D 72 -28.66 -0.30 -3.03
C ILE D 72 -27.89 -1.59 -2.73
N GLU D 73 -28.26 -2.68 -3.40
CA GLU D 73 -27.64 -3.97 -3.10
C GLU D 73 -26.12 -3.94 -3.27
N ARG D 74 -25.64 -3.33 -4.36
CA ARG D 74 -24.21 -3.29 -4.59
C ARG D 74 -23.49 -2.52 -3.49
N MET D 75 -23.97 -1.33 -3.15
CA MET D 75 -23.37 -0.56 -2.06
C MET D 75 -23.34 -1.36 -0.78
N ARG D 76 -24.46 -1.98 -0.43
CA ARG D 76 -24.58 -2.70 0.84
C ARG D 76 -23.58 -3.86 0.90
N TYR D 77 -23.54 -4.68 -0.15
CA TYR D 77 -22.71 -5.88 -0.10
C TYR D 77 -21.23 -5.54 -0.24
N LEU D 78 -20.89 -4.52 -1.03
CA LEU D 78 -19.50 -4.07 -1.08
C LEU D 78 -19.05 -3.53 0.26
N THR D 79 -19.90 -2.74 0.94
CA THR D 79 -19.55 -2.22 2.24
C THR D 79 -19.36 -3.34 3.25
N GLU D 80 -20.25 -4.34 3.23
CA GLU D 80 -20.11 -5.48 4.11
C GLU D 80 -18.78 -6.18 3.90
N ALA D 81 -18.46 -6.52 2.65
CA ALA D 81 -17.21 -7.22 2.37
C ALA D 81 -16.01 -6.38 2.76
N HIS D 82 -16.06 -5.06 2.54
CA HIS D 82 -14.93 -4.21 2.88
C HIS D 82 -14.73 -4.12 4.39
N LYS D 83 -15.82 -4.05 5.15
CA LYS D 83 -15.69 -4.09 6.61
C LYS D 83 -15.12 -5.41 7.08
N ALA D 84 -15.41 -6.51 6.37
CA ALA D 84 -14.92 -7.81 6.80
C ALA D 84 -13.49 -8.09 6.37
N SER D 85 -12.99 -7.42 5.32
CA SER D 85 -11.70 -7.76 4.73
C SER D 85 -10.56 -6.87 5.21
N GLU D 86 -10.75 -6.11 6.29
CA GLU D 86 -9.69 -5.24 6.79
C GLU D 86 -8.46 -6.07 7.18
N GLY D 87 -7.28 -5.53 6.86
CA GLY D 87 -6.03 -6.20 7.15
C GLY D 87 -5.50 -7.08 6.04
N LYS D 88 -6.32 -7.41 5.05
CA LYS D 88 -5.95 -8.27 3.94
C LYS D 88 -5.38 -7.45 2.78
N PRO D 89 -4.64 -8.09 1.86
CA PRO D 89 -4.15 -7.35 0.69
C PRO D 89 -5.29 -6.73 -0.10
N GLU D 90 -5.07 -5.49 -0.55
CA GLU D 90 -6.14 -4.72 -1.17
C GLU D 90 -6.71 -5.41 -2.40
N ALA D 91 -5.87 -6.12 -3.16
CA ALA D 91 -6.37 -6.85 -4.32
C ALA D 91 -7.30 -7.99 -3.88
N ILE D 92 -6.91 -8.71 -2.84
CA ILE D 92 -7.78 -9.77 -2.31
C ILE D 92 -9.05 -9.18 -1.72
N ARG D 93 -8.94 -7.99 -1.09
CA ARG D 93 -10.12 -7.32 -0.57
C ARG D 93 -11.08 -6.95 -1.68
N ARG D 94 -10.56 -6.48 -2.82
CA ARG D 94 -11.40 -6.15 -3.95
C ARG D 94 -12.06 -7.39 -4.53
N ALA D 95 -11.30 -8.48 -4.64
CA ALA D 95 -11.89 -9.74 -5.08
C ALA D 95 -13.00 -10.19 -4.15
N LEU D 96 -12.81 -10.01 -2.84
CA LEU D 96 -13.84 -10.38 -1.88
C LEU D 96 -15.07 -9.48 -1.99
N GLY D 97 -14.87 -8.20 -2.26
CA GLY D 97 -16.01 -7.31 -2.46
C GLY D 97 -16.84 -7.71 -3.66
N LEU D 98 -16.17 -7.96 -4.79
CA LEU D 98 -16.89 -8.43 -5.97
C LEU D 98 -17.58 -9.76 -5.70
N ALA D 99 -16.91 -10.66 -4.97
CA ALA D 99 -17.52 -11.96 -4.65
C ALA D 99 -18.77 -11.80 -3.80
N ASN D 100 -18.73 -10.93 -2.79
CA ASN D 100 -19.90 -10.73 -1.96
C ASN D 100 -21.06 -10.14 -2.76
N VAL D 101 -20.77 -9.14 -3.59
CA VAL D 101 -21.82 -8.54 -4.41
C VAL D 101 -22.43 -9.60 -5.32
N LEU D 102 -21.58 -10.39 -5.99
CA LEU D 102 -22.09 -11.39 -6.93
C LEU D 102 -22.85 -12.51 -6.23
N ASN D 103 -22.44 -12.89 -5.03
CA ASN D 103 -23.08 -14.01 -4.35
C ASN D 103 -24.42 -13.60 -3.75
N LYS D 104 -24.54 -12.37 -3.27
CA LYS D 104 -25.75 -11.96 -2.58
C LYS D 104 -26.70 -11.13 -3.44
N SER D 105 -26.35 -10.87 -4.70
CA SER D 105 -27.18 -10.00 -5.53
C SER D 105 -28.43 -10.74 -6.01
N THR D 106 -29.51 -9.97 -6.17
CA THR D 106 -30.71 -10.49 -6.81
C THR D 106 -30.50 -10.56 -8.32
N LEU D 107 -30.85 -11.69 -8.91
CA LEU D 107 -30.75 -11.88 -10.35
C LEU D 107 -32.13 -11.66 -10.98
N VAL D 108 -32.12 -11.18 -12.22
CA VAL D 108 -33.33 -10.79 -12.92
C VAL D 108 -33.46 -11.60 -14.21
N LEU D 109 -34.66 -12.10 -14.47
CA LEU D 109 -35.01 -12.74 -15.73
C LEU D 109 -36.31 -12.12 -16.22
N GLN D 110 -36.31 -11.61 -17.44
CA GLN D 110 -37.48 -11.00 -18.04
C GLN D 110 -38.07 -11.89 -19.12
N GLU D 111 -39.32 -11.62 -19.48
CA GLU D 111 -39.98 -12.39 -20.52
C GLU D 111 -39.35 -12.11 -21.88
N ASP D 112 -39.39 -13.12 -22.75
CA ASP D 112 -38.90 -13.09 -24.13
C ASP D 112 -37.39 -12.93 -24.24
N GLU D 113 -36.66 -12.95 -23.11
CA GLU D 113 -35.22 -12.79 -23.15
C GLU D 113 -34.54 -14.10 -23.57
N PHE D 114 -33.46 -13.96 -24.35
CA PHE D 114 -32.54 -15.07 -24.62
C PHE D 114 -31.17 -14.82 -24.03
N ILE D 115 -30.58 -13.65 -24.28
CA ILE D 115 -29.43 -13.21 -23.51
C ILE D 115 -29.93 -12.68 -22.17
N VAL D 116 -29.49 -13.31 -21.09
CA VAL D 116 -29.99 -12.99 -19.75
C VAL D 116 -28.88 -12.36 -18.92
N GLY D 117 -29.29 -11.67 -17.87
CA GLY D 117 -28.36 -11.06 -16.93
C GLY D 117 -28.65 -9.59 -16.70
N TYR D 118 -28.34 -9.13 -15.50
CA TYR D 118 -28.51 -7.72 -15.17
C TYR D 118 -27.46 -7.31 -14.14
N HIS D 119 -27.40 -6.00 -13.89
CA HIS D 119 -26.39 -5.41 -13.02
C HIS D 119 -26.98 -4.70 -11.81
N ALA D 120 -28.28 -4.87 -11.56
CA ALA D 120 -28.94 -4.32 -10.39
C ALA D 120 -29.97 -5.33 -9.91
N GLU D 121 -30.55 -5.05 -8.74
CA GLU D 121 -31.49 -5.98 -8.11
C GLU D 121 -32.88 -5.95 -8.75
N ASP D 122 -33.17 -4.99 -9.62
CA ASP D 122 -34.48 -4.81 -10.21
C ASP D 122 -34.28 -4.29 -11.63
N PRO D 123 -35.09 -4.76 -12.60
CA PRO D 123 -34.86 -4.35 -13.98
C PRO D 123 -35.03 -2.86 -14.25
N ASN D 124 -35.61 -2.10 -13.31
CA ASN D 124 -35.74 -0.66 -13.45
C ASN D 124 -34.65 0.11 -12.72
N MET D 125 -33.64 -0.59 -12.20
CA MET D 125 -32.63 0.04 -11.36
C MET D 125 -31.25 -0.11 -11.98
N PHE D 126 -30.26 0.46 -11.29
CA PHE D 126 -28.86 0.47 -11.71
C PHE D 126 -28.03 0.55 -10.44
N PRO D 127 -26.81 0.03 -10.45
CA PRO D 127 -26.00 0.04 -9.23
C PRO D 127 -25.31 1.38 -9.02
N LEU D 128 -24.85 1.58 -7.78
CA LEU D 128 -24.11 2.77 -7.39
C LEU D 128 -22.72 2.37 -6.92
N TYR D 129 -21.83 3.35 -6.88
CA TYR D 129 -20.40 3.11 -6.67
C TYR D 129 -19.87 4.07 -5.61
N PRO D 130 -20.03 3.71 -4.33
CA PRO D 130 -19.52 4.59 -3.26
C PRO D 130 -18.01 4.59 -3.13
N GLU D 131 -17.33 3.61 -3.72
CA GLU D 131 -15.89 3.54 -3.64
C GLU D 131 -15.18 4.50 -4.60
N LEU D 132 -15.88 4.96 -5.63
CA LEU D 132 -15.26 5.86 -6.61
C LEU D 132 -15.25 7.35 -6.25
N SER D 133 -16.43 7.96 -6.16
CA SER D 133 -16.55 9.37 -5.83
C SER D 133 -17.68 9.55 -4.83
N HIS D 134 -17.35 10.06 -3.65
CA HIS D 134 -18.38 10.27 -2.63
C HIS D 134 -19.32 11.40 -3.03
N MET D 135 -18.83 12.36 -3.81
CA MET D 135 -19.69 13.45 -4.28
C MET D 135 -20.78 12.94 -5.20
N ALA D 136 -20.49 11.92 -6.01
CA ALA D 136 -21.51 11.36 -6.91
C ALA D 136 -22.63 10.69 -6.13
N VAL D 137 -22.27 9.89 -5.12
CA VAL D 137 -23.30 9.26 -4.29
C VAL D 137 -24.08 10.32 -3.51
N GLN D 138 -23.38 11.38 -3.07
CA GLN D 138 -24.06 12.46 -2.37
C GLN D 138 -25.08 13.14 -3.28
N ASP D 139 -24.71 13.39 -4.54
CA ASP D 139 -25.65 13.94 -5.51
C ASP D 139 -26.83 13.00 -5.72
N TYR D 140 -26.57 11.68 -5.74
CA TYR D 140 -27.65 10.72 -5.89
C TYR D 140 -28.60 10.77 -4.70
N LEU D 141 -28.05 10.97 -3.50
CA LEU D 141 -28.89 11.01 -2.31
C LEU D 141 -29.84 12.22 -2.33
N ARG D 142 -29.37 13.35 -2.84
CA ARG D 142 -30.20 14.55 -2.96
C ARG D 142 -31.16 14.48 -4.13
N SER D 143 -31.10 13.42 -4.93
CA SER D 143 -31.90 13.33 -6.15
C SER D 143 -33.22 12.62 -5.88
N ASP D 144 -34.13 12.72 -6.85
CA ASP D 144 -35.42 12.06 -6.75
C ASP D 144 -35.32 10.55 -7.00
N TYR D 145 -34.22 10.08 -7.59
CA TYR D 145 -34.01 8.65 -7.80
C TYR D 145 -32.91 8.11 -6.89
N SER D 146 -33.03 8.36 -5.59
CA SER D 146 -31.98 7.96 -4.67
C SER D 146 -32.15 6.51 -4.24
N PRO D 147 -31.05 5.83 -3.88
CA PRO D 147 -31.17 4.47 -3.34
C PRO D 147 -31.93 4.49 -2.03
N GLN D 148 -32.65 3.41 -1.75
CA GLN D 148 -33.48 3.34 -0.57
C GLN D 148 -33.19 2.06 0.21
N PRO D 149 -33.23 2.09 1.54
CA PRO D 149 -33.56 3.24 2.41
C PRO D 149 -32.47 4.31 2.41
N ALA D 150 -32.87 5.58 2.44
CA ALA D 150 -31.93 6.68 2.22
C ALA D 150 -30.88 6.75 3.33
N ASP D 151 -31.29 6.51 4.58
CA ASP D 151 -30.35 6.66 5.69
C ASP D 151 -29.23 5.63 5.60
N GLU D 152 -29.53 4.40 5.17
CA GLU D 152 -28.49 3.40 5.04
C GLU D 152 -27.50 3.77 3.93
N ALA D 153 -28.02 4.29 2.81
CA ALA D 153 -27.13 4.74 1.74
C ALA D 153 -26.24 5.89 2.20
N ALA D 154 -26.81 6.81 3.00
CA ALA D 154 -26.02 7.90 3.54
C ALA D 154 -24.93 7.39 4.46
N ALA D 155 -25.25 6.38 5.28
CA ALA D 155 -24.24 5.79 6.14
C ALA D 155 -23.16 5.10 5.33
N ILE D 156 -23.53 4.47 4.21
CA ILE D 156 -22.54 3.83 3.34
C ILE D 156 -21.60 4.88 2.75
N ASN D 157 -22.17 5.99 2.25
CA ASN D 157 -21.33 7.04 1.68
C ASN D 157 -20.42 7.66 2.72
N GLU D 158 -20.92 7.86 3.95
CA GLU D 158 -20.09 8.39 5.02
C GLU D 158 -18.99 7.40 5.41
N TYR D 159 -19.26 6.10 5.33
CA TYR D 159 -18.23 5.11 5.60
C TYR D 159 -17.16 5.11 4.52
N TRP D 160 -17.59 5.27 3.26
CA TRP D 160 -16.67 5.12 2.13
C TRP D 160 -15.89 6.38 1.83
N LYS D 161 -16.36 7.55 2.27
CA LYS D 161 -15.69 8.81 1.94
C LYS D 161 -14.20 8.81 2.24
N PRO D 162 -13.72 8.39 3.42
CA PRO D 162 -12.26 8.36 3.64
C PRO D 162 -11.52 7.37 2.75
N HIS D 163 -12.19 6.32 2.28
CA HIS D 163 -11.55 5.31 1.44
C HIS D 163 -11.80 5.53 -0.05
N SER D 164 -12.64 6.51 -0.41
CA SER D 164 -12.98 6.73 -1.80
C SER D 164 -11.77 7.16 -2.61
N LEU D 165 -11.82 6.89 -3.92
CA LEU D 165 -10.72 7.28 -4.79
C LEU D 165 -10.55 8.79 -4.82
N GLN D 166 -11.65 9.53 -4.76
CA GLN D 166 -11.58 10.98 -4.72
C GLN D 166 -10.79 11.47 -3.51
N SER D 167 -11.07 10.88 -2.34
CA SER D 167 -10.38 11.30 -1.12
C SER D 167 -8.90 10.95 -1.16
N LYS D 168 -8.52 9.92 -1.92
CA LYS D 168 -7.12 9.55 -2.02
C LYS D 168 -6.38 10.44 -3.01
N CYS D 169 -7.05 10.83 -4.10
CA CYS D 169 -6.37 11.60 -5.13
C CYS D 169 -6.32 13.09 -4.82
N GLN D 170 -7.34 13.63 -4.16
CA GLN D 170 -7.40 15.08 -3.95
C GLN D 170 -6.26 15.67 -3.12
N PRO D 171 -5.66 14.99 -2.14
CA PRO D 171 -4.63 15.66 -1.31
C PRO D 171 -3.38 16.09 -2.06
N TYR D 172 -3.21 15.73 -3.33
CA TYR D 172 -1.98 16.01 -4.05
C TYR D 172 -2.15 17.16 -5.05
N PHE D 173 -3.20 17.95 -4.90
CA PHE D 173 -3.45 19.07 -5.80
C PHE D 173 -3.90 20.29 -5.01
N ASP D 174 -3.54 21.45 -5.54
CA ASP D 174 -4.02 22.72 -5.00
C ASP D 174 -5.54 22.72 -4.97
N PRO D 175 -6.17 22.97 -3.82
CA PRO D 175 -7.64 23.07 -3.79
C PRO D 175 -8.19 24.09 -4.78
N ALA D 176 -7.42 25.13 -5.10
CA ALA D 176 -7.84 26.08 -6.13
C ALA D 176 -7.91 25.40 -7.50
N ASP D 177 -6.90 24.58 -7.81
CA ASP D 177 -6.91 23.85 -9.08
C ASP D 177 -8.12 22.93 -9.19
N LEU D 178 -8.38 22.15 -8.14
CA LEU D 178 -9.54 21.26 -8.15
C LEU D 178 -10.84 22.04 -8.23
N GLY D 179 -10.92 23.19 -7.55
CA GLY D 179 -12.10 24.02 -7.66
C GLY D 179 -12.32 24.51 -9.08
N ARG D 180 -11.23 24.88 -9.76
CA ARG D 180 -11.34 25.27 -11.17
C ARG D 180 -11.80 24.11 -12.04
N MET D 181 -11.24 22.92 -11.80
CA MET D 181 -11.58 21.75 -12.62
C MET D 181 -13.03 21.35 -12.45
N TYR D 182 -13.52 21.32 -11.20
CA TYR D 182 -14.83 20.76 -10.91
C TYR D 182 -15.97 21.58 -11.50
N GLN D 183 -15.68 22.77 -12.01
CA GLN D 183 -16.71 23.61 -12.61
C GLN D 183 -17.13 23.12 -14.00
N VAL D 184 -16.31 22.30 -14.64
CA VAL D 184 -16.55 21.81 -16.01
C VAL D 184 -16.85 23.00 -16.92
N SER D 185 -15.93 23.97 -16.94
CA SER D 185 -16.04 25.15 -17.80
C SER D 185 -14.87 25.27 -18.75
N SER D 186 -13.64 25.28 -18.23
CA SER D 186 -12.45 25.23 -19.06
C SER D 186 -11.81 23.85 -19.11
N MET D 187 -12.05 23.01 -18.11
CA MET D 187 -11.52 21.66 -18.07
C MET D 187 -12.54 20.70 -17.49
N GLU D 188 -12.66 19.53 -18.10
CA GLU D 188 -13.52 18.48 -17.56
C GLU D 188 -12.99 18.02 -16.20
N ALA D 189 -13.91 17.70 -15.30
CA ALA D 189 -13.52 17.25 -13.97
C ALA D 189 -12.72 15.95 -14.08
N PRO D 190 -11.72 15.74 -13.23
CA PRO D 190 -10.96 14.49 -13.29
C PRO D 190 -11.83 13.29 -12.94
N SER D 191 -11.48 12.13 -13.51
CA SER D 191 -12.30 10.95 -13.34
C SER D 191 -12.40 10.51 -11.88
N PHE D 192 -11.40 10.82 -11.05
CA PHE D 192 -11.50 10.42 -9.65
C PHE D 192 -12.55 11.23 -8.89
N ALA D 193 -12.87 12.44 -9.37
CA ALA D 193 -13.89 13.26 -8.71
C ALA D 193 -15.30 12.87 -9.11
N SER D 194 -15.46 12.19 -10.25
CA SER D 194 -16.77 11.85 -10.77
C SER D 194 -17.05 10.35 -10.79
N GLY D 195 -16.01 9.52 -10.89
CA GLY D 195 -16.18 8.10 -11.03
C GLY D 195 -16.35 7.62 -12.45
N TYR D 196 -16.44 8.54 -13.41
CA TYR D 196 -16.53 8.17 -14.81
C TYR D 196 -15.28 7.42 -15.26
N ASN D 197 -15.46 6.53 -16.24
CA ASN D 197 -14.41 5.58 -16.59
C ASN D 197 -14.76 4.94 -17.93
N SER D 198 -13.78 4.27 -18.51
CA SER D 198 -13.96 3.43 -19.70
C SER D 198 -13.05 2.23 -19.57
N ILE D 199 -13.25 1.25 -20.46
CA ILE D 199 -12.46 0.03 -20.46
C ILE D 199 -12.62 -0.67 -21.79
N VAL D 200 -11.61 -1.44 -22.17
CA VAL D 200 -11.66 -2.32 -23.35
C VAL D 200 -11.46 -3.75 -22.87
N PRO D 201 -12.52 -4.49 -22.56
CA PRO D 201 -12.34 -5.81 -21.96
C PRO D 201 -11.77 -6.79 -22.96
N PRO D 202 -10.92 -7.73 -22.51
CA PRO D 202 -10.41 -8.79 -23.40
C PRO D 202 -11.39 -9.96 -23.54
N TYR D 203 -12.51 -9.69 -24.22
CA TYR D 203 -13.51 -10.75 -24.43
C TYR D 203 -12.91 -11.98 -25.09
N GLU D 204 -11.89 -11.79 -25.93
CA GLU D 204 -11.29 -12.91 -26.67
C GLU D 204 -10.82 -14.01 -25.72
N THR D 205 -10.20 -13.63 -24.60
CA THR D 205 -9.72 -14.61 -23.65
C THR D 205 -10.88 -15.39 -23.04
N VAL D 206 -11.94 -14.70 -22.65
CA VAL D 206 -13.10 -15.37 -22.06
C VAL D 206 -13.70 -16.35 -23.05
N LEU D 207 -13.88 -15.90 -24.30
CA LEU D 207 -14.56 -16.73 -25.28
C LEU D 207 -13.73 -17.94 -25.69
N GLU D 208 -12.40 -17.81 -25.69
CA GLU D 208 -11.56 -18.92 -26.12
C GLU D 208 -11.22 -19.89 -24.99
N ASP D 209 -10.95 -19.38 -23.78
CA ASP D 209 -10.37 -20.20 -22.71
C ASP D 209 -11.37 -20.66 -21.66
N GLY D 210 -12.30 -19.80 -21.24
CA GLY D 210 -13.17 -20.14 -20.13
C GLY D 210 -12.51 -19.86 -18.79
N LEU D 211 -13.31 -19.50 -17.79
CA LEU D 211 -12.76 -19.01 -16.52
C LEU D 211 -12.10 -20.13 -15.71
N LEU D 212 -12.53 -21.37 -15.91
CA LEU D 212 -11.89 -22.50 -15.21
C LEU D 212 -10.41 -22.59 -15.58
N ALA D 213 -10.09 -22.38 -16.86
CA ALA D 213 -8.70 -22.40 -17.30
C ALA D 213 -7.90 -21.29 -16.64
N ARG D 214 -8.49 -20.10 -16.52
CA ARG D 214 -7.78 -18.99 -15.87
C ARG D 214 -7.53 -19.29 -14.39
N ILE D 215 -8.50 -19.93 -13.73
CA ILE D 215 -8.32 -20.31 -12.33
C ILE D 215 -7.17 -21.32 -12.21
N LYS D 216 -7.16 -22.32 -13.09
CA LYS D 216 -6.10 -23.32 -13.07
C LYS D 216 -4.74 -22.67 -13.30
N LEU D 217 -4.67 -21.73 -14.23
CA LEU D 217 -3.41 -21.03 -14.52
C LEU D 217 -2.93 -20.24 -13.30
N ALA D 218 -3.84 -19.49 -12.67
CA ALA D 218 -3.47 -18.71 -11.50
C ALA D 218 -3.00 -19.61 -10.37
N GLU D 219 -3.65 -20.76 -10.19
CA GLU D 219 -3.23 -21.69 -9.14
C GLU D 219 -1.86 -22.29 -9.44
N LYS D 220 -1.58 -22.60 -10.71
CA LYS D 220 -0.26 -23.09 -11.07
C LYS D 220 0.81 -22.05 -10.78
N HIS D 221 0.54 -20.80 -11.15
CA HIS D 221 1.48 -19.72 -10.84
C HIS D 221 1.68 -19.57 -9.34
N ILE D 222 0.60 -19.69 -8.57
CA ILE D 222 0.70 -19.56 -7.12
C ILE D 222 1.60 -20.63 -6.54
N ALA D 223 1.39 -21.89 -6.96
CA ALA D 223 2.22 -22.98 -6.46
C ALA D 223 3.68 -22.78 -6.84
N GLU D 224 3.93 -22.35 -8.08
CA GLU D 224 5.31 -22.13 -8.50
C GLU D 224 5.97 -21.02 -7.69
N ALA D 225 5.22 -19.95 -7.42
CA ALA D 225 5.78 -18.84 -6.63
C ALA D 225 6.08 -19.28 -5.19
N GLN D 226 5.18 -20.05 -4.59
CA GLN D 226 5.42 -20.50 -3.22
C GLN D 226 6.62 -21.42 -3.15
N ALA D 227 6.77 -22.30 -4.15
CA ALA D 227 7.95 -23.16 -4.19
C ALA D 227 9.23 -22.35 -4.36
N ASP D 228 9.18 -21.31 -5.22
CA ASP D 228 10.32 -20.42 -5.35
C ASP D 228 10.65 -19.73 -4.04
N MET D 229 9.62 -19.37 -3.27
CA MET D 229 9.86 -18.75 -1.97
C MET D 229 10.47 -19.73 -0.97
N SER D 230 10.26 -21.03 -1.16
CA SER D 230 10.87 -22.02 -0.28
C SER D 230 12.15 -22.63 -0.86
N THR D 231 12.71 -22.07 -1.92
CA THR D 231 13.89 -22.63 -2.56
C THR D 231 15.17 -22.10 -1.91
N PHE D 232 16.03 -23.00 -1.44
CA PHE D 232 17.36 -22.63 -0.98
C PHE D 232 18.31 -22.51 -2.16
N PRO D 233 19.15 -21.46 -2.20
CA PRO D 233 19.27 -20.38 -1.22
C PRO D 233 18.36 -19.19 -1.55
N TRP D 234 17.76 -18.61 -0.51
CA TRP D 234 16.86 -17.48 -0.68
C TRP D 234 17.62 -16.24 -1.15
N ASN D 235 16.95 -15.42 -1.96
CA ASN D 235 17.51 -14.17 -2.45
C ASN D 235 16.50 -13.05 -2.19
N GLY D 236 16.76 -12.23 -1.18
CA GLY D 236 15.84 -11.17 -0.79
C GLY D 236 15.62 -10.10 -1.84
N THR D 237 16.55 -9.93 -2.77
CA THR D 237 16.39 -8.92 -3.81
C THR D 237 15.51 -9.39 -4.96
N LYS D 238 15.09 -10.65 -4.95
CA LYS D 238 14.25 -11.22 -5.99
C LYS D 238 13.02 -11.93 -5.45
N GLY D 239 13.14 -12.60 -4.30
CA GLY D 239 12.04 -13.39 -3.78
C GLY D 239 10.84 -12.57 -3.34
N LEU D 240 11.08 -11.36 -2.83
CA LEU D 240 9.98 -10.53 -2.34
C LEU D 240 9.04 -10.10 -3.45
N ASP D 241 9.47 -10.19 -4.71
CA ASP D 241 8.58 -9.88 -5.83
C ASP D 241 7.40 -10.83 -5.91
N ASN D 242 7.48 -11.99 -5.26
CA ASN D 242 6.41 -12.99 -5.33
C ASN D 242 5.20 -12.62 -4.47
N ILE D 243 5.35 -11.72 -3.49
CA ILE D 243 4.26 -11.42 -2.58
C ILE D 243 3.09 -10.77 -3.32
N ALA D 244 3.37 -9.71 -4.07
CA ALA D 244 2.32 -9.03 -4.81
C ALA D 244 1.73 -9.93 -5.90
N LYS D 245 2.57 -10.77 -6.51
CA LYS D 245 2.09 -11.70 -7.53
C LYS D 245 1.11 -12.70 -6.93
N ILE D 246 1.45 -13.27 -5.77
CA ILE D 246 0.57 -14.23 -5.12
C ILE D 246 -0.73 -13.56 -4.69
N ASP D 247 -0.65 -12.35 -4.13
CA ASP D 247 -1.86 -11.61 -3.79
C ASP D 247 -2.75 -11.43 -5.02
N ASN D 248 -2.15 -11.00 -6.13
CA ASN D 248 -2.93 -10.77 -7.35
C ASN D 248 -3.56 -12.06 -7.87
N TRP D 249 -2.80 -13.16 -7.87
CA TRP D 249 -3.32 -14.40 -8.42
C TRP D 249 -4.43 -14.98 -7.55
N LYS D 250 -4.30 -14.86 -6.23
CA LYS D 250 -5.37 -15.29 -5.35
C LYS D 250 -6.62 -14.44 -5.56
N ALA D 251 -6.44 -13.13 -5.79
CA ALA D 251 -7.57 -12.28 -6.10
C ALA D 251 -8.25 -12.71 -7.39
N MET D 252 -7.45 -13.07 -8.41
CA MET D 252 -8.03 -13.53 -9.67
C MET D 252 -8.83 -14.81 -9.45
N VAL D 253 -8.29 -15.76 -8.69
CA VAL D 253 -9.02 -17.01 -8.45
C VAL D 253 -10.35 -16.73 -7.76
N ILE D 254 -10.33 -15.87 -6.74
CA ILE D 254 -11.57 -15.57 -6.01
C ILE D 254 -12.59 -14.93 -6.95
N ALA D 255 -12.15 -13.93 -7.73
CA ALA D 255 -13.08 -13.21 -8.61
C ALA D 255 -13.66 -14.15 -9.67
N CYS D 256 -12.82 -15.02 -10.24
CA CYS D 256 -13.29 -15.90 -11.31
C CYS D 256 -14.26 -16.95 -10.77
N LYS D 257 -13.95 -17.54 -9.61
CA LYS D 257 -14.88 -18.48 -8.99
C LYS D 257 -16.21 -17.81 -8.70
N ALA D 258 -16.17 -16.56 -8.20
CA ALA D 258 -17.39 -15.83 -7.93
C ALA D 258 -18.21 -15.61 -9.21
N VAL D 259 -17.54 -15.25 -10.30
CA VAL D 259 -18.25 -14.98 -11.55
C VAL D 259 -18.89 -16.27 -12.09
N ILE D 260 -18.17 -17.39 -11.99
CA ILE D 260 -18.74 -18.67 -12.43
C ILE D 260 -19.97 -19.00 -11.62
N SER D 261 -19.88 -18.89 -10.28
CA SER D 261 -21.02 -19.15 -9.43
C SER D 261 -22.20 -18.24 -9.78
N TRP D 262 -21.91 -16.98 -10.11
CA TRP D 262 -22.95 -16.01 -10.41
C TRP D 262 -23.68 -16.38 -11.71
N ALA D 263 -22.93 -16.69 -12.76
CA ALA D 263 -23.55 -17.12 -14.02
C ALA D 263 -24.36 -18.39 -13.83
N ARG D 264 -23.86 -19.32 -13.03
CA ARG D 264 -24.60 -20.57 -12.82
C ARG D 264 -25.86 -20.34 -11.99
N ARG D 265 -25.85 -19.41 -11.05
CA ARG D 265 -27.09 -19.07 -10.34
C ARG D 265 -28.10 -18.42 -11.28
N GLN D 266 -27.64 -17.62 -12.24
CA GLN D 266 -28.55 -17.10 -13.26
C GLN D 266 -29.17 -18.23 -14.09
N GLY D 267 -28.35 -19.19 -14.50
CA GLY D 267 -28.89 -20.34 -15.21
C GLY D 267 -29.87 -21.14 -14.38
N ARG D 268 -29.60 -21.25 -13.08
CA ARG D 268 -30.53 -21.94 -12.18
C ARG D 268 -31.86 -21.21 -12.10
N LEU D 269 -31.83 -19.88 -12.06
CA LEU D 269 -33.07 -19.12 -12.09
C LEU D 269 -33.83 -19.38 -13.38
N CYS D 270 -33.11 -19.50 -14.50
CA CYS D 270 -33.75 -19.84 -15.76
C CYS D 270 -34.46 -21.18 -15.67
N LYS D 271 -33.78 -22.20 -15.15
CA LYS D 271 -34.38 -23.53 -15.03
C LYS D 271 -35.59 -23.52 -14.10
N ILE D 272 -35.51 -22.78 -12.99
CA ILE D 272 -36.63 -22.71 -12.06
C ILE D 272 -37.84 -22.06 -12.71
N VAL D 273 -37.63 -20.97 -13.44
CA VAL D 273 -38.73 -20.32 -14.12
C VAL D 273 -39.32 -21.23 -15.19
N ALA D 274 -38.48 -22.04 -15.84
CA ALA D 274 -39.00 -22.99 -16.83
C ALA D 274 -39.88 -24.05 -16.17
N GLU D 275 -39.46 -24.58 -15.03
CA GLU D 275 -40.14 -25.72 -14.43
C GLU D 275 -41.30 -25.34 -13.52
N ASN D 276 -41.39 -24.09 -13.06
CA ASN D 276 -42.36 -23.74 -12.04
C ASN D 276 -43.22 -22.52 -12.36
N PHE D 277 -42.85 -21.70 -13.34
CA PHE D 277 -43.55 -20.43 -13.52
C PHE D 277 -44.10 -20.24 -14.93
N GLU D 278 -43.44 -20.80 -15.93
CA GLU D 278 -43.83 -20.57 -17.31
C GLU D 278 -44.76 -21.69 -17.80
N THR D 279 -45.77 -21.30 -18.56
CA THR D 279 -46.76 -22.21 -19.09
C THR D 279 -46.48 -22.67 -20.52
N ASP D 280 -45.86 -21.83 -21.33
CA ASP D 280 -45.61 -22.16 -22.74
C ASP D 280 -44.52 -23.21 -22.84
N PRO D 281 -44.78 -24.38 -23.45
CA PRO D 281 -43.72 -25.40 -23.55
C PRO D 281 -42.57 -24.97 -24.44
N LYS D 282 -42.82 -24.20 -25.50
CA LYS D 282 -41.73 -23.64 -26.30
C LYS D 282 -40.85 -22.74 -25.46
N ARG D 283 -41.47 -21.88 -24.65
CA ARG D 283 -40.73 -21.01 -23.75
C ARG D 283 -39.96 -21.82 -22.71
N GLN D 284 -40.56 -22.91 -22.22
CA GLN D 284 -39.87 -23.76 -21.25
C GLN D 284 -38.62 -24.40 -21.87
N ALA D 285 -38.74 -24.92 -23.09
CA ALA D 285 -37.59 -25.50 -23.76
C ALA D 285 -36.49 -24.46 -24.00
N GLU D 286 -36.89 -23.26 -24.42
CA GLU D 286 -35.92 -22.20 -24.62
C GLU D 286 -35.22 -21.83 -23.31
N LEU D 287 -35.97 -21.76 -22.22
CA LEU D 287 -35.39 -21.44 -20.92
C LEU D 287 -34.42 -22.52 -20.48
N LEU D 288 -34.75 -23.79 -20.75
CA LEU D 288 -33.84 -24.87 -20.40
C LEU D 288 -32.55 -24.79 -21.22
N GLU D 289 -32.66 -24.44 -22.50
CA GLU D 289 -31.47 -24.26 -23.33
C GLU D 289 -30.60 -23.14 -22.78
N ILE D 290 -31.21 -21.99 -22.46
CA ILE D 290 -30.47 -20.87 -21.89
C ILE D 290 -29.82 -21.28 -20.57
N ALA D 291 -30.53 -22.09 -19.78
CA ALA D 291 -30.00 -22.52 -18.49
C ALA D 291 -28.76 -23.38 -18.67
N ASP D 292 -28.80 -24.31 -19.62
CA ASP D 292 -27.60 -25.11 -19.89
C ASP D 292 -26.46 -24.24 -20.39
N ILE D 293 -26.76 -23.25 -21.24
CA ILE D 293 -25.74 -22.31 -21.71
C ILE D 293 -25.07 -21.63 -20.52
N CYS D 294 -25.88 -21.00 -19.66
CA CYS D 294 -25.34 -20.32 -18.48
C CYS D 294 -24.64 -21.29 -17.53
N GLN D 295 -24.98 -22.57 -17.59
CA GLN D 295 -24.26 -23.57 -16.81
C GLN D 295 -22.84 -23.76 -17.34
N ARG D 296 -22.71 -23.93 -18.66
CA ARG D 296 -21.39 -24.18 -19.24
C ARG D 296 -20.60 -22.90 -19.49
N ILE D 297 -21.27 -21.75 -19.55
CA ILE D 297 -20.64 -20.49 -19.95
C ILE D 297 -20.73 -19.53 -18.76
N PRO D 298 -19.65 -18.82 -18.40
CA PRO D 298 -18.31 -18.78 -19.03
C PRO D 298 -17.27 -19.66 -18.37
N ALA D 299 -17.68 -20.71 -17.64
CA ALA D 299 -16.69 -21.61 -17.04
C ALA D 299 -15.87 -22.33 -18.10
N GLU D 300 -16.52 -22.81 -19.15
CA GLU D 300 -15.89 -23.56 -20.22
C GLU D 300 -15.74 -22.70 -21.46
N PRO D 301 -14.89 -23.10 -22.41
CA PRO D 301 -14.78 -22.33 -23.66
C PRO D 301 -16.11 -22.33 -24.41
N CYS D 302 -16.30 -21.29 -25.22
CA CYS D 302 -17.49 -21.19 -26.04
C CYS D 302 -17.38 -22.13 -27.24
N LYS D 303 -18.49 -22.81 -27.54
CA LYS D 303 -18.55 -23.71 -28.69
C LYS D 303 -19.40 -23.19 -29.83
N GLY D 304 -20.40 -22.35 -29.55
CA GLY D 304 -21.26 -21.82 -30.59
C GLY D 304 -21.50 -20.32 -30.47
N LEU D 305 -22.41 -19.80 -31.30
CA LEU D 305 -22.65 -18.35 -31.31
C LEU D 305 -23.43 -17.90 -30.09
N LYS D 306 -24.41 -18.70 -29.65
CA LYS D 306 -25.18 -18.35 -28.46
C LYS D 306 -24.29 -18.35 -27.22
N ASP D 307 -23.43 -19.36 -27.08
CA ASP D 307 -22.42 -19.37 -26.03
C ASP D 307 -21.61 -18.09 -26.05
N ALA D 308 -21.13 -17.70 -27.24
CA ALA D 308 -20.27 -16.53 -27.36
C ALA D 308 -21.00 -15.27 -26.95
N MET D 309 -22.28 -15.13 -27.34
CA MET D 309 -23.01 -13.92 -27.00
C MET D 309 -23.31 -13.85 -25.50
N GLN D 310 -23.69 -14.98 -24.89
CA GLN D 310 -23.92 -14.98 -23.44
C GLN D 310 -22.64 -14.66 -22.67
N ALA D 311 -21.51 -15.21 -23.11
CA ALA D 311 -20.24 -14.90 -22.46
C ALA D 311 -19.89 -13.43 -22.62
N LYS D 312 -20.10 -12.88 -23.83
CA LYS D 312 -19.88 -11.46 -24.05
C LYS D 312 -20.70 -10.61 -23.09
N PHE D 313 -21.97 -10.96 -22.89
CA PHE D 313 -22.81 -10.14 -22.03
C PHE D 313 -22.40 -10.26 -20.57
N PHE D 314 -22.05 -11.47 -20.11
CA PHE D 314 -21.57 -11.62 -18.74
C PHE D 314 -20.31 -10.79 -18.51
N THR D 315 -19.34 -10.90 -19.42
CA THR D 315 -18.10 -10.15 -19.28
C THR D 315 -18.36 -8.65 -19.31
N PHE D 316 -19.29 -8.20 -20.16
CA PHE D 316 -19.63 -6.78 -20.19
C PHE D 316 -20.22 -6.34 -18.85
N LEU D 317 -21.14 -7.13 -18.30
CA LEU D 317 -21.74 -6.78 -17.02
C LEU D 317 -20.68 -6.65 -15.93
N ILE D 318 -19.72 -7.57 -15.90
CA ILE D 318 -18.71 -7.52 -14.84
C ILE D 318 -17.74 -6.35 -15.06
N CYS D 319 -17.32 -6.13 -16.31
CA CYS D 319 -16.26 -5.16 -16.59
C CYS D 319 -16.76 -3.72 -16.65
N HIS D 320 -18.05 -3.51 -16.90
CA HIS D 320 -18.59 -2.16 -17.07
C HIS D 320 -19.57 -1.74 -15.99
N ALA D 321 -20.02 -2.66 -15.13
CA ALA D 321 -21.08 -2.32 -14.19
C ALA D 321 -20.83 -2.84 -12.78
N ILE D 322 -20.38 -4.09 -12.65
CA ILE D 322 -20.38 -4.75 -11.35
C ILE D 322 -19.04 -4.57 -10.63
N GLU D 323 -17.94 -5.02 -11.25
CA GLU D 323 -16.64 -4.89 -10.59
C GLU D 323 -16.25 -3.42 -10.47
N ARG D 324 -16.61 -2.61 -11.46
CA ARG D 324 -16.36 -1.18 -11.45
C ARG D 324 -17.22 -0.56 -12.53
N TYR D 325 -17.55 0.72 -12.37
CA TYR D 325 -18.23 1.42 -13.44
C TYR D 325 -17.26 1.74 -14.57
N ALA D 326 -17.70 1.50 -15.80
CA ALA D 326 -16.93 1.87 -16.97
C ALA D 326 -17.90 2.10 -18.12
N SER D 327 -17.93 3.32 -18.64
CA SER D 327 -18.73 3.59 -19.81
C SER D 327 -18.17 2.82 -21.00
N GLY D 328 -18.98 2.74 -22.05
CA GLY D 328 -18.53 2.20 -23.32
C GLY D 328 -19.07 0.80 -23.60
N TYR D 329 -18.76 0.35 -24.82
CA TYR D 329 -19.06 -1.00 -25.28
C TYR D 329 -17.94 -1.50 -26.17
N ALA D 330 -16.71 -1.11 -25.88
CA ALA D 330 -15.58 -1.32 -26.78
C ALA D 330 -15.36 -2.79 -27.06
N GLN D 331 -15.30 -3.13 -28.35
CA GLN D 331 -15.08 -4.49 -28.82
C GLN D 331 -15.05 -4.51 -30.34
N LYS D 332 -14.31 -5.46 -30.91
CA LYS D 332 -14.37 -5.73 -32.34
C LYS D 332 -15.38 -6.85 -32.51
N GLU D 333 -16.66 -6.50 -32.61
CA GLU D 333 -17.72 -7.51 -32.46
C GLU D 333 -17.67 -8.53 -33.59
N ASP D 334 -17.50 -8.09 -34.84
CA ASP D 334 -17.52 -9.03 -35.94
C ASP D 334 -16.31 -9.96 -35.90
N THR D 335 -15.11 -9.41 -35.68
CA THR D 335 -13.92 -10.24 -35.59
C THR D 335 -14.00 -11.19 -34.40
N LEU D 336 -14.51 -10.69 -33.27
CA LEU D 336 -14.57 -11.50 -32.06
C LEU D 336 -15.58 -12.64 -32.21
N LEU D 337 -16.70 -12.38 -32.88
CA LEU D 337 -17.77 -13.36 -32.98
C LEU D 337 -17.65 -14.25 -34.21
N TRP D 338 -16.74 -13.94 -35.15
CA TRP D 338 -16.69 -14.70 -36.40
C TRP D 338 -16.43 -16.20 -36.22
N PRO D 339 -15.49 -16.66 -35.38
CA PRO D 339 -15.31 -18.11 -35.25
C PRO D 339 -16.59 -18.83 -34.84
N TYR D 340 -17.38 -18.21 -33.97
CA TYR D 340 -18.59 -18.83 -33.49
C TYR D 340 -19.73 -18.70 -34.49
N TYR D 341 -19.73 -17.65 -35.30
CA TYR D 341 -20.64 -17.58 -36.45
C TYR D 341 -20.33 -18.70 -37.44
N LYS D 342 -19.05 -18.93 -37.72
CA LYS D 342 -18.66 -20.00 -38.63
C LYS D 342 -18.99 -21.37 -38.05
N ALA D 343 -18.87 -21.53 -36.74
CA ALA D 343 -19.24 -22.79 -36.11
C ALA D 343 -20.74 -23.02 -36.12
N SER D 344 -21.52 -21.96 -35.91
CA SER D 344 -22.96 -22.12 -35.75
C SER D 344 -23.74 -21.97 -37.06
N VAL D 345 -23.40 -20.98 -37.87
CA VAL D 345 -24.19 -20.70 -39.08
C VAL D 345 -23.60 -21.40 -40.29
N VAL D 346 -22.28 -21.31 -40.48
CA VAL D 346 -21.67 -21.87 -41.69
C VAL D 346 -21.46 -23.37 -41.55
N ASP D 347 -20.80 -23.80 -40.49
CA ASP D 347 -20.48 -25.22 -40.33
C ASP D 347 -21.56 -26.00 -39.60
N LYS D 348 -22.40 -25.33 -38.82
CA LYS D 348 -23.49 -25.96 -38.08
C LYS D 348 -22.98 -27.13 -37.23
N LYS D 349 -21.89 -26.87 -36.50
CA LYS D 349 -21.26 -27.89 -35.67
C LYS D 349 -21.75 -27.86 -34.22
N PHE D 350 -22.03 -26.66 -33.69
CA PHE D 350 -22.58 -26.50 -32.36
C PHE D 350 -23.50 -25.31 -32.37
N GLN D 351 -24.66 -25.44 -31.72
CA GLN D 351 -25.71 -24.43 -31.73
C GLN D 351 -26.02 -24.03 -33.18
N PRO D 352 -26.51 -24.96 -34.00
CA PRO D 352 -26.70 -24.66 -35.43
C PRO D 352 -27.80 -23.63 -35.63
N MET D 353 -27.48 -22.58 -36.40
CA MET D 353 -28.41 -21.49 -36.69
C MET D 353 -28.27 -21.05 -38.14
N SER D 354 -29.23 -20.25 -38.57
CA SER D 354 -29.20 -19.57 -39.86
C SER D 354 -28.69 -18.14 -39.69
N HIS D 355 -28.49 -17.46 -40.81
CA HIS D 355 -28.04 -16.07 -40.76
C HIS D 355 -29.08 -15.18 -40.08
N MET D 356 -30.36 -15.39 -40.37
CA MET D 356 -31.41 -14.58 -39.73
C MET D 356 -31.52 -14.89 -38.24
N ASP D 357 -31.17 -16.11 -37.82
CA ASP D 357 -31.10 -16.39 -36.39
C ASP D 357 -30.05 -15.53 -35.71
N ALA D 358 -28.88 -15.38 -36.34
CA ALA D 358 -27.86 -14.51 -35.80
C ALA D 358 -28.29 -13.05 -35.85
N VAL D 359 -29.06 -12.66 -36.88
CA VAL D 359 -29.59 -11.30 -36.93
C VAL D 359 -30.51 -11.03 -35.74
N GLU D 360 -31.40 -11.99 -35.45
CA GLU D 360 -32.28 -11.86 -34.29
C GLU D 360 -31.48 -11.83 -33.00
N LEU D 361 -30.40 -12.61 -32.93
CA LEU D 361 -29.57 -12.62 -31.74
C LEU D 361 -28.91 -11.27 -31.51
N VAL D 362 -28.37 -10.67 -32.57
CA VAL D 362 -27.77 -9.34 -32.45
C VAL D 362 -28.84 -8.29 -32.11
N GLU D 363 -30.06 -8.46 -32.63
CA GLU D 363 -31.17 -7.58 -32.25
C GLU D 363 -31.40 -7.64 -30.74
N MET D 364 -31.48 -8.85 -30.19
CA MET D 364 -31.69 -9.02 -28.76
C MET D 364 -30.52 -8.44 -27.96
N GLU D 365 -29.29 -8.56 -28.49
CA GLU D 365 -28.15 -7.96 -27.82
C GLU D 365 -28.30 -6.44 -27.76
N ARG D 366 -28.69 -5.83 -28.87
CA ARG D 366 -28.88 -4.38 -28.91
C ARG D 366 -29.97 -3.96 -27.93
N LEU D 367 -31.04 -4.75 -27.81
CA LEU D 367 -32.11 -4.38 -26.88
C LEU D 367 -31.66 -4.53 -25.42
N LYS D 368 -30.89 -5.59 -25.12
CA LYS D 368 -30.35 -5.74 -23.77
C LYS D 368 -29.44 -4.57 -23.41
N ILE D 369 -28.62 -4.12 -24.36
CA ILE D 369 -27.81 -2.93 -24.11
C ILE D 369 -28.69 -1.70 -23.96
N SER D 370 -29.78 -1.64 -24.72
CA SER D 370 -30.73 -0.53 -24.60
C SER D 370 -31.41 -0.49 -23.24
N GLU D 371 -31.40 -1.60 -22.49
CA GLU D 371 -31.97 -1.63 -21.15
C GLU D 371 -30.94 -1.43 -20.04
N HIS D 372 -29.69 -1.11 -20.38
CA HIS D 372 -28.63 -1.03 -19.38
C HIS D 372 -28.52 0.39 -18.83
N GLY D 373 -29.08 0.61 -17.64
CA GLY D 373 -28.96 1.91 -17.00
C GLY D 373 -27.60 2.08 -16.34
N ALA D 374 -27.01 3.25 -16.54
CA ALA D 374 -25.67 3.57 -16.06
C ALA D 374 -25.75 4.43 -14.82
N GLY D 375 -25.18 3.94 -13.71
CA GLY D 375 -25.16 4.69 -12.47
C GLY D 375 -24.03 5.70 -12.40
N LYS D 376 -23.94 6.57 -13.39
CA LYS D 376 -22.89 7.57 -13.44
C LYS D 376 -23.33 8.84 -12.70
N SER D 377 -22.37 9.75 -12.54
CA SER D 377 -22.60 10.98 -11.80
C SER D 377 -23.38 11.98 -12.65
N ARG D 378 -23.79 13.08 -12.01
CA ARG D 378 -24.65 14.06 -12.66
C ARG D 378 -24.01 14.64 -13.90
N ALA D 379 -22.70 14.95 -13.82
CA ALA D 379 -22.00 15.54 -14.96
C ALA D 379 -22.17 14.70 -16.22
N TYR D 380 -22.13 13.39 -16.08
CA TYR D 380 -22.23 12.48 -17.20
C TYR D 380 -23.64 11.93 -17.37
N ARG D 381 -24.59 12.39 -16.57
CA ARG D 381 -26.00 12.32 -16.90
C ARG D 381 -26.46 13.57 -17.64
N GLU D 382 -25.56 14.52 -17.85
CA GLU D 382 -25.81 15.76 -18.59
C GLU D 382 -25.33 15.72 -20.03
N ILE D 383 -24.17 15.11 -20.28
CA ILE D 383 -23.42 15.32 -21.52
C ILE D 383 -23.62 14.19 -22.52
N PHE D 384 -24.54 13.26 -22.26
CA PHE D 384 -24.97 12.30 -23.28
C PHE D 384 -26.49 12.30 -23.39
N PRO D 385 -27.10 13.44 -23.73
CA PRO D 385 -28.57 13.51 -23.76
C PRO D 385 -29.16 12.52 -24.76
N GLY D 386 -30.28 11.91 -24.37
CA GLY D 386 -31.01 11.02 -25.25
C GLY D 386 -30.48 9.61 -25.33
N SER D 387 -29.79 9.14 -24.30
CA SER D 387 -29.22 7.80 -24.31
C SER D 387 -28.93 7.36 -22.88
N ASN D 388 -28.90 6.04 -22.69
CA ASN D 388 -28.50 5.49 -21.39
C ASN D 388 -27.08 5.91 -21.04
N ASP D 389 -26.17 5.75 -21.99
CA ASP D 389 -24.73 5.90 -21.78
C ASP D 389 -24.08 5.92 -23.16
N LEU D 390 -22.77 5.78 -23.20
CA LEU D 390 -22.05 5.58 -24.45
C LEU D 390 -21.80 4.09 -24.63
N PHE D 391 -22.27 3.54 -25.74
CA PHE D 391 -22.02 2.15 -26.10
C PHE D 391 -21.56 2.12 -27.55
N ILE D 392 -20.26 1.91 -27.77
CA ILE D 392 -19.66 2.09 -29.08
C ILE D 392 -18.84 0.84 -29.42
N LEU D 393 -19.30 0.14 -30.45
CA LEU D 393 -18.59 -1.07 -30.93
C LEU D 393 -17.94 -0.74 -32.28
N THR D 394 -17.00 -1.57 -32.72
CA THR D 394 -16.29 -1.36 -33.97
C THR D 394 -16.33 -2.62 -34.83
N VAL D 395 -16.62 -2.44 -36.12
CA VAL D 395 -16.64 -3.53 -37.09
C VAL D 395 -15.85 -3.08 -38.32
N GLY D 396 -15.62 -4.04 -39.23
CA GLY D 396 -14.93 -3.74 -40.47
C GLY D 396 -13.41 -3.79 -40.35
N GLY D 397 -12.72 -2.93 -41.09
CA GLY D 397 -11.28 -2.81 -40.95
C GLY D 397 -10.50 -3.82 -41.79
N THR D 398 -9.23 -3.99 -41.41
CA THR D 398 -8.32 -4.90 -42.08
C THR D 398 -7.73 -5.87 -41.07
N ASN D 399 -7.32 -7.04 -41.55
CA ASN D 399 -6.72 -8.05 -40.70
C ASN D 399 -5.21 -7.84 -40.60
N ALA D 400 -4.51 -8.79 -39.99
CA ALA D 400 -3.05 -8.63 -39.77
C ALA D 400 -2.32 -8.57 -41.10
N LYS D 401 -2.81 -9.30 -42.11
CA LYS D 401 -2.10 -9.36 -43.41
C LYS D 401 -2.59 -8.21 -44.31
N GLY D 402 -3.31 -7.25 -43.73
CA GLY D 402 -3.81 -6.14 -44.49
C GLY D 402 -5.02 -6.39 -45.37
N GLU D 403 -5.59 -7.60 -45.31
CA GLU D 403 -6.76 -7.92 -46.12
C GLU D 403 -8.04 -7.51 -45.40
N ASP D 404 -9.11 -7.40 -46.18
CA ASP D 404 -10.39 -6.94 -45.66
C ASP D 404 -10.89 -7.88 -44.57
N ALA D 405 -11.32 -7.30 -43.45
CA ALA D 405 -11.81 -8.05 -42.30
C ALA D 405 -13.33 -8.19 -42.27
N CYS D 406 -14.03 -7.65 -43.27
CA CYS D 406 -15.48 -7.76 -43.30
C CYS D 406 -15.89 -9.21 -43.55
N ASN D 407 -16.99 -9.62 -42.93
CA ASN D 407 -17.50 -10.98 -43.08
C ASN D 407 -19.02 -10.94 -42.91
N ASP D 408 -19.64 -12.11 -42.94
CA ASP D 408 -21.09 -12.20 -42.82
C ASP D 408 -21.57 -11.73 -41.45
N MET D 409 -20.72 -11.83 -40.42
CA MET D 409 -21.12 -11.36 -39.10
C MET D 409 -21.24 -9.84 -39.07
N THR D 410 -20.36 -9.13 -39.79
CA THR D 410 -20.51 -7.69 -39.92
C THR D 410 -21.86 -7.34 -40.54
N ASP D 411 -22.25 -8.07 -41.59
CA ASP D 411 -23.54 -7.82 -42.24
C ASP D 411 -24.69 -8.15 -41.31
N ALA D 412 -24.55 -9.19 -40.49
CA ALA D 412 -25.60 -9.53 -39.53
C ALA D 412 -25.77 -8.41 -38.50
N ILE D 413 -24.65 -7.90 -37.98
CA ILE D 413 -24.72 -6.81 -37.00
C ILE D 413 -25.38 -5.58 -37.63
N LEU D 414 -24.95 -5.21 -38.83
CA LEU D 414 -25.50 -4.02 -39.48
C LEU D 414 -26.98 -4.20 -39.81
N GLU D 415 -27.39 -5.40 -40.23
CA GLU D 415 -28.79 -5.64 -40.54
C GLU D 415 -29.65 -5.59 -39.28
N ALA D 416 -29.16 -6.14 -38.18
CA ALA D 416 -29.91 -6.06 -36.93
C ALA D 416 -30.05 -4.61 -36.47
N ALA D 417 -28.97 -3.83 -36.59
CA ALA D 417 -29.04 -2.42 -36.20
C ALA D 417 -29.98 -1.64 -37.09
N LYS D 418 -30.06 -1.98 -38.38
CA LYS D 418 -30.99 -1.29 -39.27
C LYS D 418 -32.43 -1.67 -38.95
N ARG D 419 -32.66 -2.96 -38.66
CA ARG D 419 -34.02 -3.44 -38.43
C ARG D 419 -34.59 -2.92 -37.10
N ILE D 420 -33.84 -3.04 -36.01
CA ILE D 420 -34.41 -2.77 -34.70
C ILE D 420 -34.50 -1.28 -34.37
N ARG D 421 -33.78 -0.43 -35.08
CA ARG D 421 -33.73 1.02 -34.87
C ARG D 421 -33.65 1.39 -33.39
N THR D 422 -32.55 0.99 -32.75
CA THR D 422 -32.23 1.42 -31.39
C THR D 422 -31.03 2.34 -31.43
N ALA D 423 -31.07 3.38 -30.59
CA ALA D 423 -29.98 4.36 -30.58
C ALA D 423 -28.68 3.74 -30.12
N GLU D 424 -28.71 3.01 -29.00
CA GLU D 424 -27.52 2.33 -28.51
C GLU D 424 -27.62 0.83 -28.75
N PRO D 425 -26.50 0.16 -29.04
CA PRO D 425 -25.14 0.68 -29.15
C PRO D 425 -24.82 1.30 -30.51
N SER D 426 -24.02 2.36 -30.51
CA SER D 426 -23.55 2.96 -31.76
C SER D 426 -22.43 2.11 -32.36
N ILE D 427 -22.22 2.28 -33.66
CA ILE D 427 -21.28 1.46 -34.41
C ILE D 427 -20.22 2.36 -35.05
N VAL D 428 -18.98 1.89 -35.05
CA VAL D 428 -17.89 2.51 -35.78
C VAL D 428 -17.38 1.53 -36.82
N PHE D 429 -17.24 1.99 -38.06
CA PHE D 429 -16.75 1.16 -39.14
C PHE D 429 -15.39 1.70 -39.58
N ARG D 430 -14.34 0.92 -39.33
CA ARG D 430 -13.02 1.25 -39.85
C ARG D 430 -13.02 1.01 -41.35
N TYR D 431 -12.88 2.09 -42.13
CA TYR D 431 -12.98 1.98 -43.58
C TYR D 431 -11.61 1.77 -44.19
N SER D 432 -11.54 0.84 -45.14
CA SER D 432 -10.38 0.66 -45.99
C SER D 432 -10.86 0.49 -47.41
N LYS D 433 -9.99 0.80 -48.37
CA LYS D 433 -10.31 0.51 -49.76
C LYS D 433 -10.50 -0.97 -50.00
N LYS D 434 -9.94 -1.81 -49.14
CA LYS D 434 -10.11 -3.26 -49.27
C LYS D 434 -11.50 -3.74 -48.89
N ASN D 435 -12.29 -2.92 -48.18
CA ASN D 435 -13.57 -3.36 -47.65
C ASN D 435 -14.53 -3.70 -48.80
N ARG D 436 -15.18 -4.86 -48.69
CA ARG D 436 -16.06 -5.33 -49.75
C ARG D 436 -17.30 -4.45 -49.86
N GLU D 437 -17.90 -4.45 -51.05
CA GLU D 437 -19.00 -3.54 -51.35
C GLU D 437 -20.31 -3.96 -50.70
N LYS D 438 -20.51 -5.25 -50.43
CA LYS D 438 -21.74 -5.70 -49.81
C LYS D 438 -21.88 -5.17 -48.38
N THR D 439 -20.80 -5.28 -47.60
CA THR D 439 -20.82 -4.70 -46.26
C THR D 439 -20.95 -3.18 -46.32
N LEU D 440 -20.32 -2.55 -47.31
CA LEU D 440 -20.46 -1.10 -47.45
C LEU D 440 -21.89 -0.72 -47.76
N ARG D 441 -22.61 -1.55 -48.53
CA ARG D 441 -24.02 -1.30 -48.78
C ARG D 441 -24.82 -1.41 -47.49
N TRP D 442 -24.44 -2.34 -46.61
CA TRP D 442 -25.14 -2.43 -45.32
C TRP D 442 -24.86 -1.20 -44.45
N VAL D 443 -23.60 -0.75 -44.41
CA VAL D 443 -23.26 0.46 -43.67
C VAL D 443 -24.06 1.65 -44.18
N PHE D 444 -24.14 1.78 -45.51
CA PHE D 444 -24.92 2.86 -46.11
C PHE D 444 -26.41 2.68 -45.82
N GLU D 445 -26.88 1.44 -45.73
CA GLU D 445 -28.27 1.20 -45.33
C GLU D 445 -28.55 1.78 -43.96
N CYS D 446 -27.63 1.57 -43.02
CA CYS D 446 -27.80 2.14 -41.69
C CYS D 446 -27.74 3.67 -41.72
N ILE D 447 -26.82 4.23 -42.51
CA ILE D 447 -26.63 5.68 -42.49
C ILE D 447 -27.79 6.40 -43.17
N ARG D 448 -28.26 5.88 -44.32
CA ARG D 448 -29.35 6.50 -45.06
C ARG D 448 -30.66 6.48 -44.30
N ASP D 449 -30.78 5.60 -43.29
CA ASP D 449 -31.98 5.53 -42.47
C ASP D 449 -31.97 6.53 -41.33
N GLY D 450 -30.94 7.37 -41.24
CA GLY D 450 -30.86 8.40 -40.22
C GLY D 450 -30.42 7.94 -38.86
N LEU D 451 -29.92 6.71 -38.72
CA LEU D 451 -29.49 6.23 -37.42
C LEU D 451 -28.29 7.00 -36.88
N GLY D 452 -27.53 7.66 -37.75
CA GLY D 452 -26.34 8.38 -37.35
C GLY D 452 -25.09 7.53 -37.30
N TYR D 453 -25.24 6.23 -37.12
CA TYR D 453 -24.16 5.26 -37.16
C TYR D 453 -24.36 4.32 -38.34
N PRO D 454 -23.30 3.66 -38.82
CA PRO D 454 -21.91 3.67 -38.32
C PRO D 454 -21.15 4.93 -38.71
N SER D 455 -20.38 5.47 -37.77
CA SER D 455 -19.42 6.50 -38.11
C SER D 455 -18.23 5.86 -38.81
N ILE D 456 -17.58 6.63 -39.67
CA ILE D 456 -16.47 6.13 -40.49
C ILE D 456 -15.17 6.63 -39.89
N LYS D 457 -14.20 5.72 -39.78
CA LYS D 457 -12.87 6.05 -39.29
C LYS D 457 -11.83 5.54 -40.28
N HIS D 458 -10.75 6.31 -40.42
CA HIS D 458 -9.69 5.96 -41.35
C HIS D 458 -8.87 4.81 -40.76
N ASP D 459 -8.89 3.66 -41.44
CA ASP D 459 -8.26 2.46 -40.88
C ASP D 459 -6.74 2.60 -40.88
N GLU D 460 -6.17 3.07 -42.00
CA GLU D 460 -4.72 3.16 -42.10
C GLU D 460 -4.16 4.14 -41.06
N ILE D 461 -4.87 5.24 -40.81
CA ILE D 461 -4.44 6.21 -39.81
C ILE D 461 -4.41 5.56 -38.43
N GLY D 462 -5.47 4.81 -38.10
CA GLY D 462 -5.51 4.14 -36.81
C GLY D 462 -4.43 3.10 -36.63
N THR D 463 -4.17 2.31 -37.69
CA THR D 463 -3.14 1.28 -37.60
C THR D 463 -1.76 1.90 -37.43
N GLU D 464 -1.45 2.93 -38.22
CA GLU D 464 -0.18 3.62 -38.07
C GLU D 464 -0.06 4.24 -36.69
N GLN D 465 -1.16 4.77 -36.15
CA GLN D 465 -1.14 5.34 -34.79
C GLN D 465 -0.83 4.27 -33.75
N MET D 466 -1.44 3.09 -33.89
CA MET D 466 -1.16 2.00 -32.98
C MET D 466 0.31 1.59 -33.05
N LYS D 467 0.85 1.52 -34.27
CA LYS D 467 2.26 1.19 -34.45
C LYS D 467 3.14 2.24 -33.77
N GLU D 468 2.82 3.52 -33.95
CA GLU D 468 3.62 4.59 -33.37
C GLU D 468 3.60 4.54 -31.85
N TYR D 469 2.41 4.34 -31.25
CA TYR D 469 2.32 4.26 -29.80
C TYR D 469 3.06 3.06 -29.24
N ALA D 470 3.07 1.94 -29.97
CA ALA D 470 3.73 0.74 -29.44
C ALA D 470 5.21 0.95 -29.17
N LYS D 471 5.85 1.87 -29.89
CA LYS D 471 7.29 2.11 -29.69
C LYS D 471 7.59 2.59 -28.28
N PHE D 472 6.65 3.27 -27.62
CA PHE D 472 6.88 3.83 -26.30
C PHE D 472 6.67 2.84 -25.16
N SER D 473 6.36 1.58 -25.47
CA SER D 473 6.02 0.61 -24.43
C SER D 473 7.15 0.47 -23.43
N LEU D 474 6.80 0.51 -22.14
CA LEU D 474 7.81 0.51 -21.09
C LEU D 474 8.52 -0.84 -20.99
N ASN D 475 7.77 -1.93 -21.14
CA ASN D 475 8.36 -3.26 -21.11
C ASN D 475 8.71 -3.79 -22.50
N GLY D 476 8.60 -2.96 -23.53
CA GLY D 476 8.93 -3.38 -24.87
C GLY D 476 7.98 -4.38 -25.47
N ASN D 477 6.77 -4.51 -24.92
CA ASN D 477 5.77 -5.44 -25.40
C ASN D 477 4.57 -4.72 -26.01
N GLY D 478 4.81 -3.59 -26.67
CA GLY D 478 3.75 -2.91 -27.39
C GLY D 478 3.14 -3.78 -28.48
N ALA D 479 2.09 -3.25 -29.09
CA ALA D 479 1.43 -3.96 -30.18
C ALA D 479 2.40 -4.19 -31.32
N THR D 480 2.39 -5.41 -31.87
CA THR D 480 3.18 -5.69 -33.05
C THR D 480 2.53 -5.08 -34.29
N ASP D 481 3.28 -5.04 -35.38
CA ASP D 481 2.75 -4.50 -36.63
C ASP D 481 1.52 -5.27 -37.08
N GLU D 482 1.46 -6.56 -36.74
CA GLU D 482 0.30 -7.38 -37.02
C GLU D 482 -0.83 -7.12 -36.02
N GLU D 483 -0.48 -6.98 -34.74
CA GLU D 483 -1.47 -6.66 -33.72
C GLU D 483 -2.06 -5.27 -33.92
N ALA D 484 -1.29 -4.35 -34.53
CA ALA D 484 -1.76 -2.99 -34.71
C ALA D 484 -3.01 -2.90 -35.55
N HIS D 485 -3.28 -3.90 -36.39
CA HIS D 485 -4.51 -3.89 -37.19
C HIS D 485 -5.75 -4.20 -36.35
N ASN D 486 -5.59 -4.83 -35.18
CA ASN D 486 -6.73 -5.16 -34.33
C ASN D 486 -6.95 -4.02 -33.35
N TRP D 487 -7.73 -3.02 -33.79
CA TRP D 487 -8.02 -1.87 -32.94
C TRP D 487 -9.49 -1.49 -33.07
N VAL D 488 -10.01 -0.94 -31.97
CA VAL D 488 -11.40 -0.50 -31.87
C VAL D 488 -11.40 0.87 -31.21
N ASN D 489 -12.53 1.56 -31.30
CA ASN D 489 -12.65 2.82 -30.59
C ASN D 489 -12.92 2.54 -29.12
N VAL D 490 -12.17 3.22 -28.24
CA VAL D 490 -12.28 2.97 -26.81
C VAL D 490 -13.64 3.42 -26.29
N LEU D 491 -13.96 4.71 -26.47
CA LEU D 491 -15.30 5.20 -26.23
C LEU D 491 -15.84 5.69 -27.56
N CYS D 492 -15.79 6.99 -27.83
CA CYS D 492 -16.39 7.49 -29.07
C CYS D 492 -15.40 7.49 -30.25
N MET D 493 -14.20 8.03 -30.04
CA MET D 493 -13.34 8.40 -31.17
C MET D 493 -11.91 7.88 -31.10
N SER D 494 -11.45 7.32 -29.97
CA SER D 494 -10.01 7.07 -29.88
C SER D 494 -9.68 5.61 -30.10
N PRO D 495 -8.78 5.30 -31.03
CA PRO D 495 -8.41 3.90 -31.28
C PRO D 495 -7.60 3.31 -30.12
N GLY D 496 -7.72 1.99 -29.98
CA GLY D 496 -7.01 1.24 -28.96
C GLY D 496 -7.03 -0.23 -29.29
N ILE D 497 -6.02 -0.94 -28.77
CA ILE D 497 -5.86 -2.36 -29.08
C ILE D 497 -6.99 -3.17 -28.46
N HIS D 498 -7.50 -4.14 -29.23
CA HIS D 498 -8.42 -5.15 -28.73
C HIS D 498 -7.78 -6.53 -28.88
N GLY D 499 -8.10 -7.42 -27.96
CA GLY D 499 -7.57 -8.77 -28.01
C GLY D 499 -7.44 -9.35 -26.61
N ARG D 500 -6.64 -10.41 -26.53
CA ARG D 500 -6.37 -11.10 -25.27
C ARG D 500 -5.37 -10.36 -24.40
N ARG D 501 -4.70 -9.33 -24.92
CA ARG D 501 -3.61 -8.67 -24.21
C ARG D 501 -3.48 -7.25 -24.73
N LYS D 502 -2.90 -6.39 -23.89
CA LYS D 502 -2.47 -5.04 -24.23
C LYS D 502 -3.60 -4.05 -24.43
N THR D 503 -4.84 -4.43 -24.11
CA THR D 503 -5.96 -3.51 -24.26
C THR D 503 -5.96 -2.47 -23.14
N GLN D 504 -6.61 -1.33 -23.41
CA GLN D 504 -6.72 -0.27 -22.43
C GLN D 504 -7.66 -0.67 -21.30
N LYS D 505 -7.24 -0.42 -20.06
CA LYS D 505 -7.98 -0.86 -18.88
C LYS D 505 -8.63 0.26 -18.08
N THR D 506 -8.31 1.52 -18.36
CA THR D 506 -8.89 2.61 -17.57
C THR D 506 -8.88 3.90 -18.38
N ARG D 507 -9.81 4.79 -18.05
CA ARG D 507 -9.83 6.12 -18.64
C ARG D 507 -8.65 6.97 -18.19
N SER D 508 -7.99 6.59 -17.10
CA SER D 508 -6.81 7.32 -16.65
C SER D 508 -5.69 7.23 -17.67
N GLU D 509 -5.68 6.17 -18.48
CA GLU D 509 -4.69 6.05 -19.55
C GLU D 509 -4.95 7.09 -20.63
N GLY D 510 -6.19 7.19 -21.09
CA GLY D 510 -6.57 8.18 -22.08
C GLY D 510 -8.04 8.54 -21.99
N GLY D 511 -8.36 9.80 -22.21
CA GLY D 511 -9.71 10.30 -22.04
C GLY D 511 -9.74 11.56 -21.19
N GLY D 512 -10.92 12.17 -21.15
CA GLY D 512 -11.08 13.45 -20.52
C GLY D 512 -10.93 14.60 -21.52
N SER D 513 -11.48 15.75 -21.15
CA SER D 513 -11.63 16.84 -22.10
C SER D 513 -11.05 18.14 -21.56
N ILE D 514 -10.73 19.02 -22.51
CA ILE D 514 -10.29 20.39 -22.25
C ILE D 514 -11.00 21.28 -23.27
N PHE D 515 -11.43 22.47 -22.82
CA PHE D 515 -12.35 23.30 -23.61
C PHE D 515 -11.70 24.61 -24.03
N PRO D 516 -11.23 24.72 -25.28
CA PRO D 516 -10.54 25.95 -25.72
C PRO D 516 -11.40 27.21 -25.69
N ALA D 517 -12.73 27.11 -25.81
CA ALA D 517 -13.56 28.31 -25.89
C ALA D 517 -13.47 29.13 -24.60
N LYS D 518 -13.64 28.45 -23.45
CA LYS D 518 -13.52 29.13 -22.17
C LYS D 518 -12.11 29.66 -21.97
N LEU D 519 -11.10 28.91 -22.42
CA LEU D 519 -9.73 29.37 -22.30
C LEU D 519 -9.50 30.65 -23.09
N LEU D 520 -10.08 30.75 -24.28
CA LEU D 520 -9.99 31.99 -25.07
C LEU D 520 -10.69 33.13 -24.36
N GLU D 521 -11.89 32.88 -23.82
CA GLU D 521 -12.62 33.92 -23.13
C GLU D 521 -11.81 34.48 -21.96
N ILE D 522 -11.23 33.60 -21.14
CA ILE D 522 -10.46 34.09 -20.01
C ILE D 522 -9.08 34.62 -20.42
N SER D 523 -8.54 34.19 -21.56
CA SER D 523 -7.34 34.82 -22.08
C SER D 523 -7.59 36.28 -22.39
N LEU D 524 -8.78 36.59 -22.91
CA LEU D 524 -9.12 38.00 -23.11
C LEU D 524 -9.45 38.73 -21.81
N ASN D 525 -9.41 38.07 -20.66
CA ASN D 525 -9.74 38.72 -19.39
C ASN D 525 -8.72 38.39 -18.30
N ASP D 526 -7.44 38.28 -18.67
CA ASP D 526 -6.35 38.08 -17.70
C ASP D 526 -6.56 36.82 -16.85
N GLY D 527 -7.26 35.84 -17.39
CA GLY D 527 -7.49 34.60 -16.67
C GLY D 527 -8.65 34.62 -15.70
N TYR D 528 -9.51 35.63 -15.74
CA TYR D 528 -10.63 35.75 -14.82
C TYR D 528 -11.92 35.41 -15.56
N ASP D 529 -12.62 34.39 -15.05
CA ASP D 529 -13.91 33.98 -15.60
C ASP D 529 -14.99 34.83 -14.94
N TRP D 530 -15.35 35.94 -15.59
CA TRP D 530 -16.42 36.79 -15.09
C TRP D 530 -17.81 36.29 -15.49
N SER D 531 -17.91 35.52 -16.56
CA SER D 531 -19.22 35.23 -17.14
C SER D 531 -19.97 34.11 -16.42
N TYR D 532 -19.25 33.14 -15.84
CA TYR D 532 -19.90 31.99 -15.22
C TYR D 532 -19.71 31.96 -13.71
N ALA D 533 -18.46 31.91 -13.24
CA ALA D 533 -18.19 31.68 -11.82
C ALA D 533 -17.76 32.95 -11.07
N ASP D 534 -17.43 34.02 -11.78
CA ASP D 534 -16.89 35.24 -11.18
C ASP D 534 -15.69 34.91 -10.27
N MET D 535 -14.71 34.26 -10.87
CA MET D 535 -13.54 33.81 -10.13
C MET D 535 -12.37 33.65 -11.10
N GLN D 536 -11.17 33.63 -10.54
CA GLN D 536 -9.95 33.46 -11.33
C GLN D 536 -9.83 32.01 -11.78
N LEU D 537 -10.06 31.78 -13.08
CA LEU D 537 -10.09 30.43 -13.63
C LEU D 537 -8.76 29.99 -14.22
N GLY D 538 -7.84 30.92 -14.48
CA GLY D 538 -6.58 30.57 -15.09
C GLY D 538 -5.46 31.50 -14.68
N PRO D 539 -4.25 31.25 -15.17
CA PRO D 539 -3.13 32.13 -14.89
C PRO D 539 -3.39 33.54 -15.40
N LYS D 540 -2.69 34.50 -14.80
CA LYS D 540 -2.86 35.91 -15.16
C LYS D 540 -1.96 36.20 -16.35
N THR D 541 -2.47 35.85 -17.54
CA THR D 541 -1.68 35.97 -18.76
C THR D 541 -1.43 37.42 -19.16
N GLY D 542 -2.29 38.34 -18.75
CA GLY D 542 -2.08 39.75 -19.03
C GLY D 542 -3.40 40.47 -19.22
N ASP D 543 -3.39 41.76 -18.92
CA ASP D 543 -4.54 42.61 -19.16
C ASP D 543 -4.61 43.00 -20.63
N LEU D 544 -5.65 43.75 -21.00
CA LEU D 544 -5.85 44.10 -22.39
C LEU D 544 -4.72 44.97 -22.92
N SER D 545 -4.18 45.85 -22.08
CA SER D 545 -3.07 46.70 -22.50
C SER D 545 -1.82 45.90 -22.84
N SER D 546 -1.66 44.71 -22.24
CA SER D 546 -0.50 43.89 -22.55
C SER D 546 -0.63 43.18 -23.89
N LEU D 547 -1.87 42.89 -24.33
CA LEU D 547 -2.09 42.21 -25.61
C LEU D 547 -2.05 43.23 -26.75
N LYS D 548 -0.83 43.69 -27.04
CA LYS D 548 -0.65 44.71 -28.07
C LYS D 548 -0.67 44.14 -29.48
N SER D 549 -0.18 42.92 -29.67
CA SER D 549 -0.15 42.27 -30.97
C SER D 549 -1.03 41.02 -30.93
N PHE D 550 -1.40 40.53 -32.11
CA PHE D 550 -2.14 39.26 -32.21
C PHE D 550 -1.33 38.11 -31.62
N GLU D 551 -0.01 38.12 -31.84
CA GLU D 551 0.85 37.09 -31.27
C GLU D 551 0.77 37.07 -29.75
N ASP D 552 0.51 38.22 -29.12
CA ASP D 552 0.35 38.25 -27.68
C ASP D 552 -0.90 37.50 -27.23
N VAL D 553 -2.02 37.69 -27.93
CA VAL D 553 -3.22 36.91 -27.63
C VAL D 553 -2.96 35.43 -27.85
N TRP D 554 -2.26 35.10 -28.93
CA TRP D 554 -1.88 33.72 -29.21
C TRP D 554 -1.11 33.11 -28.04
N GLU D 555 -0.12 33.83 -27.52
CA GLU D 555 0.69 33.31 -26.42
C GLU D 555 -0.10 33.26 -25.12
N ALA D 556 -1.01 34.21 -24.90
CA ALA D 556 -1.87 34.14 -23.71
C ALA D 556 -2.71 32.86 -23.73
N PHE D 557 -3.32 32.56 -24.88
CA PHE D 557 -4.04 31.30 -25.00
C PHE D 557 -3.11 30.12 -24.80
N ARG D 558 -1.87 30.22 -25.28
CA ARG D 558 -0.92 29.13 -25.10
C ARG D 558 -0.65 28.87 -23.63
N LYS D 559 -0.49 29.93 -22.84
CA LYS D 559 -0.25 29.77 -21.40
C LYS D 559 -1.46 29.15 -20.72
N GLN D 560 -2.66 29.64 -21.04
CA GLN D 560 -3.88 29.07 -20.49
C GLN D 560 -3.97 27.57 -20.80
N TYR D 561 -3.74 27.23 -22.07
CA TYR D 561 -3.83 25.84 -22.52
C TYR D 561 -2.80 24.97 -21.81
N GLN D 562 -1.57 25.48 -21.64
CA GLN D 562 -0.55 24.69 -20.98
C GLN D 562 -0.92 24.38 -19.55
N TYR D 563 -1.34 25.41 -18.79
CA TYR D 563 -1.76 25.19 -17.41
C TYR D 563 -2.89 24.16 -17.33
N ALA D 564 -3.94 24.36 -18.14
CA ALA D 564 -5.11 23.49 -18.07
C ALA D 564 -4.77 22.06 -18.43
N ILE D 565 -4.06 21.85 -19.55
CA ILE D 565 -3.76 20.50 -20.00
C ILE D 565 -2.82 19.80 -19.03
N ASN D 566 -1.90 20.54 -18.41
CA ASN D 566 -1.04 19.93 -17.41
C ASN D 566 -1.86 19.38 -16.26
N LEU D 567 -2.81 20.17 -15.76
CA LEU D 567 -3.67 19.66 -14.70
C LEU D 567 -4.47 18.46 -15.18
N CYS D 568 -4.97 18.52 -16.42
CA CYS D 568 -5.79 17.43 -16.95
C CYS D 568 -5.05 16.11 -16.93
N ILE D 569 -3.81 16.09 -17.45
CA ILE D 569 -3.09 14.82 -17.52
C ILE D 569 -2.57 14.39 -16.15
N SER D 570 -2.15 15.34 -15.32
CA SER D 570 -1.59 14.97 -14.01
C SER D 570 -2.65 14.35 -13.11
N THR D 571 -3.88 14.87 -13.16
CA THR D 571 -4.94 14.25 -12.35
C THR D 571 -5.18 12.81 -12.78
N LYS D 572 -5.15 12.55 -14.09
CA LYS D 572 -5.33 11.18 -14.58
C LYS D 572 -4.21 10.27 -14.12
N ASP D 573 -2.95 10.74 -14.17
CA ASP D 573 -1.85 9.87 -13.78
C ASP D 573 -1.88 9.58 -12.28
N VAL D 574 -2.24 10.56 -11.47
CA VAL D 574 -2.39 10.31 -10.03
C VAL D 574 -3.54 9.34 -9.77
N SER D 575 -4.64 9.51 -10.50
CA SER D 575 -5.77 8.59 -10.39
C SER D 575 -5.33 7.17 -10.71
N ARG D 576 -4.48 6.99 -11.72
CA ARG D 576 -4.01 5.65 -12.08
C ARG D 576 -3.12 5.09 -10.97
N TYR D 577 -2.23 5.93 -10.43
CA TYR D 577 -1.39 5.53 -9.32
C TYR D 577 -2.21 4.94 -8.18
N PHE D 578 -3.29 5.62 -7.80
CA PHE D 578 -4.10 5.12 -6.68
C PHE D 578 -5.09 4.03 -7.10
N GLU D 579 -5.47 3.97 -8.38
CA GLU D 579 -6.34 2.91 -8.87
C GLU D 579 -5.67 1.56 -8.74
N GLN D 580 -4.43 1.46 -9.21
CA GLN D 580 -3.77 0.15 -9.14
C GLN D 580 -3.48 -0.28 -7.71
N ARG D 581 -3.46 0.65 -6.75
CA ARG D 581 -3.17 0.31 -5.36
C ARG D 581 -4.42 0.06 -4.52
N PHE D 582 -5.57 0.64 -4.87
CA PHE D 582 -6.77 0.48 -4.06
C PHE D 582 -8.03 0.12 -4.83
N LEU D 583 -8.01 0.18 -6.15
CA LEU D 583 -9.18 -0.09 -6.98
C LEU D 583 -8.90 -1.22 -7.96
N GLN D 584 -8.17 -2.23 -7.49
CA GLN D 584 -7.78 -3.35 -8.34
C GLN D 584 -9.00 -4.00 -8.98
N MET D 585 -8.80 -4.52 -10.19
CA MET D 585 -9.82 -5.27 -10.91
C MET D 585 -9.27 -6.68 -11.12
N PRO D 586 -9.38 -7.55 -10.13
CA PRO D 586 -8.83 -8.91 -10.27
C PRO D 586 -9.47 -9.71 -11.39
N PHE D 587 -10.76 -9.50 -11.68
CA PHE D 587 -11.38 -10.24 -12.77
C PHE D 587 -10.82 -9.82 -14.12
N VAL D 588 -10.72 -8.52 -14.36
CA VAL D 588 -10.15 -8.04 -15.62
C VAL D 588 -8.70 -8.50 -15.75
N SER D 589 -7.95 -8.44 -14.65
CA SER D 589 -6.58 -8.94 -14.68
C SER D 589 -6.52 -10.43 -14.98
N ALA D 590 -7.53 -11.19 -14.54
CA ALA D 590 -7.51 -12.64 -14.75
C ALA D 590 -7.67 -12.98 -16.23
N ILE D 591 -8.46 -12.21 -16.97
CA ILE D 591 -8.72 -12.49 -18.37
C ILE D 591 -7.79 -11.74 -19.30
N ASP D 592 -6.72 -11.15 -18.77
CA ASP D 592 -5.67 -10.52 -19.56
C ASP D 592 -4.43 -11.41 -19.49
N ASP D 593 -3.92 -11.80 -20.65
CA ASP D 593 -2.79 -12.73 -20.68
C ASP D 593 -1.55 -12.10 -20.05
N GLY D 594 -1.35 -10.79 -20.25
CA GLY D 594 -0.19 -10.14 -19.66
C GLY D 594 -0.28 -10.03 -18.14
N CYS D 595 -1.45 -9.62 -17.64
CA CYS D 595 -1.64 -9.56 -16.19
C CYS D 595 -1.52 -10.94 -15.55
N MET D 596 -2.06 -11.97 -16.21
CA MET D 596 -1.97 -13.31 -15.67
C MET D 596 -0.53 -13.82 -15.69
N GLU D 597 0.22 -13.55 -16.76
CA GLU D 597 1.60 -14.01 -16.83
C GLU D 597 2.48 -13.29 -15.82
N LEU D 598 2.30 -11.98 -15.68
CA LEU D 598 3.17 -11.18 -14.84
C LEU D 598 2.68 -11.06 -13.40
N GLY D 599 1.48 -11.55 -13.09
CA GLY D 599 0.93 -11.43 -11.75
C GLY D 599 0.78 -10.00 -11.32
N MET D 600 0.18 -9.17 -12.18
CA MET D 600 0.00 -7.75 -11.90
C MET D 600 -1.46 -7.36 -12.12
N ASP D 601 -1.83 -6.24 -11.51
CA ASP D 601 -3.18 -5.70 -11.67
C ASP D 601 -3.34 -5.07 -13.04
N ALA D 602 -4.58 -5.04 -13.51
CA ALA D 602 -4.87 -4.49 -14.84
C ALA D 602 -4.48 -3.03 -14.96
N CYS D 603 -4.50 -2.28 -13.87
CA CYS D 603 -4.13 -0.87 -13.90
C CYS D 603 -2.63 -0.65 -13.72
N ALA D 604 -1.93 -1.58 -13.09
CA ALA D 604 -0.48 -1.43 -12.93
C ALA D 604 0.24 -1.66 -14.24
N LEU D 605 -0.08 -2.75 -14.92
CA LEU D 605 0.59 -3.09 -16.18
C LEU D 605 -0.01 -2.27 -17.33
N SER D 606 0.87 -1.76 -18.19
CA SER D 606 0.45 -0.95 -19.34
C SER D 606 1.43 -1.21 -20.49
N GLU D 607 1.23 -2.33 -21.18
CA GLU D 607 2.13 -2.72 -22.25
C GLU D 607 1.94 -1.87 -23.52
N GLN D 608 0.77 -1.27 -23.71
CA GLN D 608 0.52 -0.45 -24.89
C GLN D 608 0.07 0.95 -24.51
N PRO D 609 0.91 1.97 -24.71
CA PRO D 609 0.48 3.35 -24.42
C PRO D 609 -0.62 3.80 -25.38
N ASN D 610 -1.54 4.62 -24.83
CA ASN D 610 -2.60 5.20 -25.64
C ASN D 610 -3.05 6.56 -25.10
N GLY D 611 -2.13 7.34 -24.53
CA GLY D 611 -2.53 8.57 -23.86
C GLY D 611 -3.13 9.57 -24.83
N TRP D 612 -4.18 10.24 -24.38
CA TRP D 612 -4.85 11.27 -25.18
C TRP D 612 -5.75 12.10 -24.28
N HIS D 613 -6.18 13.25 -24.81
CA HIS D 613 -7.16 14.10 -24.17
C HIS D 613 -8.02 14.73 -25.25
N ASN D 614 -9.27 15.08 -24.90
CA ASN D 614 -10.24 15.53 -25.89
C ASN D 614 -10.35 17.04 -25.87
N PRO D 615 -9.96 17.74 -26.94
CA PRO D 615 -10.31 19.16 -27.05
C PRO D 615 -11.73 19.33 -27.55
N ILE D 616 -12.58 19.92 -26.72
CA ILE D 616 -13.99 20.16 -27.04
C ILE D 616 -14.20 21.67 -27.12
N THR D 617 -15.00 22.10 -28.09
CA THR D 617 -15.27 23.52 -28.36
C THR D 617 -14.03 24.21 -28.95
N THR D 618 -13.29 23.49 -29.79
CA THR D 618 -12.08 24.05 -30.38
C THR D 618 -12.40 25.08 -31.46
N ILE D 619 -13.39 24.79 -32.32
CA ILE D 619 -13.64 25.63 -33.49
C ILE D 619 -14.19 26.99 -33.07
N VAL D 620 -14.92 27.07 -31.96
CA VAL D 620 -15.38 28.37 -31.47
C VAL D 620 -14.19 29.26 -31.15
N ALA D 621 -13.22 28.74 -30.40
CA ALA D 621 -12.02 29.51 -30.07
C ALA D 621 -11.23 29.85 -31.32
N ALA D 622 -11.15 28.92 -32.28
CA ALA D 622 -10.38 29.16 -33.50
C ALA D 622 -11.01 30.29 -34.32
N ASN D 623 -12.34 30.25 -34.50
CA ASN D 623 -13.03 31.30 -35.23
C ASN D 623 -12.91 32.63 -34.51
N SER D 624 -12.95 32.61 -33.18
CA SER D 624 -12.75 33.83 -32.41
C SER D 624 -11.36 34.41 -32.67
N LEU D 625 -10.34 33.55 -32.69
CA LEU D 625 -8.98 34.03 -32.97
C LEU D 625 -8.87 34.60 -34.37
N VAL D 626 -9.49 33.94 -35.36
CA VAL D 626 -9.44 34.44 -36.73
C VAL D 626 -10.11 35.80 -36.81
N ALA D 627 -11.25 35.97 -36.13
CA ALA D 627 -11.94 37.26 -36.16
C ALA D 627 -11.13 38.34 -35.45
N ILE D 628 -10.47 38.00 -34.34
CA ILE D 628 -9.65 38.98 -33.63
C ILE D 628 -8.49 39.43 -34.51
N LYS D 629 -7.82 38.48 -35.15
CA LYS D 629 -6.72 38.84 -36.04
C LYS D 629 -7.20 39.68 -37.21
N LYS D 630 -8.32 39.28 -37.82
CA LYS D 630 -8.85 40.00 -38.99
C LYS D 630 -9.22 41.43 -38.63
N LEU D 631 -10.16 41.60 -37.70
CA LEU D 631 -10.78 42.91 -37.47
C LEU D 631 -10.03 43.77 -36.47
N VAL D 632 -9.56 43.19 -35.36
CA VAL D 632 -8.97 44.00 -34.30
C VAL D 632 -7.55 44.43 -34.65
N PHE D 633 -6.76 43.52 -35.22
CA PHE D 633 -5.32 43.73 -35.37
C PHE D 633 -4.92 44.11 -36.79
N GLU D 634 -5.27 43.27 -37.77
CA GLU D 634 -4.81 43.50 -39.14
C GLU D 634 -5.47 44.73 -39.75
N GLU D 635 -6.80 44.84 -39.64
CA GLU D 635 -7.54 45.94 -40.23
C GLU D 635 -7.76 47.11 -39.27
N LYS D 636 -7.47 46.94 -37.99
CA LYS D 636 -7.69 47.97 -36.97
C LYS D 636 -9.09 48.59 -37.06
N LYS D 637 -10.09 47.77 -37.39
CA LYS D 637 -11.45 48.28 -37.46
C LYS D 637 -12.04 48.48 -36.08
N TYR D 638 -11.75 47.56 -35.16
CA TYR D 638 -12.15 47.67 -33.77
C TYR D 638 -10.93 47.45 -32.90
N THR D 639 -10.91 48.09 -31.74
CA THR D 639 -9.84 47.83 -30.79
C THR D 639 -10.21 46.65 -29.89
N LEU D 640 -9.17 46.05 -29.30
CA LEU D 640 -9.39 44.95 -28.36
C LEU D 640 -10.25 45.41 -27.18
N GLU D 641 -10.11 46.68 -26.79
CA GLU D 641 -10.89 47.23 -25.69
C GLU D 641 -12.35 47.40 -26.09
N GLN D 642 -12.60 47.81 -27.34
CA GLN D 642 -13.96 47.86 -27.84
C GLN D 642 -14.59 46.48 -27.83
N LEU D 643 -13.84 45.47 -28.29
CA LEU D 643 -14.35 44.11 -28.29
C LEU D 643 -14.65 43.62 -26.88
N SER D 644 -13.78 43.96 -25.93
CA SER D 644 -13.99 43.54 -24.54
C SER D 644 -15.22 44.24 -23.95
N GLN D 645 -15.39 45.52 -24.24
CA GLN D 645 -16.57 46.25 -23.78
C GLN D 645 -17.85 45.65 -24.35
N ALA D 646 -17.84 45.32 -25.65
CA ALA D 646 -19.01 44.70 -26.26
C ALA D 646 -19.28 43.32 -25.68
N LEU D 647 -18.24 42.51 -25.47
CA LEU D 647 -18.43 41.17 -24.91
C LEU D 647 -18.98 41.24 -23.50
N LYS D 648 -18.45 42.14 -22.67
CA LYS D 648 -18.99 42.33 -21.33
C LYS D 648 -20.43 42.79 -21.37
N ALA D 649 -20.85 43.43 -22.45
CA ALA D 649 -22.24 43.88 -22.63
C ALA D 649 -23.11 42.82 -23.30
N ASN D 650 -22.57 41.63 -23.58
CA ASN D 650 -23.29 40.59 -24.32
C ASN D 650 -23.79 41.12 -25.66
N TRP D 651 -22.96 41.92 -26.32
CA TRP D 651 -23.25 42.52 -27.63
C TRP D 651 -24.49 43.40 -27.60
N GLU D 652 -24.93 43.84 -26.43
CA GLU D 652 -26.13 44.67 -26.33
C GLU D 652 -25.77 46.12 -26.67
N GLY D 653 -26.40 46.66 -27.71
CA GLY D 653 -26.01 47.95 -28.25
C GLY D 653 -24.80 47.90 -29.16
N PHE D 654 -24.21 46.72 -29.36
CA PHE D 654 -23.07 46.53 -30.25
C PHE D 654 -23.41 45.51 -31.34
N GLU D 655 -24.66 45.49 -31.78
CA GLU D 655 -25.12 44.45 -32.71
C GLU D 655 -24.38 44.54 -34.04
N GLU D 656 -24.12 45.75 -34.52
CA GLU D 656 -23.38 45.90 -35.77
C GLU D 656 -21.99 45.27 -35.67
N MET D 657 -21.29 45.51 -34.56
CA MET D 657 -19.99 44.89 -34.35
C MET D 657 -20.12 43.36 -34.25
N ARG D 658 -21.20 42.89 -33.61
CA ARG D 658 -21.40 41.45 -33.48
C ARG D 658 -21.58 40.81 -34.85
N VAL D 659 -22.34 41.44 -35.73
CA VAL D 659 -22.53 40.91 -37.08
C VAL D 659 -21.22 40.98 -37.86
N ASP D 660 -20.43 42.05 -37.66
CA ASP D 660 -19.13 42.15 -38.30
C ASP D 660 -18.23 40.98 -37.90
N PHE D 661 -18.22 40.64 -36.61
CA PHE D 661 -17.40 39.53 -36.15
C PHE D 661 -17.97 38.18 -36.61
N LYS D 662 -19.30 38.08 -36.69
CA LYS D 662 -19.92 36.84 -37.14
C LYS D 662 -19.59 36.55 -38.60
N ARG D 663 -19.61 37.57 -39.46
CA ARG D 663 -19.33 37.42 -40.88
C ARG D 663 -17.83 37.32 -41.18
N ALA D 664 -16.97 37.40 -40.18
CA ALA D 664 -15.54 37.21 -40.38
C ALA D 664 -15.27 35.80 -40.88
N PRO D 665 -14.13 35.58 -41.56
CA PRO D 665 -13.87 34.26 -42.15
C PRO D 665 -13.97 33.14 -41.12
N LYS D 666 -14.63 32.05 -41.52
CA LYS D 666 -14.93 30.95 -40.62
C LYS D 666 -14.40 29.65 -41.19
N TRP D 667 -14.28 28.67 -40.30
CA TRP D 667 -13.77 27.34 -40.66
C TRP D 667 -14.80 26.58 -41.48
N GLY D 668 -14.32 25.84 -42.48
CA GLY D 668 -15.18 25.00 -43.29
C GLY D 668 -15.67 25.60 -44.59
N ASN D 669 -15.13 26.75 -45.01
CA ASN D 669 -15.51 27.37 -46.26
C ASN D 669 -14.39 27.32 -47.30
N ASP D 670 -13.34 26.53 -47.05
CA ASP D 670 -12.16 26.49 -47.91
C ASP D 670 -11.52 27.87 -48.04
N ASP D 671 -11.71 28.70 -47.01
CA ASP D 671 -11.12 30.04 -46.97
C ASP D 671 -9.66 29.94 -46.60
N ASP D 672 -8.80 30.54 -47.43
CA ASP D 672 -7.36 30.47 -47.15
C ASP D 672 -7.00 31.21 -45.87
N TYR D 673 -7.65 32.36 -45.63
CA TYR D 673 -7.33 33.17 -44.46
C TYR D 673 -7.67 32.44 -43.17
N ALA D 674 -8.92 32.00 -43.03
CA ALA D 674 -9.33 31.32 -41.80
C ALA D 674 -8.59 30.00 -41.61
N ASP D 675 -8.50 29.20 -42.68
CA ASP D 675 -7.88 27.88 -42.56
C ASP D 675 -6.40 27.99 -42.26
N GLY D 676 -5.72 29.02 -42.77
CA GLY D 676 -4.31 29.18 -42.46
C GLY D 676 -4.06 29.33 -40.98
N ILE D 677 -4.80 30.22 -40.33
CA ILE D 677 -4.65 30.42 -38.89
C ILE D 677 -5.11 29.19 -38.12
N ILE D 678 -6.21 28.57 -38.55
CA ILE D 678 -6.80 27.49 -37.75
C ILE D 678 -5.97 26.21 -37.83
N THR D 679 -5.34 25.93 -38.98
CA THR D 679 -4.46 24.78 -39.06
C THR D 679 -3.29 24.92 -38.09
N ARG D 680 -2.70 26.12 -38.04
CA ARG D 680 -1.68 26.40 -37.04
C ARG D 680 -2.22 26.23 -35.62
N PHE D 681 -3.45 26.69 -35.39
CA PHE D 681 -4.05 26.54 -34.06
C PHE D 681 -4.17 25.07 -33.68
N TYR D 682 -4.55 24.22 -34.64
CA TYR D 682 -4.71 22.80 -34.37
C TYR D 682 -3.36 22.11 -34.13
N GLU D 683 -2.39 22.37 -34.99
CA GLU D 683 -1.15 21.59 -34.97
C GLU D 683 -0.10 22.15 -34.01
N GLU D 684 0.01 23.46 -33.91
CA GLU D 684 1.05 24.11 -33.10
C GLU D 684 0.63 24.24 -31.64
N ILE D 685 -0.65 24.48 -31.38
CA ILE D 685 -1.14 24.76 -30.04
C ILE D 685 -1.95 23.57 -29.48
N ILE D 686 -3.03 23.19 -30.16
CA ILE D 686 -3.91 22.16 -29.63
C ILE D 686 -3.19 20.83 -29.54
N GLY D 687 -2.51 20.44 -30.62
CA GLY D 687 -1.74 19.21 -30.60
C GLY D 687 -0.31 19.40 -30.16
N GLY D 688 0.30 20.52 -30.59
CA GLY D 688 1.72 20.72 -30.36
C GLY D 688 2.07 20.79 -28.88
N GLU D 689 1.32 21.58 -28.13
CA GLU D 689 1.63 21.75 -26.70
C GLU D 689 1.22 20.51 -25.90
N MET D 690 0.09 19.89 -26.22
CA MET D 690 -0.32 18.69 -25.51
C MET D 690 0.64 17.54 -25.75
N ARG D 691 1.28 17.50 -26.92
CA ARG D 691 2.19 16.42 -27.26
C ARG D 691 3.38 16.36 -26.33
N LYS D 692 3.82 17.51 -25.81
CA LYS D 692 4.97 17.56 -24.91
C LYS D 692 4.75 16.82 -23.60
N ILE D 693 3.49 16.55 -23.23
CA ILE D 693 3.20 15.84 -22.00
C ILE D 693 3.36 14.34 -22.20
N THR D 694 3.88 13.65 -21.19
CA THR D 694 4.03 12.20 -21.18
C THR D 694 3.24 11.61 -20.01
N ASN D 695 2.51 10.53 -20.28
CA ASN D 695 1.59 9.94 -19.32
C ASN D 695 2.25 8.80 -18.55
N TYR D 696 1.44 8.07 -17.77
CA TYR D 696 1.93 6.99 -16.92
C TYR D 696 2.60 5.89 -17.74
N SER D 697 2.12 5.64 -18.95
CA SER D 697 2.63 4.55 -19.78
C SER D 697 3.91 4.90 -20.54
N GLY D 698 4.38 6.14 -20.44
CA GLY D 698 5.59 6.54 -21.15
C GLY D 698 5.36 7.04 -22.55
N GLY D 699 4.11 7.09 -23.02
CA GLY D 699 3.79 7.59 -24.33
C GLY D 699 3.40 9.05 -24.32
N PRO D 700 3.29 9.65 -25.50
CA PRO D 700 2.79 11.03 -25.59
C PRO D 700 1.28 11.08 -25.42
N VAL D 701 0.79 12.30 -25.18
CA VAL D 701 -0.65 12.58 -25.11
C VAL D 701 -1.01 13.46 -26.29
N MET D 702 -1.91 12.96 -27.15
CA MET D 702 -2.27 13.71 -28.34
C MET D 702 -3.77 13.97 -28.38
N PRO D 703 -4.25 15.05 -29.05
CA PRO D 703 -5.69 15.43 -29.02
C PRO D 703 -6.61 14.48 -29.77
N THR D 704 -7.69 14.05 -29.11
CA THR D 704 -8.72 13.27 -29.82
C THR D 704 -9.91 14.18 -29.84
N GLY D 705 -9.95 15.08 -30.81
CA GLY D 705 -11.01 16.11 -30.83
C GLY D 705 -12.39 15.52 -30.98
N GLN D 706 -13.34 16.07 -30.23
CA GLN D 706 -14.75 15.60 -30.27
C GLN D 706 -15.53 16.60 -29.42
N ALA D 707 -16.86 16.46 -29.35
CA ALA D 707 -17.72 17.37 -28.53
C ALA D 707 -18.64 16.56 -27.63
N VAL D 708 -19.40 15.60 -28.16
CA VAL D 708 -20.21 14.65 -27.33
C VAL D 708 -21.16 15.38 -26.36
N GLY D 709 -21.88 16.42 -26.77
CA GLY D 709 -22.87 17.02 -25.84
C GLY D 709 -22.25 18.07 -24.95
N LEU D 710 -21.04 17.83 -24.43
CA LEU D 710 -20.35 18.91 -23.67
C LEU D 710 -20.44 20.23 -24.45
N TYR D 711 -20.35 20.19 -25.77
CA TYR D 711 -20.38 21.45 -26.57
C TYR D 711 -21.62 22.25 -26.20
N MET D 712 -22.71 21.58 -25.83
CA MET D 712 -23.88 22.37 -25.40
C MET D 712 -23.72 22.85 -23.94
N GLU D 713 -23.28 21.98 -23.04
CA GLU D 713 -23.12 22.37 -21.61
C GLU D 713 -22.01 23.42 -21.43
N VAL D 714 -20.87 23.23 -22.10
CA VAL D 714 -19.73 24.17 -21.96
C VAL D 714 -20.19 25.51 -22.51
N GLY D 715 -20.92 25.50 -23.62
CA GLY D 715 -21.36 26.75 -24.26
C GLY D 715 -22.27 27.52 -23.33
N SER D 716 -23.17 26.82 -22.63
CA SER D 716 -24.06 27.51 -21.68
C SER D 716 -23.22 28.14 -20.57
N ARG D 717 -22.16 27.46 -20.13
CA ARG D 717 -21.28 28.00 -19.07
C ARG D 717 -20.31 29.04 -19.66
N THR D 718 -20.03 28.97 -20.96
CA THR D 718 -19.15 29.97 -21.63
C THR D 718 -19.88 31.26 -21.95
N GLY D 719 -19.19 32.39 -21.83
CA GLY D 719 -19.74 33.72 -22.13
C GLY D 719 -19.65 34.07 -23.61
N PRO D 720 -20.01 35.30 -24.06
CA PRO D 720 -20.01 35.62 -25.53
C PRO D 720 -18.58 35.56 -26.06
N THR D 721 -18.44 35.25 -27.36
CA THR D 721 -17.08 35.08 -27.94
C THR D 721 -16.97 35.88 -29.20
N PRO D 722 -15.78 36.42 -29.54
CA PRO D 722 -15.56 37.21 -30.81
C PRO D 722 -16.11 36.46 -32.01
N ASP D 723 -16.25 35.14 -31.92
CA ASP D 723 -16.87 34.35 -33.03
C ASP D 723 -18.27 34.92 -33.25
N GLY D 724 -18.80 35.68 -32.30
CA GLY D 724 -20.12 36.31 -32.50
C GLY D 724 -21.18 35.56 -31.73
N ARG D 725 -20.78 34.49 -31.04
CA ARG D 725 -21.74 33.73 -30.20
C ARG D 725 -22.20 34.62 -29.05
N PHE D 726 -23.48 34.54 -28.68
CA PHE D 726 -23.94 35.27 -27.47
C PHE D 726 -23.54 34.40 -26.29
N GLY D 727 -23.74 34.90 -25.07
CA GLY D 727 -23.43 34.08 -23.90
C GLY D 727 -24.43 32.97 -23.72
N GLY D 728 -23.96 31.76 -23.40
CA GLY D 728 -24.82 30.59 -23.18
C GLY D 728 -25.18 29.90 -24.48
N GLU D 729 -24.71 30.41 -25.61
CA GLU D 729 -24.95 29.76 -26.93
C GLU D 729 -24.09 28.48 -27.04
N ALA D 730 -24.59 27.46 -27.74
CA ALA D 730 -23.85 26.19 -27.87
C ALA D 730 -22.58 26.34 -28.70
N ALA D 731 -21.55 25.56 -28.36
CA ALA D 731 -20.25 25.59 -29.08
C ALA D 731 -20.30 24.67 -30.31
N ASP D 732 -19.17 24.48 -30.99
CA ASP D 732 -19.14 23.69 -32.25
C ASP D 732 -19.54 22.24 -31.96
N ASP D 733 -20.32 21.63 -32.87
CA ASP D 733 -20.86 20.25 -32.69
C ASP D 733 -19.77 19.18 -32.64
N GLY D 734 -18.70 19.34 -33.42
CA GLY D 734 -17.65 18.31 -33.50
C GLY D 734 -16.28 18.94 -33.42
N GLY D 735 -15.25 18.17 -33.04
CA GLY D 735 -13.95 18.81 -32.82
C GLY D 735 -13.39 19.46 -34.09
N ILE D 736 -13.49 18.82 -35.24
CA ILE D 736 -13.05 19.51 -36.51
C ILE D 736 -14.28 20.01 -37.27
N SER D 737 -15.47 19.80 -36.73
CA SER D 737 -16.72 20.18 -37.46
C SER D 737 -16.87 21.70 -37.55
N PRO D 738 -17.39 22.27 -38.67
CA PRO D 738 -17.67 23.74 -38.76
C PRO D 738 -18.81 24.13 -37.83
N TYR D 739 -18.81 25.37 -37.35
CA TYR D 739 -19.87 25.86 -36.45
C TYR D 739 -21.22 26.01 -37.15
N MET D 740 -22.32 25.99 -36.38
CA MET D 740 -23.68 26.09 -36.98
C MET D 740 -23.92 27.27 -37.92
N GLY D 741 -24.42 27.02 -39.13
CA GLY D 741 -24.71 28.12 -40.08
C GLY D 741 -23.52 29.04 -40.31
N THR D 742 -22.32 28.48 -40.49
CA THR D 742 -21.14 29.30 -40.80
C THR D 742 -20.55 28.80 -42.10
N ASP D 743 -21.13 27.72 -42.64
CA ASP D 743 -20.60 27.10 -43.89
C ASP D 743 -21.56 27.34 -45.06
N LYS D 744 -21.15 28.14 -46.06
CA LYS D 744 -22.01 28.32 -47.25
C LYS D 744 -21.36 27.73 -48.52
N LYS D 745 -20.20 27.08 -48.43
CA LYS D 745 -19.51 26.66 -49.67
C LYS D 745 -19.81 25.19 -50.03
N GLY D 746 -20.67 24.53 -49.26
CA GLY D 746 -21.07 23.13 -49.56
C GLY D 746 -20.18 22.07 -48.94
N PRO D 747 -20.50 20.77 -49.10
CA PRO D 747 -19.75 19.66 -48.42
C PRO D 747 -18.29 19.53 -48.82
N THR D 748 -17.98 19.67 -50.11
CA THR D 748 -16.59 19.45 -50.59
C THR D 748 -15.66 20.47 -49.95
N ALA D 749 -16.11 21.72 -49.84
CA ALA D 749 -15.28 22.78 -49.23
C ALA D 749 -14.98 22.44 -47.77
N VAL D 750 -15.98 21.92 -47.06
CA VAL D 750 -15.77 21.53 -45.64
C VAL D 750 -14.72 20.42 -45.62
N LEU D 751 -14.80 19.48 -46.56
CA LEU D 751 -13.86 18.35 -46.59
C LEU D 751 -12.42 18.84 -46.79
N ARG D 752 -12.24 19.82 -47.68
CA ARG D 752 -10.90 20.36 -47.99
C ARG D 752 -10.33 21.11 -46.78
N SER D 753 -11.18 21.82 -46.04
CA SER D 753 -10.71 22.53 -44.82
C SER D 753 -10.27 21.47 -43.80
N VAL D 754 -11.05 20.41 -43.62
CA VAL D 754 -10.74 19.32 -42.65
C VAL D 754 -9.43 18.65 -43.11
N SER D 755 -9.24 18.52 -44.41
CA SER D 755 -8.05 17.84 -45.00
C SER D 755 -6.78 18.57 -44.56
N LYS D 756 -6.81 19.89 -44.45
CA LYS D 756 -5.59 20.69 -44.19
C LYS D 756 -4.90 20.30 -42.87
N VAL D 757 -5.62 20.00 -41.78
CA VAL D 757 -4.86 19.69 -40.53
C VAL D 757 -4.49 18.20 -40.51
N GLN D 758 -3.20 17.90 -40.73
CA GLN D 758 -2.70 16.50 -40.69
C GLN D 758 -1.63 16.24 -39.62
N LYS D 759 -1.34 17.18 -38.72
CA LYS D 759 -0.18 16.98 -37.81
C LYS D 759 -0.54 17.01 -36.32
N ASN D 760 0.00 16.05 -35.55
CA ASN D 760 -0.17 16.02 -34.06
C ASN D 760 -1.61 15.86 -33.58
N GLN D 761 -2.44 15.13 -34.32
CA GLN D 761 -3.82 14.87 -33.84
C GLN D 761 -4.03 13.34 -33.81
N LYS D 762 -4.35 12.77 -32.64
CA LYS D 762 -4.62 11.31 -32.54
C LYS D 762 -6.00 11.03 -33.17
N GLY D 763 -6.89 12.02 -33.13
CA GLY D 763 -8.21 11.89 -33.79
C GLY D 763 -8.98 13.19 -33.79
N ASN D 764 -9.89 13.36 -34.74
CA ASN D 764 -10.76 14.57 -34.79
C ASN D 764 -12.14 14.12 -35.25
N LEU D 765 -13.20 14.81 -34.83
CA LEU D 765 -14.57 14.34 -35.15
C LEU D 765 -15.19 15.29 -36.18
N LEU D 766 -15.70 14.74 -37.27
CA LEU D 766 -16.40 15.60 -38.27
C LEU D 766 -17.88 15.19 -38.26
N ASN D 767 -18.76 16.17 -38.10
CA ASN D 767 -20.21 15.89 -38.15
C ASN D 767 -20.75 16.54 -39.42
N GLN D 768 -21.41 15.76 -40.27
CA GLN D 768 -21.95 16.29 -41.55
C GLN D 768 -23.43 15.95 -41.68
N ARG D 769 -24.24 16.89 -42.17
CA ARG D 769 -25.68 16.62 -42.40
C ARG D 769 -25.88 16.48 -43.90
N LEU D 770 -26.36 15.32 -44.35
CA LEU D 770 -26.48 15.09 -45.81
C LEU D 770 -27.94 15.26 -46.22
N SER D 771 -28.17 15.60 -47.49
CA SER D 771 -29.55 15.78 -47.97
C SER D 771 -30.30 14.45 -47.89
N VAL D 772 -31.56 14.49 -47.45
CA VAL D 772 -32.37 13.25 -47.36
C VAL D 772 -32.69 12.75 -48.78
N PRO D 773 -33.19 13.57 -49.74
CA PRO D 773 -33.61 13.05 -51.06
C PRO D 773 -32.49 12.32 -51.79
N ILE D 774 -31.29 12.88 -51.76
CA ILE D 774 -30.14 12.22 -52.43
C ILE D 774 -29.86 10.88 -51.75
N MET D 775 -29.96 10.84 -50.42
CA MET D 775 -29.62 9.60 -49.69
C MET D 775 -30.64 8.49 -49.94
N ARG D 776 -31.95 8.80 -49.99
CA ARG D 776 -33.01 7.76 -50.17
C ARG D 776 -33.17 7.45 -51.66
N SER D 777 -32.44 8.13 -52.54
CA SER D 777 -32.46 7.96 -54.02
C SER D 777 -31.41 6.87 -54.27
N LYS D 778 -31.55 6.14 -55.38
CA LYS D 778 -30.62 5.06 -55.78
C LYS D 778 -29.22 5.65 -56.01
N HIS D 779 -29.16 6.88 -56.50
CA HIS D 779 -27.88 7.57 -56.81
C HIS D 779 -27.06 7.72 -55.52
N GLY D 780 -27.69 7.88 -54.36
CA GLY D 780 -26.95 8.21 -53.13
C GLY D 780 -25.90 7.21 -52.71
N PHE D 781 -26.08 5.91 -52.85
CA PHE D 781 -25.00 5.01 -52.36
C PHE D 781 -23.73 5.31 -53.14
N GLU D 782 -23.84 5.51 -54.46
CA GLU D 782 -22.65 5.84 -55.27
C GLU D 782 -22.05 7.17 -54.83
N ILE D 783 -22.89 8.17 -54.56
CA ILE D 783 -22.36 9.47 -54.05
C ILE D 783 -21.70 9.26 -52.69
N TRP D 784 -22.34 8.48 -51.81
CA TRP D 784 -21.79 8.25 -50.45
C TRP D 784 -20.45 7.51 -50.54
N ASN D 785 -20.37 6.51 -51.41
CA ASN D 785 -19.10 5.74 -51.58
C ASN D 785 -18.04 6.70 -52.12
N SER D 786 -18.43 7.55 -53.06
CA SER D 786 -17.47 8.51 -53.65
C SER D 786 -16.96 9.46 -52.57
N TYR D 787 -17.85 9.92 -51.69
CA TYR D 787 -17.44 10.83 -50.59
C TYR D 787 -16.47 10.10 -49.69
N ILE D 788 -16.78 8.85 -49.38
CA ILE D 788 -15.89 8.11 -48.43
C ILE D 788 -14.52 7.95 -49.10
N LYS D 789 -14.51 7.62 -50.39
CA LYS D 789 -13.23 7.41 -51.10
C LYS D 789 -12.42 8.71 -51.16
N THR D 790 -13.08 9.83 -51.43
CA THR D 790 -12.39 11.13 -51.44
C THR D 790 -11.89 11.44 -50.04
N TRP D 791 -12.72 11.16 -49.03
CA TRP D 791 -12.35 11.46 -47.62
C TRP D 791 -11.14 10.62 -47.22
N HIS D 792 -11.10 9.35 -47.64
CA HIS D 792 -9.94 8.46 -47.37
C HIS D 792 -8.69 9.01 -48.06
N ASP D 793 -8.83 9.46 -49.31
CA ASP D 793 -7.66 10.01 -50.05
C ASP D 793 -7.27 11.34 -49.41
N LEU D 794 -8.24 12.06 -48.85
CA LEU D 794 -7.99 13.34 -48.12
C LEU D 794 -7.20 13.09 -46.83
N ASN D 795 -7.31 11.89 -46.23
CA ASN D 795 -6.58 11.51 -44.99
C ASN D 795 -7.28 12.08 -43.75
N ILE D 796 -8.50 12.58 -43.90
CA ILE D 796 -9.29 13.01 -42.70
C ILE D 796 -9.50 11.79 -41.79
N ASP D 797 -9.38 11.95 -40.48
CA ASP D 797 -9.46 10.78 -39.54
C ASP D 797 -10.87 10.18 -39.50
N HIS D 798 -11.89 11.01 -39.29
CA HIS D 798 -13.26 10.44 -39.11
C HIS D 798 -14.34 11.29 -39.77
N VAL D 799 -15.48 10.67 -40.11
CA VAL D 799 -16.67 11.42 -40.62
C VAL D 799 -17.92 10.71 -40.09
N GLN D 800 -18.95 11.45 -39.68
CA GLN D 800 -20.23 10.80 -39.28
C GLN D 800 -21.38 11.54 -39.98
N PHE D 801 -22.46 10.84 -40.32
CA PHE D 801 -23.53 11.47 -41.15
C PHE D 801 -24.89 11.47 -40.47
N ASN D 802 -25.58 12.62 -40.54
CA ASN D 802 -26.97 12.70 -40.03
C ASN D 802 -27.87 12.98 -41.24
N VAL D 803 -28.95 12.20 -41.40
CA VAL D 803 -29.86 12.38 -42.57
C VAL D 803 -31.30 12.47 -42.05
N VAL D 804 -31.66 13.63 -41.47
CA VAL D 804 -33.04 13.82 -40.92
C VAL D 804 -33.58 15.17 -41.41
N SER D 805 -34.79 15.19 -41.96
CA SER D 805 -35.42 16.47 -42.38
C SER D 805 -35.72 17.34 -41.15
N THR D 806 -35.53 18.65 -41.28
CA THR D 806 -35.87 19.57 -40.17
C THR D 806 -37.34 19.41 -39.88
N ASP D 807 -38.15 19.22 -40.93
CA ASP D 807 -39.62 19.10 -40.76
C ASP D 807 -39.95 17.96 -39.78
N GLU D 808 -39.36 16.79 -39.98
CA GLU D 808 -39.56 15.68 -39.01
C GLU D 808 -39.15 16.08 -37.57
N MET D 809 -38.03 16.77 -37.43
CA MET D 809 -37.54 17.17 -36.09
C MET D 809 -38.46 18.23 -35.47
N ARG D 810 -38.90 19.21 -36.27
CA ARG D 810 -39.80 20.28 -35.76
C ARG D 810 -41.12 19.65 -35.33
N ALA D 811 -41.62 18.70 -36.12
CA ALA D 811 -42.87 17.99 -35.78
C ALA D 811 -42.66 17.23 -34.49
N ALA D 812 -41.49 16.62 -34.33
CA ALA D 812 -41.18 15.84 -33.11
C ALA D 812 -41.17 16.75 -31.88
N GLN D 813 -40.60 17.94 -32.02
CA GLN D 813 -40.59 18.91 -30.91
C GLN D 813 -42.04 19.23 -30.52
N ARG D 814 -42.92 19.39 -31.52
CA ARG D 814 -44.34 19.75 -31.24
C ARG D 814 -45.12 18.53 -30.77
N GLU D 815 -44.85 17.36 -31.38
CA GLU D 815 -45.58 16.12 -31.00
C GLU D 815 -44.59 15.00 -30.70
N PRO D 816 -43.96 14.96 -29.52
CA PRO D 816 -42.90 13.95 -29.22
C PRO D 816 -43.45 12.54 -29.27
N GLU D 817 -44.67 12.32 -28.79
CA GLU D 817 -45.23 10.94 -28.71
C GLU D 817 -45.34 10.34 -30.12
N LYS D 818 -45.75 11.14 -31.11
CA LYS D 818 -45.85 10.69 -32.54
C LYS D 818 -44.47 10.32 -33.08
N HIS D 819 -43.41 11.05 -32.71
CA HIS D 819 -42.06 10.91 -33.33
C HIS D 819 -41.07 10.10 -32.47
N HIS D 820 -41.55 9.23 -31.58
CA HIS D 820 -40.67 8.50 -30.62
C HIS D 820 -39.64 7.63 -31.36
N ASP D 821 -40.00 6.99 -32.46
CA ASP D 821 -39.08 6.12 -33.24
C ASP D 821 -37.88 6.90 -33.80
N LEU D 822 -38.07 8.17 -34.21
CA LEU D 822 -36.98 8.90 -34.91
C LEU D 822 -35.70 9.01 -34.07
N ILE D 823 -34.55 8.80 -34.72
CA ILE D 823 -33.23 8.83 -34.02
C ILE D 823 -32.36 9.86 -34.76
N VAL D 824 -31.64 10.70 -34.03
CA VAL D 824 -30.72 11.66 -34.69
C VAL D 824 -29.31 11.35 -34.17
N ARG D 825 -28.30 12.00 -34.73
CA ARG D 825 -26.94 11.80 -34.19
C ARG D 825 -26.43 13.09 -33.57
N VAL D 826 -26.01 13.02 -32.31
CA VAL D 826 -25.33 14.19 -31.69
C VAL D 826 -23.87 13.90 -32.04
N SER D 827 -22.91 14.63 -31.51
CA SER D 827 -21.55 14.21 -31.92
C SER D 827 -21.11 12.99 -31.12
N GLY D 828 -20.50 11.99 -31.77
CA GLY D 828 -19.91 10.84 -31.07
C GLY D 828 -20.88 9.73 -30.73
N TYR D 829 -22.17 9.87 -31.03
CA TYR D 829 -23.16 8.85 -30.58
C TYR D 829 -24.54 9.23 -31.08
N SER D 830 -25.47 8.28 -31.01
CA SER D 830 -26.81 8.53 -31.51
C SER D 830 -27.81 8.52 -30.36
N ALA D 831 -28.84 9.37 -30.49
CA ALA D 831 -29.80 9.58 -29.42
C ALA D 831 -31.21 9.61 -29.97
N ARG D 832 -32.17 9.27 -29.10
CA ARG D 832 -33.58 9.47 -29.39
C ARG D 832 -33.92 10.95 -29.34
N PHE D 833 -34.37 11.49 -30.47
CA PHE D 833 -34.56 12.94 -30.59
C PHE D 833 -35.51 13.48 -29.52
N VAL D 834 -36.59 12.74 -29.23
CA VAL D 834 -37.60 13.25 -28.31
C VAL D 834 -37.08 13.28 -26.87
N ASP D 835 -35.98 12.60 -26.58
CA ASP D 835 -35.38 12.61 -25.26
C ASP D 835 -34.26 13.64 -25.12
N ILE D 836 -33.99 14.40 -26.16
CA ILE D 836 -32.98 15.46 -26.12
C ILE D 836 -33.66 16.77 -25.75
N PRO D 837 -33.10 17.55 -24.82
CA PRO D 837 -33.71 18.84 -24.49
C PRO D 837 -33.76 19.76 -25.70
N THR D 838 -34.65 20.75 -25.64
CA THR D 838 -34.86 21.66 -26.76
C THR D 838 -33.58 22.36 -27.18
N TYR D 839 -32.72 22.69 -26.21
CA TYR D 839 -31.43 23.31 -26.51
C TYR D 839 -30.63 22.47 -27.49
N GLY D 840 -30.41 21.20 -27.16
CA GLY D 840 -29.64 20.33 -28.03
C GLY D 840 -30.37 20.00 -29.32
N GLN D 841 -31.69 19.84 -29.25
CA GLN D 841 -32.47 19.62 -30.46
C GLN D 841 -32.28 20.77 -31.45
N ASN D 842 -32.22 22.01 -30.93
CA ASN D 842 -32.05 23.16 -31.80
C ASN D 842 -30.63 23.27 -32.32
N THR D 843 -29.63 22.87 -31.53
CA THR D 843 -28.27 22.81 -32.08
C THR D 843 -28.19 21.78 -33.20
N ILE D 844 -28.90 20.66 -33.06
CA ILE D 844 -28.89 19.64 -34.10
C ILE D 844 -29.64 20.12 -35.35
N ILE D 845 -30.77 20.80 -35.14
CA ILE D 845 -31.56 21.30 -36.27
C ILE D 845 -30.77 22.32 -37.07
N ALA D 846 -30.02 23.19 -36.38
CA ALA D 846 -29.32 24.28 -37.04
C ALA D 846 -28.12 23.82 -37.84
N ARG D 847 -27.76 22.52 -37.78
CA ARG D 847 -26.67 22.01 -38.60
C ARG D 847 -27.08 22.07 -40.07
N GLN D 848 -26.18 22.58 -40.90
CA GLN D 848 -26.50 22.76 -42.32
C GLN D 848 -26.74 21.42 -42.99
N GLU D 849 -27.90 21.28 -43.62
CA GLU D 849 -28.21 20.10 -44.44
C GLU D 849 -27.52 20.28 -45.78
N GLN D 850 -26.45 19.52 -46.00
CA GLN D 850 -25.58 19.76 -47.14
C GLN D 850 -26.20 19.20 -48.41
N ASP D 851 -26.25 20.04 -49.45
CA ASP D 851 -26.71 19.66 -50.77
C ASP D 851 -25.52 19.58 -51.71
N PHE D 852 -25.60 18.70 -52.69
CA PHE D 852 -24.50 18.43 -53.59
C PHE D 852 -24.74 19.09 -54.94
N SER D 853 -23.77 19.86 -55.41
CA SER D 853 -23.82 20.49 -56.72
C SER D 853 -23.15 19.59 -57.76
N ALA D 854 -23.14 20.06 -59.01
CA ALA D 854 -22.39 19.37 -60.04
C ALA D 854 -20.89 19.39 -59.73
N SER D 855 -20.37 20.55 -59.33
CA SER D 855 -18.96 20.66 -59.00
C SER D 855 -18.60 19.80 -57.80
N ASP D 856 -19.53 19.63 -56.86
CA ASP D 856 -19.28 18.75 -55.72
C ASP D 856 -19.05 17.32 -56.18
N LEU D 857 -19.95 16.80 -57.02
CA LEU D 857 -19.79 15.45 -57.54
C LEU D 857 -18.53 15.33 -58.39
N GLU D 858 -18.20 16.38 -59.16
CA GLU D 858 -16.99 16.33 -59.98
C GLU D 858 -15.75 16.22 -59.11
N PHE D 859 -15.70 16.98 -58.01
CA PHE D 859 -14.63 16.83 -57.04
C PHE D 859 -14.63 15.43 -56.43
N LEU D 860 -15.82 14.87 -56.19
CA LEU D 860 -15.95 13.56 -55.56
C LEU D 860 -15.74 12.39 -56.52
N ASN D 861 -15.60 12.64 -57.82
CA ASN D 861 -15.34 11.59 -58.81
C ASN D 861 -16.49 10.58 -58.86
N VAL D 862 -17.72 11.11 -58.91
CA VAL D 862 -18.92 10.27 -58.96
C VAL D 862 -19.16 9.80 -60.38
N GLU D 863 -19.51 8.52 -60.53
CA GLU D 863 -19.78 7.92 -61.84
C GLU D 863 -21.20 7.35 -61.81
N ILE D 864 -22.15 8.04 -62.43
CA ILE D 864 -23.53 7.60 -62.39
C ILE D 864 -23.81 6.63 -63.55
N GLN E 34 -30.37 43.32 -7.89
CA GLN E 34 -31.80 43.02 -7.80
C GLN E 34 -32.09 41.62 -8.36
N ASN E 35 -32.25 41.55 -9.68
CA ASN E 35 -32.50 40.27 -10.32
C ASN E 35 -31.30 39.35 -10.26
N GLN E 36 -30.11 39.87 -9.98
CA GLN E 36 -28.93 39.03 -9.84
C GLN E 36 -28.87 38.44 -8.44
N PRO E 37 -28.27 37.24 -8.30
CA PRO E 37 -28.30 36.55 -7.00
C PRO E 37 -27.60 37.33 -5.89
N HIS E 38 -28.14 37.18 -4.68
CA HIS E 38 -27.59 37.80 -3.48
C HIS E 38 -27.66 36.82 -2.32
N THR E 39 -26.89 37.10 -1.28
CA THR E 39 -26.80 36.22 -0.11
C THR E 39 -27.88 36.59 0.91
N GLU E 40 -28.62 35.58 1.37
CA GLU E 40 -29.60 35.74 2.43
C GLU E 40 -29.46 34.55 3.37
N VAL E 41 -29.02 34.81 4.61
CA VAL E 41 -28.72 33.73 5.55
C VAL E 41 -30.00 32.98 5.89
N GLY E 42 -30.00 31.68 5.65
CA GLY E 42 -31.14 30.82 5.96
C GLY E 42 -32.41 31.25 5.27
N THR E 43 -32.31 31.66 4.02
CA THR E 43 -33.47 32.16 3.29
C THR E 43 -34.55 31.10 3.13
N ALA E 44 -35.80 31.57 3.11
CA ALA E 44 -36.95 30.70 2.89
C ALA E 44 -37.03 30.32 1.42
N ARG E 45 -36.46 31.13 0.53
CA ARG E 45 -36.44 30.87 -0.91
C ARG E 45 -35.02 30.63 -1.44
N PRO E 46 -34.48 29.44 -1.23
CA PRO E 46 -33.13 29.13 -1.70
C PRO E 46 -33.08 28.82 -3.19
N CYS E 47 -31.86 28.92 -3.74
CA CYS E 47 -31.64 28.48 -5.11
C CYS E 47 -31.95 27.00 -5.26
N ARG E 48 -31.83 26.23 -4.18
CA ARG E 48 -32.09 24.80 -4.25
C ARG E 48 -33.51 24.50 -4.69
N SER E 49 -34.48 25.28 -4.22
CA SER E 49 -35.88 25.07 -4.55
C SER E 49 -36.35 25.87 -5.76
N CYS E 50 -35.49 26.70 -6.34
CA CYS E 50 -35.86 27.47 -7.52
C CYS E 50 -35.84 26.59 -8.77
N LYS E 51 -36.82 26.81 -9.65
CA LYS E 51 -36.93 26.02 -10.88
C LYS E 51 -35.81 26.32 -11.86
N TRP E 52 -35.15 27.48 -11.75
CA TRP E 52 -34.09 27.86 -12.66
C TRP E 52 -32.74 27.22 -12.31
N GLN E 53 -32.66 26.45 -11.24
CA GLN E 53 -31.40 25.92 -10.75
C GLN E 53 -31.29 24.43 -11.07
N THR E 54 -30.07 24.02 -11.43
CA THR E 54 -29.71 22.62 -11.56
C THR E 54 -28.41 22.37 -10.80
N PRO E 55 -28.32 21.28 -10.04
CA PRO E 55 -27.10 21.05 -9.25
C PRO E 55 -25.84 21.02 -10.12
N ASP E 56 -24.73 21.40 -9.49
CA ASP E 56 -23.44 21.43 -10.16
C ASP E 56 -23.07 20.03 -10.67
N PRO E 57 -22.39 19.94 -11.82
CA PRO E 57 -22.06 18.61 -12.37
C PRO E 57 -21.13 17.80 -11.50
N THR E 58 -20.35 18.42 -10.61
CA THR E 58 -19.40 17.72 -9.77
C THR E 58 -19.76 17.77 -8.29
N ASP E 59 -20.11 18.95 -7.79
CA ASP E 59 -20.33 19.16 -6.36
C ASP E 59 -21.78 19.48 -6.10
N PRO E 60 -22.57 18.58 -5.51
CA PRO E 60 -24.00 18.85 -5.29
C PRO E 60 -24.26 20.02 -4.35
N HIS E 61 -23.25 20.50 -3.62
CA HIS E 61 -23.41 21.69 -2.79
C HIS E 61 -23.44 22.97 -3.62
N ARG E 62 -23.01 22.91 -4.87
CA ARG E 62 -23.03 24.06 -5.76
C ARG E 62 -24.23 23.98 -6.69
N GLY E 63 -24.36 25.00 -7.55
CA GLY E 63 -25.49 24.98 -8.46
C GLY E 63 -25.22 25.80 -9.71
N GLN E 64 -26.14 25.67 -10.65
CA GLN E 64 -26.13 26.44 -11.89
C GLN E 64 -27.49 27.13 -12.00
N CYS E 65 -27.47 28.45 -12.04
CA CYS E 65 -28.68 29.25 -12.24
C CYS E 65 -28.86 29.51 -13.72
N THR E 66 -29.98 29.02 -14.27
CA THR E 66 -30.26 29.09 -15.69
C THR E 66 -31.39 30.07 -16.00
N ALA E 67 -31.54 31.11 -15.19
CA ALA E 67 -32.66 32.03 -15.31
C ALA E 67 -32.41 33.15 -16.32
N ASN E 68 -31.21 33.23 -16.89
CA ASN E 68 -30.85 34.29 -17.82
C ASN E 68 -30.91 33.73 -19.24
N ARG E 69 -32.13 33.65 -19.76
CA ARG E 69 -32.40 33.03 -21.07
C ARG E 69 -32.46 34.11 -22.13
N HIS E 70 -31.41 34.21 -22.94
CA HIS E 70 -31.39 35.16 -24.04
C HIS E 70 -32.47 34.83 -25.06
N ALA E 71 -32.93 35.86 -25.78
CA ALA E 71 -33.98 35.66 -26.78
C ALA E 71 -33.50 34.80 -27.94
N MET E 72 -32.19 34.66 -28.13
CA MET E 72 -31.64 33.86 -29.21
C MET E 72 -31.33 32.43 -28.79
N GLY E 73 -31.79 32.00 -27.62
CA GLY E 73 -31.70 30.61 -27.21
C GLY E 73 -30.61 30.32 -26.20
N GLY E 74 -29.65 31.21 -26.03
CA GLY E 74 -28.55 30.95 -25.11
C GLY E 74 -29.03 30.87 -23.66
N VAL E 75 -28.52 29.87 -22.95
CA VAL E 75 -28.79 29.71 -21.52
C VAL E 75 -27.52 30.14 -20.80
N TRP E 76 -27.44 31.42 -20.46
CA TRP E 76 -26.27 32.00 -19.84
C TRP E 76 -26.29 31.66 -18.35
N LYS E 77 -25.74 30.49 -18.01
CA LYS E 77 -25.76 30.02 -16.64
C LYS E 77 -24.85 30.85 -15.75
N ARG E 78 -25.22 30.92 -14.47
CA ARG E 78 -24.38 31.51 -13.43
C ARG E 78 -24.05 30.46 -12.38
N TRP E 79 -22.83 30.52 -11.84
CA TRP E 79 -22.42 29.53 -10.87
C TRP E 79 -22.90 29.95 -9.49
N LEU E 80 -23.28 28.97 -8.67
CA LEU E 80 -23.80 29.22 -7.33
C LEU E 80 -22.91 28.48 -6.33
N ARG E 81 -22.16 29.24 -5.53
CA ARG E 81 -21.32 28.65 -4.49
C ARG E 81 -22.16 28.03 -3.39
N ASP E 82 -23.28 28.67 -3.04
CA ASP E 82 -24.15 28.21 -1.97
C ASP E 82 -25.58 28.15 -2.50
N VAL E 83 -26.19 26.96 -2.43
CA VAL E 83 -27.57 26.79 -2.86
C VAL E 83 -28.56 26.84 -1.70
N GLU E 84 -28.07 26.93 -0.46
CA GLU E 84 -28.94 26.95 0.71
C GLU E 84 -29.22 28.35 1.23
N ASN E 85 -28.29 29.29 1.07
CA ASN E 85 -28.46 30.66 1.56
C ASN E 85 -28.19 31.64 0.41
N THR E 86 -29.02 31.55 -0.63
CA THR E 86 -28.92 32.44 -1.77
C THR E 86 -30.29 32.54 -2.41
N THR E 87 -30.61 33.73 -2.92
CA THR E 87 -31.91 33.99 -3.53
C THR E 87 -31.81 35.27 -4.34
N CYS E 88 -32.75 35.42 -5.27
CA CYS E 88 -32.91 36.66 -6.01
C CYS E 88 -34.40 36.91 -6.21
N SER E 89 -34.72 37.99 -6.91
CA SER E 89 -36.12 38.35 -7.12
C SER E 89 -36.84 37.30 -7.96
N ARG E 90 -36.14 36.65 -8.89
CA ARG E 90 -36.76 35.72 -9.82
C ARG E 90 -36.97 34.33 -9.25
N HIS E 91 -36.87 34.15 -7.93
CA HIS E 91 -37.05 32.82 -7.34
C HIS E 91 -38.47 32.32 -7.59
N GLU E 92 -38.57 31.14 -8.17
CA GLU E 92 -39.85 30.47 -8.40
C GLU E 92 -39.73 29.02 -7.99
N GLU E 93 -40.51 28.61 -6.99
CA GLU E 93 -40.49 27.22 -6.55
C GLU E 93 -41.06 26.31 -7.64
N GLY E 94 -40.45 25.15 -7.79
CA GLY E 94 -40.86 24.19 -8.80
C GLY E 94 -39.66 23.51 -9.41
N LYS E 95 -39.88 22.87 -10.55
CA LYS E 95 -38.82 22.17 -11.26
C LYS E 95 -39.18 22.09 -12.73
N LEU E 96 -38.29 22.59 -13.59
CA LEU E 96 -38.51 22.51 -15.02
C LEU E 96 -38.34 21.07 -15.51
N SER E 97 -39.03 20.74 -16.60
CA SER E 97 -38.79 19.47 -17.26
C SER E 97 -37.43 19.48 -17.94
N PHE E 98 -36.99 18.29 -18.37
CA PHE E 98 -35.67 18.18 -18.99
C PHE E 98 -35.59 18.99 -20.28
N ARG E 99 -36.73 19.19 -20.95
CA ARG E 99 -36.72 19.92 -22.22
C ARG E 99 -36.26 21.36 -22.04
N ASP E 100 -36.51 21.94 -20.87
CA ASP E 100 -36.19 23.33 -20.60
C ASP E 100 -34.79 23.54 -20.03
N HIS E 101 -34.02 22.47 -19.84
CA HIS E 101 -32.65 22.56 -19.35
C HIS E 101 -31.69 22.27 -20.49
N VAL E 102 -30.40 22.40 -20.19
CA VAL E 102 -29.37 22.21 -21.21
C VAL E 102 -28.95 20.75 -21.27
N THR F 5 -39.84 -20.61 9.51
CA THR F 5 -40.71 -20.21 8.42
C THR F 5 -39.93 -19.92 7.14
N CYS F 6 -40.61 -19.31 6.17
CA CYS F 6 -39.99 -18.93 4.91
C CYS F 6 -39.37 -20.13 4.24
N LYS F 7 -39.97 -21.30 4.44
CA LYS F 7 -39.45 -22.56 3.94
C LYS F 7 -40.43 -23.30 3.05
N GLN F 8 -41.72 -23.30 3.39
CA GLN F 8 -42.75 -23.93 2.59
C GLN F 8 -43.40 -22.95 1.63
N CYS F 9 -42.67 -21.90 1.25
CA CYS F 9 -43.15 -20.99 0.23
C CYS F 9 -43.04 -21.63 -1.14
N ALA F 10 -44.04 -21.37 -2.00
CA ALA F 10 -43.96 -21.83 -3.37
C ALA F 10 -42.84 -21.13 -4.14
N ASN F 11 -42.27 -20.08 -3.56
CA ASN F 11 -41.15 -19.34 -4.15
C ASN F 11 -39.82 -19.73 -3.51
N PHE F 12 -39.79 -20.83 -2.77
CA PHE F 12 -38.60 -21.30 -2.05
C PHE F 12 -38.05 -22.52 -2.77
N PHE F 13 -36.92 -22.36 -3.46
CA PHE F 13 -36.32 -23.47 -4.20
C PHE F 13 -34.94 -23.78 -3.62
N PRO F 14 -34.78 -24.86 -2.87
CA PRO F 14 -33.48 -25.15 -2.25
C PRO F 14 -32.37 -25.27 -3.28
N VAL F 15 -31.20 -24.75 -2.94
CA VAL F 15 -30.05 -24.82 -3.84
C VAL F 15 -29.61 -26.28 -3.96
N PRO F 16 -29.42 -26.79 -5.17
CA PRO F 16 -28.92 -28.17 -5.32
C PRO F 16 -27.60 -28.42 -4.61
N LYS F 17 -27.41 -29.66 -4.16
CA LYS F 17 -26.18 -30.00 -3.39
C LYS F 17 -24.93 -29.74 -4.24
N ASP F 18 -25.00 -30.02 -5.54
CA ASP F 18 -23.82 -29.88 -6.38
C ASP F 18 -23.46 -28.46 -6.81
N ALA F 19 -24.28 -27.46 -6.47
CA ALA F 19 -24.04 -26.12 -6.96
C ALA F 19 -22.80 -25.51 -6.33
N ASP F 20 -22.13 -24.64 -7.10
CA ASP F 20 -20.92 -24.01 -6.62
C ASP F 20 -21.18 -23.18 -5.37
N ASP F 21 -22.38 -22.61 -5.25
CA ASP F 21 -22.73 -21.73 -4.15
C ASP F 21 -23.53 -22.44 -3.06
N TYR F 22 -23.50 -23.77 -3.01
CA TYR F 22 -24.34 -24.47 -2.05
C TYR F 22 -23.82 -24.31 -0.63
N GLU F 23 -24.73 -24.00 0.29
CA GLU F 23 -24.48 -24.07 1.72
C GLU F 23 -25.66 -24.76 2.39
N ALA F 24 -25.43 -25.22 3.62
CA ALA F 24 -26.48 -25.93 4.35
C ALA F 24 -27.68 -25.02 4.59
N GLY F 25 -28.81 -25.39 4.00
CA GLY F 25 -30.05 -24.65 4.17
C GLY F 25 -30.30 -23.50 3.22
N LYS F 26 -29.36 -23.21 2.32
CA LYS F 26 -29.55 -22.11 1.39
C LYS F 26 -30.54 -22.47 0.30
N ALA F 27 -31.20 -21.44 -0.24
CA ALA F 27 -32.22 -21.59 -1.27
C ALA F 27 -32.34 -20.30 -2.05
N ASP F 28 -32.98 -20.39 -3.21
CA ASP F 28 -33.35 -19.24 -4.02
C ASP F 28 -34.79 -18.86 -3.71
N CYS F 29 -35.01 -17.57 -3.45
CA CYS F 29 -36.35 -16.99 -3.41
C CYS F 29 -36.60 -16.43 -4.80
N VAL F 30 -37.42 -17.12 -5.58
CA VAL F 30 -37.74 -16.74 -6.95
C VAL F 30 -39.18 -16.26 -6.98
N ARG F 31 -39.38 -15.01 -7.37
CA ARG F 31 -40.71 -14.45 -7.55
C ARG F 31 -40.91 -14.06 -9.00
N GLU F 32 -42.20 -13.89 -9.34
CA GLU F 32 -42.56 -13.38 -10.68
C GLU F 32 -43.21 -12.02 -10.45
N LYS F 33 -42.76 -10.99 -11.17
CA LYS F 33 -43.27 -9.61 -10.91
C LYS F 33 -43.65 -8.98 -12.26
N GLU F 34 -44.61 -8.05 -12.25
CA GLU F 34 -45.08 -7.46 -13.53
C GLU F 34 -45.52 -6.01 -13.33
N ASP F 35 -44.97 -5.09 -14.14
CA ASP F 35 -45.40 -3.70 -14.13
C ASP F 35 -45.92 -3.34 -15.51
N GLU F 36 -45.98 -2.06 -15.84
CA GLU F 36 -46.54 -1.64 -17.12
C GLU F 36 -45.70 -2.11 -18.30
N LYS F 37 -44.42 -2.43 -18.08
CA LYS F 37 -43.55 -2.81 -19.19
C LYS F 37 -43.68 -4.29 -19.53
N GLY F 38 -43.46 -5.15 -18.55
CA GLY F 38 -43.53 -6.57 -18.80
C GLY F 38 -43.50 -7.38 -17.52
N LYS F 39 -43.22 -8.66 -17.67
CA LYS F 39 -43.19 -9.61 -16.56
C LYS F 39 -41.77 -10.14 -16.42
N TYR F 40 -41.25 -10.12 -15.18
CA TYR F 40 -39.90 -10.55 -14.91
C TYR F 40 -39.88 -11.42 -13.67
N TRP F 41 -38.70 -11.96 -13.35
CA TRP F 41 -38.52 -12.82 -12.20
C TRP F 41 -37.29 -12.40 -11.42
N LEU F 42 -37.37 -12.52 -10.10
CA LEU F 42 -36.28 -12.14 -9.20
C LEU F 42 -35.86 -13.32 -8.34
N SER F 43 -34.57 -13.61 -8.31
CA SER F 43 -34.00 -14.73 -7.56
C SER F 43 -32.99 -14.19 -6.56
N LYS F 44 -33.35 -14.22 -5.28
CA LYS F 44 -32.45 -13.75 -4.22
C LYS F 44 -32.04 -14.91 -3.32
N PRO F 45 -30.76 -15.03 -2.96
CA PRO F 45 -30.34 -16.12 -2.06
C PRO F 45 -30.85 -15.86 -0.64
N ILE F 46 -31.58 -16.84 -0.11
CA ILE F 46 -32.04 -16.83 1.27
C ILE F 46 -31.69 -18.17 1.90
N PHE F 47 -32.13 -18.42 3.12
CA PHE F 47 -31.86 -19.67 3.82
C PHE F 47 -33.16 -20.26 4.35
N GLU F 48 -33.09 -21.54 4.73
CA GLU F 48 -34.26 -22.23 5.25
C GLU F 48 -34.78 -21.52 6.50
N ASN F 49 -33.88 -21.15 7.41
CA ASN F 49 -34.23 -20.34 8.57
C ASN F 49 -34.06 -18.88 8.17
N SER F 50 -35.17 -18.22 7.85
CA SER F 50 -35.12 -16.81 7.49
C SER F 50 -36.52 -16.25 7.69
N ALA F 51 -36.59 -14.93 7.68
CA ALA F 51 -37.86 -14.24 7.86
C ALA F 51 -38.68 -14.33 6.59
N GLN F 52 -39.97 -14.58 6.74
CA GLN F 52 -40.87 -14.63 5.60
C GLN F 52 -41.24 -13.20 5.20
N CYS F 53 -41.77 -13.07 3.99
CA CYS F 53 -42.16 -11.76 3.50
C CYS F 53 -43.69 -11.64 3.53
N GLU F 54 -44.18 -10.51 3.05
CA GLU F 54 -45.61 -10.20 3.15
C GLU F 54 -46.47 -11.25 2.46
N ALA F 55 -46.01 -11.76 1.31
CA ALA F 55 -46.75 -12.73 0.49
C ALA F 55 -46.13 -14.12 0.68
N PHE F 56 -46.73 -14.93 1.55
CA PHE F 56 -46.30 -16.31 1.73
C PHE F 56 -47.35 -17.26 1.16
N GLN F 57 -46.97 -17.99 0.11
CA GLN F 57 -47.81 -19.04 -0.47
C GLN F 57 -47.28 -20.40 -0.03
N THR F 58 -48.18 -21.27 0.44
CA THR F 58 -47.75 -22.55 0.97
C THR F 58 -47.52 -23.54 -0.19
N LYS F 59 -46.42 -24.28 -0.14
CA LYS F 59 -46.09 -25.23 -1.20
C LYS F 59 -46.92 -26.50 -1.08
OXT FUM G . 20.08 -11.24 17.18
C FUM G . 20.54 -10.09 17.20
O FUM G . 19.92 -9.03 16.95
C4 FUM G . 22.00 -9.90 17.53
C5 FUM G . 22.65 -8.75 17.41
C6 FUM G . 24.10 -8.47 17.73
O7 FUM G . 24.58 -7.38 17.34
O8 FUM G . 24.70 -9.36 18.37
C MBN H . 21.65 -10.66 20.96
C1 MBN H . 20.46 -11.55 20.73
C2 MBN H . 19.16 -11.06 20.93
C3 MBN H . 18.06 -11.88 20.71
C4 MBN H . 18.24 -13.20 20.28
C5 MBN H . 19.51 -13.68 20.07
C6 MBN H . 20.62 -12.86 20.29
C1 PEG I . -0.15 -19.40 11.60
O1 PEG I . -1.31 -20.21 11.56
C2 PEG I . 1.05 -20.17 12.05
O2 PEG I . 0.96 -20.41 13.46
C3 PEG I . 1.47 -21.68 13.84
C4 PEG I . 0.62 -22.75 13.25
O4 PEG I . 0.88 -24.01 13.86
FE1 SF4 J . 3.84 -31.27 33.04
FE2 SF4 J . 2.19 -30.43 35.05
FE3 SF4 J . 1.98 -32.96 34.07
FE4 SF4 J . 1.18 -30.84 32.55
S1 SF4 J . 0.28 -31.53 34.51
S2 SF4 J . 2.43 -32.62 31.87
S3 SF4 J . 2.74 -29.28 33.15
S4 SF4 J . 3.77 -32.08 35.17
FE1 SF4 K . -6.02 16.75 38.07
FE2 SF4 K . -8.10 15.49 39.33
FE3 SF4 K . -8.60 17.52 37.57
FE4 SF4 K . -7.47 18.08 39.98
S1 SF4 K . -9.55 17.23 39.62
S2 SF4 K . -6.81 18.89 37.95
S3 SF4 K . -6.16 16.23 40.28
S4 SF4 K . -7.66 15.50 37.09
OXT FUM L . -12.70 8.51 -22.52
C FUM L . -12.95 9.61 -23.06
O FUM L . -13.06 10.71 -22.48
C4 FUM L . -13.15 9.57 -24.56
C5 FUM L . -12.92 8.51 -25.30
C6 FUM L . -13.12 8.42 -26.81
O7 FUM L . -12.63 7.44 -27.40
O8 FUM L . -13.77 9.34 -27.32
C MBN M . -16.47 10.09 -24.70
C1 MBN M . -16.48 11.20 -23.70
C2 MBN M . -16.97 11.00 -22.42
C3 MBN M . -16.99 12.02 -21.49
C4 MBN M . -16.49 13.28 -21.83
C5 MBN M . -16.00 13.50 -23.11
C6 MBN M . -16.00 12.46 -24.03
C1 PEG N . 4.26 -20.50 0.92
O1 PEG N . 3.32 -21.48 1.34
C2 PEG N . 5.66 -21.00 1.06
O2 PEG N . 6.53 -19.89 1.25
C3 PEG N . 7.54 -20.16 2.21
C4 PEG N . 8.66 -19.18 2.04
O4 PEG N . 9.82 -19.60 2.74
FE1 SF4 O . -31.14 31.36 -7.36
FE2 SF4 O . -33.42 30.95 -8.82
FE3 SF4 O . -31.11 31.75 -10.06
FE4 SF4 O . -32.47 33.50 -8.45
S1 SF4 O . -33.21 32.57 -10.40
S2 SF4 O . -30.22 33.12 -8.47
S3 SF4 O . -33.24 32.08 -6.84
S4 SF4 O . -31.47 29.78 -8.97
FE1 SF4 P . -39.39 -15.32 -0.87
FE2 SF4 P . -41.33 -14.10 0.64
FE3 SF4 P . -39.70 -15.99 1.77
FE4 SF4 P . -41.59 -16.73 -0.05
S1 SF4 P . -41.96 -15.81 2.00
S2 SF4 P . -39.42 -17.43 0.01
S3 SF4 P . -41.55 -14.94 -1.47
S4 SF4 P . -39.07 -13.96 0.94
#